data_6ZY6
#
_entry.id   6ZY6
#
loop_
_entity.id
_entity.type
_entity.pdbx_description
1 polymer 'DNA topoisomerase 2-alpha'
2 polymer "DNA (5'-D(*CP*GP*CP*GP*CP*AP*TP*CP*GP*TP*CP*AP*TP*CP*CP*TP*C)-3')"
3 polymer "DNA (5'-D(*GP*AP*GP*GP*AP*TP*GP*AP*CP*GP*AP*TP*G)-3')"
4 non-polymer "(5S,5aR,8aR,9R)-9-(4-hydroxy-3,5-dimethoxyphenyl)-8-oxo-5,5a,6,8,8a,9-hexahydrofuro[3',4':6,7]naphtho[2,3-d][1,3]dioxol -5-yl 4,6-O-[(1R)-ethylidene]-beta-D-glucopyranoside"
#
loop_
_entity_poly.entity_id
_entity_poly.type
_entity_poly.pdbx_seq_one_letter_code
_entity_poly.pdbx_strand_id
1 'polypeptide(L)'
;MEVSPLQPVNENMQVNKIKKNEDAKKRLSVERIYQKKTQLEHILLRPDTYIGSVELVTQQMWVYDEDVGINYREVTFVPG
LYKIFDEILVNAADNKQRDPKMSCIRVTIDPENNLISIWNNGKGIPVVEHKVEKMYVPALIFGQLLTSSNYDDDEKKVTG
GRNGYGAKLCNIFSTKFTVETASREYKKMFKQTWMDNMGRAGEMELKPFNGEDYTCITFQPDLSKFKMQSLDKDIVALMV
RRAYDIAGSTKDVKVFLNGNKLPVKGFRSYVDMYLKDKLDETGNSLKVIHEQVNHRWEVCLTMSEKGFQQISFVNSIATS
KGGRHVDYVADQIVTKLVDVVKKKNKGGVAVKAHQVKNHMWIFVNALIENPTFDSQTKENMTLQPKSFGSTCQLSEKFIK
AAIGCGIVESILNWVKFKAQVQLNKKCSAVKHNRIKGIPKLDDANDAGGRNSTECTLILTEGDSAKTLAVSGLGVVGRDK
YGVFPLRGKILNVREASHKQIMENAEINNIIKIVGLQYKKNYEDEDSLKTLRYGKIMIMTDQDQDGSHIKGLLINFIHHN
WPSLLRHRFLEEFITPIVKVSKNKQEMAFYSLPEFEEWKSSTPNHKKWKVKYYKGLGTSTSKEAKEYFADMKRHRIQFKY
SGPEDDAAISLAFSKKQIDDRKEWLTNFMEDRRQRKLLGLPEDYLYGQTTTYLTYNDFINKELILFSNSDNERSIPSMVD
GLKPGQRKVLFTCFKRNDKREVKVAQLAGSVAEMSSYHHGEMSLMMTIINLAQNFVGSNNLNLLQPIGQFGTRLHGGKDS
ASPRYIFTMLSSLARLLFPPKDDHTLKFLYDDNQRVEPEWYIPIIPMVLINGAEGIGTGWSCKIPNFDVREIVNNIRRLM
DGEEPLPMLPSYKNFKGTIEELAPNQYVISGEVAILNSTTIEISELPVRTWTQTYKEQVLEPMLNGTEKTPPLITDYREY
HTDTTVKFVVKMTEEKLAEAERVGLHKVFKLQTSLTCNSMVLFDHVGCLKKYDTVLDILRDFFELRLKYYGLRKEWLLGM
LGAESAKLNNQARFILEKIDGKIIIENKPKKELIKVLIQRGYDSDPVKAWKEAQQKVPDEEENEESDNEKETEKSDSVTD
SGPTFNYLLDMPLWYLTKEKKDELCRLRNEKEQELDTLKRKSPSDLWKEDLATFIEELEAVEAKEKQDEQVGLPGKGGKA
KGKKTQMAEVLPSPRGQRVIPRITIEMKAEAEKKNKKKIKNENTEGSPQEDGVELEGLKQRLEKKQKREPGTKTKKQTTL
AFKPIKKGKKRNPWSDSESDRSSDESNFDVPPRETEPRRAATKTKFTMDLDSDEDFSDFDEKTDDEDFVPSDASPPKTKT
SPKLSNKELKPQKSVVSDLEADDVKGSVPLSSSPPATHFPDETEITNPVPKKNVTVKKTAAKSQSSTSTTGAKKRAAPKG
TKRDPALNSGVSQKPDPAKTKNRRKRKPSTSDDSDSNFEKIVSKAVTSKKSKGESDDFHMDFDSAVAPRAKSVRAKKPIK
YLEESDEDDLF
;
A,B
2 'polydeoxyribonucleotide' (DC)(DG)(DC)(DG)(DC)(DA)(DT)(DC)(DG)(DT)(DC)(DA)(DT)(DC)(DC)(DT)(DC) D,F
3 'polydeoxyribonucleotide' (DG)(DA)(DG)(DG)(DA)(DT)(DG)(DA)(DC)(DG)(DA)(DT)(DG) E,C
#
loop_
_chem_comp.id
_chem_comp.type
_chem_comp.name
_chem_comp.formula
DA DNA linking 2'-DEOXYADENOSINE-5'-MONOPHOSPHATE 'C10 H14 N5 O6 P'
DC DNA linking 2'-DEOXYCYTIDINE-5'-MONOPHOSPHATE 'C9 H14 N3 O7 P'
DG DNA linking 2'-DEOXYGUANOSINE-5'-MONOPHOSPHATE 'C10 H14 N5 O7 P'
DT DNA linking THYMIDINE-5'-MONOPHOSPHATE 'C10 H15 N2 O8 P'
EVP non-polymer '(5S,5aR,8aR,9R)-9-(4-hydroxy-3,5-dimethoxyphenyl)-8-oxo-5,5a,6,8,8a,9-hexahydrofuro[3',4':6,7]naphtho[2,3-d][1,3]dioxol -5-yl 4,6-O-[(1R)-ethylidene]-beta-D-glucopyranoside' 'C29 H32 O13'
#
# COMPACT_ATOMS: atom_id res chain seq x y z
N ASN A 433 -20.91 -28.91 -29.75
CA ASN A 433 -21.22 -28.73 -28.31
C ASN A 433 -20.01 -28.14 -27.60
N ARG A 434 -19.88 -26.81 -27.67
CA ARG A 434 -18.74 -26.12 -27.03
C ARG A 434 -19.24 -24.97 -26.18
N ILE A 435 -18.40 -24.50 -25.27
CA ILE A 435 -18.80 -23.39 -24.36
C ILE A 435 -18.28 -22.08 -24.94
N LYS A 436 -19.16 -21.09 -25.04
CA LYS A 436 -18.74 -19.76 -25.56
C LYS A 436 -19.24 -18.63 -24.67
N GLY A 437 -19.82 -18.94 -23.50
CA GLY A 437 -20.40 -17.86 -22.67
C GLY A 437 -19.36 -16.99 -21.99
N ILE A 438 -18.43 -17.60 -21.25
CA ILE A 438 -17.41 -16.80 -20.52
C ILE A 438 -16.06 -17.18 -21.11
N PRO A 439 -15.19 -16.21 -21.44
CA PRO A 439 -13.85 -16.54 -21.93
C PRO A 439 -12.88 -17.03 -20.86
N LYS A 440 -13.22 -16.83 -19.58
CA LYS A 440 -12.29 -17.22 -18.49
C LYS A 440 -12.17 -18.74 -18.40
N LEU A 441 -13.14 -19.47 -18.93
CA LEU A 441 -13.10 -20.94 -18.83
C LEU A 441 -12.02 -21.50 -19.75
N ASP A 442 -11.22 -22.44 -19.22
CA ASP A 442 -10.18 -23.10 -20.04
C ASP A 442 -10.83 -24.31 -20.71
N ASP A 443 -11.25 -24.12 -21.96
CA ASP A 443 -11.96 -25.22 -22.66
C ASP A 443 -10.97 -26.34 -22.96
N ALA A 444 -11.32 -27.55 -22.55
CA ALA A 444 -10.44 -28.71 -22.80
C ALA A 444 -10.58 -29.19 -24.25
N ASN A 445 -9.67 -30.04 -24.68
CA ASN A 445 -9.73 -30.61 -26.06
C ASN A 445 -10.93 -31.55 -26.21
N ASP A 446 -11.24 -32.33 -25.17
CA ASP A 446 -12.33 -33.33 -25.25
C ASP A 446 -13.59 -32.81 -24.56
N ALA A 447 -13.62 -31.52 -24.22
CA ALA A 447 -14.78 -31.00 -23.48
C ALA A 447 -15.93 -30.81 -24.49
N GLY A 448 -16.88 -31.76 -24.47
CA GLY A 448 -18.03 -31.70 -25.39
C GLY A 448 -18.02 -32.80 -26.43
N GLY A 449 -16.95 -33.58 -26.50
CA GLY A 449 -16.83 -34.62 -27.53
C GLY A 449 -16.82 -36.01 -26.93
N ARG A 450 -15.95 -36.87 -27.45
CA ARG A 450 -15.85 -38.26 -26.93
C ARG A 450 -15.08 -38.29 -25.62
N ASN A 451 -15.15 -39.44 -24.94
CA ASN A 451 -14.42 -39.62 -23.66
C ASN A 451 -14.91 -38.59 -22.63
N SER A 452 -16.22 -38.38 -22.55
CA SER A 452 -16.79 -37.41 -21.59
C SER A 452 -16.52 -37.88 -20.15
N THR A 453 -16.51 -39.19 -19.94
CA THR A 453 -16.24 -39.74 -18.58
C THR A 453 -14.81 -39.40 -18.15
N GLU A 454 -13.88 -39.36 -19.10
CA GLU A 454 -12.46 -39.10 -18.75
C GLU A 454 -12.17 -37.60 -18.62
N CYS A 455 -13.13 -36.75 -19.00
CA CYS A 455 -12.91 -35.28 -18.93
C CYS A 455 -12.84 -34.85 -17.46
N THR A 456 -11.83 -34.07 -17.12
CA THR A 456 -11.63 -33.64 -15.71
C THR A 456 -11.84 -32.13 -15.62
N LEU A 457 -12.74 -31.73 -14.74
CA LEU A 457 -12.98 -30.28 -14.51
C LEU A 457 -12.31 -29.88 -13.21
N ILE A 458 -11.37 -28.94 -13.31
CA ILE A 458 -10.61 -28.49 -12.11
C ILE A 458 -11.16 -27.14 -11.66
N LEU A 459 -11.41 -27.00 -10.36
CA LEU A 459 -11.88 -25.71 -9.83
C LEU A 459 -10.73 -25.10 -9.02
N THR A 460 -10.33 -23.89 -9.40
CA THR A 460 -9.20 -23.23 -8.72
C THR A 460 -9.72 -21.98 -8.00
N GLU A 461 -9.46 -21.91 -6.70
CA GLU A 461 -9.90 -20.74 -5.92
C GLU A 461 -9.03 -19.53 -6.26
N GLY A 462 -9.59 -18.35 -6.08
CA GLY A 462 -8.82 -17.13 -6.37
C GLY A 462 -8.53 -16.97 -7.85
N ASP A 463 -7.47 -16.23 -8.16
CA ASP A 463 -7.10 -15.99 -9.58
C ASP A 463 -5.65 -16.36 -9.87
N SER A 464 -4.76 -16.33 -8.86
CA SER A 464 -3.36 -16.74 -9.07
C SER A 464 -3.28 -18.24 -9.37
N ALA A 465 -4.21 -19.01 -8.81
CA ALA A 465 -4.23 -20.46 -9.05
C ALA A 465 -4.43 -20.74 -10.54
N LYS A 466 -5.22 -19.91 -11.22
CA LYS A 466 -5.41 -20.09 -12.68
C LYS A 466 -4.08 -19.93 -13.40
N THR A 467 -3.31 -18.91 -13.03
CA THR A 467 -1.99 -18.70 -13.66
C THR A 467 -1.07 -19.88 -13.34
N LEU A 468 -1.13 -20.36 -12.10
CA LEU A 468 -0.26 -21.50 -11.72
C LEU A 468 -0.65 -22.73 -12.54
N ALA A 469 -1.94 -22.97 -12.72
CA ALA A 469 -2.40 -24.13 -13.51
C ALA A 469 -1.97 -23.98 -14.98
N VAL A 470 -2.10 -22.78 -15.52
CA VAL A 470 -1.70 -22.56 -16.94
C VAL A 470 -0.20 -22.81 -17.06
N SER A 471 0.58 -22.36 -16.08
CA SER A 471 2.04 -22.56 -16.13
C SER A 471 2.43 -24.02 -15.92
N GLY A 472 1.64 -24.76 -15.15
CA GLY A 472 2.03 -26.14 -14.83
C GLY A 472 1.51 -27.20 -15.78
N LEU A 473 0.28 -27.06 -16.26
CA LEU A 473 -0.33 -28.13 -17.11
C LEU A 473 0.30 -28.18 -18.49
N GLY A 474 1.13 -27.19 -18.84
CA GLY A 474 1.80 -27.19 -20.16
C GLY A 474 2.71 -28.40 -20.33
N VAL A 475 3.17 -28.97 -19.22
CA VAL A 475 4.07 -30.16 -19.31
C VAL A 475 3.25 -31.45 -19.29
N VAL A 476 2.20 -31.49 -18.47
CA VAL A 476 1.45 -32.78 -18.34
C VAL A 476 0.55 -33.01 -19.56
N GLY A 477 -0.33 -32.06 -19.85
CA GLY A 477 -1.24 -32.24 -20.99
C GLY A 477 -2.35 -31.22 -20.98
N ARG A 478 -3.15 -31.21 -22.05
CA ARG A 478 -4.28 -30.26 -22.14
C ARG A 478 -5.57 -30.96 -22.55
N ASP A 479 -5.52 -32.27 -22.87
CA ASP A 479 -6.74 -32.93 -23.40
C ASP A 479 -7.80 -33.14 -22.32
N LYS A 480 -7.42 -33.80 -21.22
CA LYS A 480 -8.42 -34.11 -20.15
C LYS A 480 -8.17 -33.15 -18.99
N TYR A 481 -8.16 -31.85 -19.28
CA TYR A 481 -7.95 -30.83 -18.23
C TYR A 481 -8.73 -29.58 -18.59
N GLY A 482 -9.79 -29.30 -17.84
CA GLY A 482 -10.53 -28.05 -18.03
C GLY A 482 -10.51 -27.24 -16.75
N VAL A 483 -9.82 -26.11 -16.74
CA VAL A 483 -9.62 -25.34 -15.49
C VAL A 483 -10.62 -24.19 -15.43
N PHE A 484 -11.22 -23.99 -14.26
CA PHE A 484 -12.15 -22.84 -14.07
C PHE A 484 -11.77 -22.14 -12.78
N PRO A 485 -11.54 -20.81 -12.80
CA PRO A 485 -11.24 -20.08 -11.58
C PRO A 485 -12.47 -19.86 -10.72
N LEU A 486 -12.27 -19.82 -9.40
CA LEU A 486 -13.39 -19.61 -8.45
C LEU A 486 -13.33 -18.17 -7.94
N ARG A 487 -14.49 -17.63 -7.58
CA ARG A 487 -14.55 -16.24 -7.08
C ARG A 487 -14.38 -16.18 -5.57
N GLY A 488 -15.10 -17.01 -4.82
CA GLY A 488 -15.05 -16.94 -3.35
C GLY A 488 -16.15 -17.74 -2.70
N LYS A 489 -16.90 -17.11 -1.81
CA LYS A 489 -17.98 -17.84 -1.10
C LYS A 489 -19.04 -18.31 -2.09
N ILE A 490 -19.65 -19.44 -1.78
CA ILE A 490 -20.70 -20.02 -2.66
C ILE A 490 -22.05 -19.82 -1.98
N LEU A 491 -23.06 -19.44 -2.76
CA LEU A 491 -24.41 -19.25 -2.19
C LEU A 491 -24.94 -20.58 -1.64
N ASN A 492 -25.48 -20.54 -0.44
CA ASN A 492 -26.02 -21.77 0.16
C ASN A 492 -27.38 -22.04 -0.45
N VAL A 493 -27.50 -23.13 -1.20
CA VAL A 493 -28.77 -23.43 -1.90
C VAL A 493 -29.68 -24.29 -1.02
N ARG A 494 -29.16 -24.81 0.09
CA ARG A 494 -29.99 -25.70 0.93
C ARG A 494 -31.11 -24.89 1.59
N GLU A 495 -30.80 -23.66 2.00
CA GLU A 495 -31.84 -22.79 2.61
C GLU A 495 -31.84 -21.46 1.86
N ALA A 496 -32.61 -21.41 0.78
CA ALA A 496 -32.69 -20.16 0.00
C ALA A 496 -34.01 -20.17 -0.78
N SER A 497 -34.51 -18.98 -1.08
CA SER A 497 -35.77 -18.88 -1.87
C SER A 497 -35.49 -19.24 -3.33
N HIS A 498 -36.55 -19.57 -4.06
CA HIS A 498 -36.39 -19.94 -5.49
C HIS A 498 -35.80 -18.75 -6.25
N LYS A 499 -36.24 -17.54 -5.91
CA LYS A 499 -35.67 -16.34 -6.58
C LYS A 499 -34.19 -16.20 -6.24
N GLN A 500 -33.81 -16.54 -5.02
CA GLN A 500 -32.39 -16.40 -4.59
C GLN A 500 -31.50 -17.37 -5.37
N ILE A 501 -32.03 -18.54 -5.73
CA ILE A 501 -31.19 -19.55 -6.43
C ILE A 501 -30.74 -19.01 -7.79
N MET A 502 -31.60 -18.25 -8.45
CA MET A 502 -31.30 -17.78 -9.82
C MET A 502 -30.62 -16.39 -9.81
N GLU A 503 -29.95 -16.05 -8.71
CA GLU A 503 -29.32 -14.71 -8.63
C GLU A 503 -27.86 -14.75 -9.10
N ASN A 504 -27.05 -15.65 -8.53
CA ASN A 504 -25.61 -15.65 -8.85
C ASN A 504 -25.44 -16.26 -10.24
N ALA A 505 -24.89 -15.49 -11.16
CA ALA A 505 -24.68 -15.98 -12.54
C ALA A 505 -23.65 -17.10 -12.56
N GLU A 506 -22.64 -17.02 -11.69
CA GLU A 506 -21.56 -18.03 -11.69
C GLU A 506 -22.12 -19.40 -11.30
N ILE A 507 -22.97 -19.44 -10.28
CA ILE A 507 -23.56 -20.74 -9.86
C ILE A 507 -24.39 -21.31 -11.02
N ASN A 508 -25.12 -20.45 -11.71
CA ASN A 508 -25.94 -20.93 -12.86
C ASN A 508 -25.02 -21.42 -13.97
N ASN A 509 -23.91 -20.73 -14.19
CA ASN A 509 -22.95 -21.14 -15.24
C ASN A 509 -22.26 -22.45 -14.89
N ILE A 510 -22.17 -22.76 -13.60
CA ILE A 510 -21.56 -24.07 -13.21
C ILE A 510 -22.37 -25.20 -13.84
N ILE A 511 -23.69 -25.09 -13.82
CA ILE A 511 -24.54 -26.14 -14.45
C ILE A 511 -24.28 -26.17 -15.96
N LYS A 512 -24.19 -25.00 -16.58
CA LYS A 512 -23.98 -24.96 -18.05
C LYS A 512 -22.65 -25.63 -18.38
N ILE A 513 -21.64 -25.41 -17.53
CA ILE A 513 -20.33 -26.09 -17.75
C ILE A 513 -20.46 -27.59 -17.53
N VAL A 514 -21.16 -28.00 -16.47
CA VAL A 514 -21.24 -29.46 -16.18
C VAL A 514 -22.34 -30.11 -17.00
N GLY A 515 -23.58 -29.60 -16.91
CA GLY A 515 -24.70 -30.21 -17.64
C GLY A 515 -25.70 -30.87 -16.72
N LEU A 516 -25.77 -30.42 -15.48
CA LEU A 516 -26.69 -31.04 -14.49
C LEU A 516 -28.16 -30.72 -14.82
N GLN A 517 -29.05 -31.65 -14.46
CA GLN A 517 -30.50 -31.41 -14.63
C GLN A 517 -31.17 -31.76 -13.30
N TYR A 518 -31.91 -30.81 -12.74
CA TYR A 518 -32.52 -31.03 -11.39
C TYR A 518 -33.56 -32.15 -11.42
N LYS A 519 -34.32 -32.25 -12.50
CA LYS A 519 -35.43 -33.23 -12.52
C LYS A 519 -34.97 -34.53 -13.20
N LYS A 520 -33.68 -34.81 -13.21
CA LYS A 520 -33.19 -36.08 -13.78
C LYS A 520 -32.24 -36.76 -12.80
N ASN A 521 -32.46 -38.05 -12.57
CA ASN A 521 -31.60 -38.81 -11.64
C ASN A 521 -30.38 -39.32 -12.42
N TYR A 522 -29.19 -38.98 -11.95
CA TYR A 522 -27.95 -39.46 -12.61
C TYR A 522 -27.48 -40.75 -11.95
N GLU A 523 -28.24 -41.82 -12.11
CA GLU A 523 -27.90 -43.11 -11.47
C GLU A 523 -27.19 -44.05 -12.46
N ASP A 524 -27.68 -44.13 -13.70
CA ASP A 524 -27.09 -45.06 -14.70
C ASP A 524 -25.78 -44.51 -15.24
N GLU A 525 -24.91 -45.39 -15.70
CA GLU A 525 -23.58 -44.96 -16.23
C GLU A 525 -23.79 -44.07 -17.45
N ASP A 526 -24.83 -44.31 -18.24
CA ASP A 526 -25.11 -43.46 -19.42
C ASP A 526 -25.39 -42.03 -18.96
N SER A 527 -26.09 -41.89 -17.83
CA SER A 527 -26.38 -40.53 -17.30
C SER A 527 -25.07 -39.84 -16.92
N LEU A 528 -24.12 -40.58 -16.35
CA LEU A 528 -22.79 -39.99 -16.02
C LEU A 528 -22.04 -39.63 -17.31
N LYS A 529 -22.13 -40.48 -18.32
CA LYS A 529 -21.45 -40.21 -19.61
C LYS A 529 -22.08 -38.98 -20.27
N THR A 530 -23.38 -38.76 -20.03
CA THR A 530 -24.06 -37.61 -20.65
C THR A 530 -23.40 -36.29 -20.20
N LEU A 531 -22.95 -36.25 -18.94
CA LEU A 531 -22.31 -35.02 -18.42
C LEU A 531 -21.04 -34.71 -19.20
N ARG A 532 -20.71 -33.42 -19.29
CA ARG A 532 -19.51 -32.99 -20.04
C ARG A 532 -18.22 -33.41 -19.32
N TYR A 533 -18.30 -33.70 -18.02
CA TYR A 533 -17.10 -34.09 -17.26
C TYR A 533 -17.43 -35.32 -16.42
N GLY A 534 -16.37 -36.03 -16.01
CA GLY A 534 -16.58 -37.25 -15.20
C GLY A 534 -16.06 -37.09 -13.79
N LYS A 535 -15.06 -36.24 -13.59
CA LYS A 535 -14.46 -36.05 -12.26
C LYS A 535 -14.29 -34.57 -11.99
N ILE A 536 -14.49 -34.19 -10.73
CA ILE A 536 -14.32 -32.77 -10.32
C ILE A 536 -13.19 -32.72 -9.30
N MET A 537 -12.12 -32.00 -9.63
CA MET A 537 -10.99 -31.87 -8.71
C MET A 537 -10.93 -30.42 -8.22
N ILE A 538 -11.02 -30.24 -6.91
CA ILE A 538 -10.91 -28.89 -6.32
C ILE A 538 -9.57 -28.79 -5.59
N MET A 539 -8.95 -27.61 -5.67
CA MET A 539 -7.65 -27.39 -5.00
C MET A 539 -7.72 -26.11 -4.19
N THR A 540 -7.19 -26.16 -2.97
CA THR A 540 -7.18 -24.98 -2.07
C THR A 540 -5.83 -24.94 -1.37
N ASP A 541 -5.63 -23.92 -0.55
CA ASP A 541 -4.39 -23.82 0.24
C ASP A 541 -4.50 -24.64 1.53
N GLN A 542 -3.39 -24.72 2.25
CA GLN A 542 -3.39 -25.49 3.53
C GLN A 542 -4.10 -24.71 4.63
N ASP A 543 -4.52 -23.48 4.34
CA ASP A 543 -5.26 -22.68 5.35
C ASP A 543 -6.66 -23.26 5.52
N GLN A 544 -7.39 -22.74 6.51
CA GLN A 544 -8.75 -23.27 6.80
C GLN A 544 -9.79 -22.67 5.86
N ASP A 545 -9.43 -21.67 5.06
CA ASP A 545 -10.44 -20.98 4.20
C ASP A 545 -11.02 -21.94 3.17
N GLY A 546 -10.18 -22.80 2.59
CA GLY A 546 -10.66 -23.73 1.56
C GLY A 546 -11.67 -24.71 2.11
N SER A 547 -11.64 -24.96 3.41
CA SER A 547 -12.60 -25.91 4.02
C SER A 547 -14.03 -25.40 3.80
N HIS A 548 -14.24 -24.11 3.96
CA HIS A 548 -15.61 -23.55 3.77
C HIS A 548 -16.04 -23.73 2.32
N ILE A 549 -15.13 -23.48 1.38
CA ILE A 549 -15.48 -23.60 -0.06
C ILE A 549 -15.81 -25.07 -0.36
N LYS A 550 -15.01 -25.98 0.17
CA LYS A 550 -15.25 -27.42 -0.08
C LYS A 550 -16.59 -27.82 0.51
N GLY A 551 -16.89 -27.35 1.72
CA GLY A 551 -18.17 -27.68 2.36
C GLY A 551 -19.34 -27.13 1.57
N LEU A 552 -19.22 -25.89 1.09
CA LEU A 552 -20.30 -25.30 0.29
C LEU A 552 -20.50 -26.08 -1.01
N LEU A 553 -19.39 -26.52 -1.62
CA LEU A 553 -19.51 -27.32 -2.86
C LEU A 553 -20.18 -28.66 -2.57
N ILE A 554 -19.80 -29.31 -1.48
CA ILE A 554 -20.42 -30.62 -1.12
C ILE A 554 -21.91 -30.40 -0.85
N ASN A 555 -22.23 -29.29 -0.19
CA ASN A 555 -23.66 -28.99 0.08
C ASN A 555 -24.40 -28.77 -1.24
N PHE A 556 -23.80 -28.02 -2.15
CA PHE A 556 -24.47 -27.71 -3.43
C PHE A 556 -24.70 -29.01 -4.21
N ILE A 557 -23.72 -29.91 -4.17
CA ILE A 557 -23.86 -31.17 -4.94
C ILE A 557 -24.85 -32.14 -4.26
N HIS A 558 -24.69 -32.37 -2.97
CA HIS A 558 -25.52 -33.39 -2.28
C HIS A 558 -26.96 -32.94 -2.12
N HIS A 559 -27.21 -31.64 -2.13
CA HIS A 559 -28.59 -31.15 -1.87
C HIS A 559 -29.54 -31.64 -2.95
N ASN A 560 -29.04 -31.88 -4.16
CA ASN A 560 -29.95 -32.27 -5.27
C ASN A 560 -29.51 -33.61 -5.88
N TRP A 561 -28.23 -33.93 -5.77
CA TRP A 561 -27.71 -35.19 -6.37
C TRP A 561 -26.92 -35.95 -5.32
N PRO A 562 -27.58 -36.63 -4.37
CA PRO A 562 -26.85 -37.48 -3.43
C PRO A 562 -26.21 -38.70 -4.08
N SER A 563 -26.91 -39.31 -5.05
CA SER A 563 -26.43 -40.58 -5.63
C SER A 563 -25.09 -40.41 -6.36
N LEU A 564 -24.72 -39.18 -6.69
CA LEU A 564 -23.45 -38.94 -7.41
C LEU A 564 -22.27 -38.95 -6.44
N LEU A 565 -22.52 -39.18 -5.16
CA LEU A 565 -21.43 -39.18 -4.15
C LEU A 565 -20.84 -40.60 -4.01
N ARG A 566 -21.11 -41.50 -4.95
CA ARG A 566 -20.56 -42.86 -4.85
C ARG A 566 -19.95 -43.36 -6.17
N HIS A 567 -19.74 -42.46 -7.13
CA HIS A 567 -19.25 -42.90 -8.46
C HIS A 567 -17.93 -42.22 -8.83
N ARG A 568 -17.08 -41.96 -7.84
CA ARG A 568 -15.75 -41.33 -8.10
C ARG A 568 -15.95 -39.98 -8.79
N PHE A 569 -16.97 -39.21 -8.38
CA PHE A 569 -17.26 -37.92 -9.02
C PHE A 569 -16.40 -36.78 -8.48
N LEU A 570 -15.98 -36.87 -7.22
CA LEU A 570 -15.22 -35.75 -6.58
C LEU A 570 -13.84 -36.23 -6.14
N GLU A 571 -12.87 -35.33 -6.20
CA GLU A 571 -11.51 -35.64 -5.73
C GLU A 571 -10.90 -34.35 -5.20
N GLU A 572 -9.67 -34.44 -4.70
CA GLU A 572 -9.07 -33.27 -4.03
C GLU A 572 -7.60 -33.12 -4.43
N PHE A 573 -7.15 -31.86 -4.54
CA PHE A 573 -5.73 -31.59 -4.81
C PHE A 573 -5.21 -30.76 -3.64
N ILE A 574 -4.00 -31.07 -3.19
CA ILE A 574 -3.45 -30.41 -1.99
C ILE A 574 -2.13 -29.74 -2.34
N THR A 575 -1.69 -28.86 -1.45
CA THR A 575 -0.44 -28.10 -1.67
C THR A 575 0.40 -28.16 -0.40
N PRO A 576 1.71 -27.88 -0.46
CA PRO A 576 2.49 -27.81 0.75
C PRO A 576 2.26 -26.50 1.52
N ILE A 577 2.70 -26.50 2.78
CA ILE A 577 2.53 -25.29 3.62
C ILE A 577 3.91 -24.78 4.04
N VAL A 578 4.90 -25.68 4.09
CA VAL A 578 6.24 -25.28 4.56
C VAL A 578 7.26 -26.28 4.01
N LYS A 579 8.48 -25.82 3.76
CA LYS A 579 9.54 -26.73 3.27
C LYS A 579 10.86 -26.40 3.96
N VAL A 580 11.61 -27.44 4.30
CA VAL A 580 12.95 -27.24 4.91
C VAL A 580 14.00 -27.66 3.89
N SER A 581 15.15 -26.99 3.94
CA SER A 581 16.22 -27.28 2.97
C SER A 581 17.58 -27.08 3.64
N LYS A 582 18.47 -28.07 3.49
CA LYS A 582 19.85 -27.91 3.99
C LYS A 582 20.72 -28.90 3.21
N ASN A 583 21.77 -28.40 2.56
CA ASN A 583 22.68 -29.28 1.77
C ASN A 583 21.89 -30.01 0.68
N LYS A 584 21.02 -29.29 -0.03
CA LYS A 584 20.24 -29.89 -1.16
C LYS A 584 19.40 -31.06 -0.66
N GLN A 585 18.77 -30.90 0.51
CA GLN A 585 17.86 -31.94 1.03
C GLN A 585 16.54 -31.27 1.40
N GLU A 586 15.47 -31.64 0.72
CA GLU A 586 14.16 -30.99 0.97
C GLU A 586 13.19 -32.00 1.58
N MET A 587 12.29 -31.51 2.42
CA MET A 587 11.28 -32.40 3.03
C MET A 587 9.92 -31.71 2.92
N ALA A 588 8.89 -32.49 2.62
CA ALA A 588 7.56 -31.92 2.44
C ALA A 588 6.74 -32.06 3.73
N PHE A 589 6.00 -31.03 4.08
CA PHE A 589 5.13 -31.08 5.26
C PHE A 589 3.78 -30.47 4.90
N TYR A 590 2.69 -31.17 5.22
CA TYR A 590 1.35 -30.70 4.82
C TYR A 590 0.48 -30.33 6.04
N SER A 591 1.01 -30.46 7.24
CA SER A 591 0.18 -30.19 8.43
C SER A 591 1.02 -29.52 9.51
N LEU A 592 0.43 -28.58 10.26
CA LEU A 592 1.14 -27.93 11.38
C LEU A 592 1.43 -28.94 12.49
N PRO A 593 0.50 -29.85 12.89
CA PRO A 593 0.85 -30.88 13.86
C PRO A 593 1.97 -31.78 13.31
N GLU A 594 1.98 -32.04 12.01
CA GLU A 594 3.07 -32.84 11.42
C GLU A 594 4.40 -32.10 11.62
N PHE A 595 4.41 -30.78 11.41
CA PHE A 595 5.65 -30.00 11.60
C PHE A 595 6.06 -30.02 13.08
N GLU A 596 5.07 -29.93 13.97
CA GLU A 596 5.38 -29.98 15.42
C GLU A 596 5.98 -31.34 15.78
N GLU A 597 5.41 -32.42 15.24
CA GLU A 597 5.95 -33.77 15.52
C GLU A 597 7.36 -33.89 14.93
N TRP A 598 7.58 -33.31 13.76
CA TRP A 598 8.92 -33.35 13.14
C TRP A 598 9.92 -32.61 14.04
N LYS A 599 9.52 -31.47 14.58
CA LYS A 599 10.42 -30.73 15.50
C LYS A 599 10.64 -31.57 16.76
N SER A 600 9.61 -32.19 17.29
CA SER A 600 9.75 -32.94 18.57
C SER A 600 10.54 -34.23 18.35
N SER A 601 10.62 -34.72 17.11
CA SER A 601 11.27 -36.03 16.84
C SER A 601 12.67 -35.87 16.22
N THR A 602 13.07 -34.65 15.86
CA THR A 602 14.39 -34.50 15.18
C THR A 602 15.32 -33.66 16.05
N PRO A 603 16.60 -34.04 16.17
CA PRO A 603 17.54 -33.23 16.93
C PRO A 603 18.05 -32.01 16.16
N ASN A 604 19.05 -31.31 16.72
CA ASN A 604 19.74 -30.21 15.99
C ASN A 604 18.77 -29.26 15.29
N HIS A 605 17.86 -28.69 16.04
CA HIS A 605 16.88 -27.74 15.44
C HIS A 605 17.58 -26.48 14.94
N LYS A 606 16.86 -25.67 14.16
CA LYS A 606 17.42 -24.38 13.67
C LYS A 606 18.58 -24.64 12.70
N LYS A 607 18.68 -25.86 12.18
CA LYS A 607 19.73 -26.18 11.17
C LYS A 607 19.12 -26.24 9.77
N TRP A 608 17.92 -26.80 9.65
CA TRP A 608 17.25 -26.87 8.33
C TRP A 608 16.69 -25.48 8.00
N LYS A 609 17.10 -24.94 6.85
CA LYS A 609 16.59 -23.61 6.45
C LYS A 609 15.09 -23.75 6.18
N VAL A 610 14.27 -23.00 6.91
CA VAL A 610 12.80 -23.16 6.80
C VAL A 610 12.25 -22.14 5.80
N LYS A 611 11.20 -22.54 5.08
CA LYS A 611 10.54 -21.58 4.17
C LYS A 611 9.03 -21.79 4.27
N TYR A 612 8.29 -20.75 4.66
CA TYR A 612 6.83 -20.86 4.80
C TYR A 612 6.14 -20.68 3.45
N TYR A 613 4.95 -21.26 3.31
CA TYR A 613 4.16 -21.11 2.06
C TYR A 613 2.74 -20.73 2.45
N LYS A 614 2.51 -19.44 2.71
CA LYS A 614 1.17 -18.97 3.15
C LYS A 614 0.18 -18.86 1.98
N GLY A 615 0.65 -18.42 0.81
CA GLY A 615 -0.26 -18.17 -0.32
C GLY A 615 0.18 -18.86 -1.60
N LEU A 616 -0.33 -18.40 -2.74
CA LEU A 616 0.00 -19.02 -4.05
C LEU A 616 1.13 -18.27 -4.75
N GLY A 617 1.33 -16.99 -4.44
CA GLY A 617 2.34 -16.18 -5.14
C GLY A 617 3.76 -16.66 -4.86
N THR A 618 3.95 -17.40 -3.77
CA THR A 618 5.30 -17.90 -3.40
C THR A 618 5.79 -19.01 -4.34
N SER A 619 4.89 -19.92 -4.70
CA SER A 619 5.30 -21.06 -5.55
C SER A 619 5.64 -20.59 -6.95
N THR A 620 6.59 -21.28 -7.58
CA THR A 620 7.02 -20.91 -8.95
C THR A 620 6.70 -22.05 -9.91
N SER A 621 6.99 -21.85 -11.19
CA SER A 621 6.75 -22.90 -12.21
C SER A 621 7.65 -24.11 -11.94
N LYS A 622 8.88 -23.89 -11.51
CA LYS A 622 9.80 -25.01 -11.22
C LYS A 622 9.22 -25.88 -10.12
N GLU A 623 8.57 -25.26 -9.13
CA GLU A 623 7.89 -26.04 -8.06
C GLU A 623 6.62 -26.71 -8.59
N ALA A 624 5.89 -26.02 -9.47
CA ALA A 624 4.66 -26.61 -10.04
C ALA A 624 4.99 -27.86 -10.85
N LYS A 625 6.14 -27.86 -11.53
CA LYS A 625 6.55 -29.05 -12.31
C LYS A 625 6.71 -30.24 -11.36
N GLU A 626 7.37 -30.04 -10.24
CA GLU A 626 7.53 -31.13 -9.24
C GLU A 626 6.16 -31.49 -8.64
N TYR A 627 5.30 -30.50 -8.46
CA TYR A 627 3.96 -30.76 -7.89
C TYR A 627 3.18 -31.68 -8.82
N PHE A 628 3.26 -31.43 -10.12
CA PHE A 628 2.50 -32.26 -11.09
C PHE A 628 3.28 -33.53 -11.44
N ALA A 629 4.55 -33.62 -11.05
CA ALA A 629 5.35 -34.84 -11.32
C ALA A 629 4.84 -36.01 -10.49
N ASP A 630 4.17 -35.73 -9.37
CA ASP A 630 3.67 -36.80 -8.47
C ASP A 630 2.16 -36.60 -8.28
N MET A 631 1.35 -37.35 -9.02
CA MET A 631 -0.12 -37.24 -8.90
C MET A 631 -0.63 -38.11 -7.75
N LYS A 632 -0.02 -39.27 -7.52
CA LYS A 632 -0.54 -40.21 -6.50
C LYS A 632 -0.40 -39.62 -5.09
N ARG A 633 0.43 -38.60 -4.91
CA ARG A 633 0.63 -38.00 -3.58
C ARG A 633 -0.40 -36.90 -3.31
N HIS A 634 -0.76 -36.13 -4.33
CA HIS A 634 -1.68 -34.97 -4.13
C HIS A 634 -3.10 -35.28 -4.60
N ARG A 635 -3.24 -35.95 -5.73
CA ARG A 635 -4.59 -36.23 -6.27
C ARG A 635 -5.18 -37.34 -5.43
N ILE A 636 -6.06 -36.97 -4.51
CA ILE A 636 -6.67 -37.96 -3.59
C ILE A 636 -8.17 -37.90 -3.76
N GLN A 637 -8.79 -39.07 -3.89
CA GLN A 637 -10.25 -39.14 -4.07
C GLN A 637 -10.94 -39.17 -2.71
N PHE A 638 -12.24 -39.44 -2.72
CA PHE A 638 -13.03 -39.48 -1.47
C PHE A 638 -13.67 -40.85 -1.33
N LYS A 639 -14.37 -41.05 -0.21
CA LYS A 639 -15.08 -42.32 0.00
C LYS A 639 -16.37 -42.03 0.77
N TYR A 640 -17.45 -42.72 0.41
CA TYR A 640 -18.73 -42.56 1.13
C TYR A 640 -19.24 -43.94 1.52
N SER A 641 -19.54 -44.11 2.81
CA SER A 641 -20.07 -45.40 3.30
C SER A 641 -21.10 -45.13 4.40
N GLY A 642 -22.34 -45.55 4.19
CA GLY A 642 -23.36 -45.37 5.22
C GLY A 642 -24.00 -44.00 5.11
N PRO A 643 -25.31 -43.87 5.34
CA PRO A 643 -26.00 -42.59 5.29
C PRO A 643 -25.68 -41.69 6.49
N GLU A 644 -25.07 -42.23 7.54
CA GLU A 644 -24.81 -41.44 8.77
C GLU A 644 -23.95 -40.22 8.45
N ASP A 645 -23.01 -40.36 7.52
CA ASP A 645 -22.14 -39.22 7.16
C ASP A 645 -23.00 -38.04 6.67
N ASP A 646 -24.09 -38.33 5.97
CA ASP A 646 -24.96 -37.25 5.46
C ASP A 646 -25.45 -36.39 6.63
N ALA A 647 -25.73 -37.03 7.78
CA ALA A 647 -26.15 -36.24 8.94
C ALA A 647 -25.06 -35.23 9.29
N ALA A 648 -23.80 -35.66 9.31
CA ALA A 648 -22.69 -34.72 9.55
C ALA A 648 -22.67 -33.66 8.44
N ILE A 649 -22.94 -34.08 7.21
CA ILE A 649 -22.97 -33.12 6.07
C ILE A 649 -24.05 -32.08 6.37
N SER A 650 -25.15 -32.51 6.98
CA SER A 650 -26.23 -31.56 7.35
C SER A 650 -25.90 -30.84 8.66
N LEU A 651 -24.99 -31.39 9.46
CA LEU A 651 -24.76 -30.79 10.80
C LEU A 651 -24.28 -29.35 10.66
N ALA A 652 -23.36 -29.10 9.74
CA ALA A 652 -22.82 -27.73 9.54
C ALA A 652 -23.72 -26.93 8.60
N PHE A 653 -24.82 -27.50 8.15
CA PHE A 653 -25.67 -26.78 7.18
C PHE A 653 -27.16 -26.88 7.51
N SER A 654 -27.52 -27.05 8.78
CA SER A 654 -28.95 -27.15 9.16
C SER A 654 -29.31 -26.00 10.10
N LYS A 655 -30.38 -25.28 9.77
CA LYS A 655 -30.80 -24.15 10.63
C LYS A 655 -31.57 -24.65 11.84
N LYS A 656 -31.84 -25.95 11.91
CA LYS A 656 -32.60 -26.51 13.05
C LYS A 656 -31.67 -27.26 14.01
N GLN A 657 -30.37 -27.28 13.73
CA GLN A 657 -29.41 -28.05 14.57
C GLN A 657 -28.40 -27.10 15.23
N ILE A 658 -28.88 -25.94 15.67
CA ILE A 658 -27.95 -24.95 16.29
C ILE A 658 -27.37 -25.52 17.58
N ASP A 659 -28.22 -26.10 18.41
CA ASP A 659 -27.76 -26.67 19.71
C ASP A 659 -26.79 -27.82 19.46
N ASP A 660 -27.03 -28.59 18.40
CA ASP A 660 -26.12 -29.71 18.07
C ASP A 660 -24.72 -29.15 17.75
N ARG A 661 -24.66 -28.09 16.95
CA ARG A 661 -23.36 -27.47 16.64
C ARG A 661 -22.74 -26.91 17.91
N LYS A 662 -23.58 -26.36 18.79
CA LYS A 662 -23.05 -25.81 20.06
C LYS A 662 -22.38 -26.93 20.86
N GLU A 663 -23.06 -28.08 20.96
CA GLU A 663 -22.48 -29.22 21.70
C GLU A 663 -21.21 -29.69 20.99
N TRP A 664 -21.21 -29.67 19.67
CA TRP A 664 -20.03 -30.13 18.90
C TRP A 664 -18.82 -29.22 19.20
N LEU A 665 -19.02 -27.92 19.14
CA LEU A 665 -17.92 -26.98 19.42
C LEU A 665 -17.49 -27.14 20.89
N THR A 666 -18.45 -27.35 21.78
CA THR A 666 -18.12 -27.48 23.22
C THR A 666 -17.27 -28.74 23.43
N ASN A 667 -17.65 -29.84 22.78
CA ASN A 667 -16.87 -31.10 22.92
C ASN A 667 -15.46 -30.87 22.38
N PHE A 668 -15.35 -30.19 21.25
CA PHE A 668 -14.00 -29.99 20.66
C PHE A 668 -13.16 -29.11 21.58
N MET A 669 -13.75 -28.06 22.12
CA MET A 669 -12.99 -27.14 22.99
C MET A 669 -12.55 -27.89 24.26
N GLU A 670 -13.43 -28.72 24.81
CA GLU A 670 -13.07 -29.49 26.02
C GLU A 670 -11.94 -30.46 25.69
N ASP A 671 -12.02 -31.12 24.53
CA ASP A 671 -10.96 -32.08 24.15
C ASP A 671 -9.64 -31.35 23.97
N ARG A 672 -9.67 -30.19 23.34
CA ARG A 672 -8.42 -29.42 23.11
C ARG A 672 -7.85 -28.98 24.45
N ARG A 673 -8.71 -28.52 25.36
CA ARG A 673 -8.22 -28.07 26.68
C ARG A 673 -7.58 -29.25 27.42
N GLN A 674 -8.24 -30.41 27.38
CA GLN A 674 -7.69 -31.60 28.08
C GLN A 674 -6.37 -32.02 27.46
N ARG A 675 -6.28 -32.00 26.14
CA ARG A 675 -5.04 -32.43 25.46
C ARG A 675 -3.90 -31.46 25.77
N LYS A 676 -4.21 -30.17 25.80
CA LYS A 676 -3.18 -29.17 26.12
C LYS A 676 -2.73 -29.31 27.59
N LEU A 677 -3.68 -29.58 28.47
CA LEU A 677 -3.32 -29.76 29.91
C LEU A 677 -2.46 -31.02 30.08
N LEU A 678 -2.82 -32.10 29.40
CA LEU A 678 -2.07 -33.37 29.55
C LEU A 678 -0.80 -33.35 28.70
N GLY A 679 -0.69 -32.41 27.75
CA GLY A 679 0.52 -32.31 26.92
C GLY A 679 0.59 -33.37 25.82
N LEU A 680 -0.48 -34.14 25.64
CA LEU A 680 -0.50 -35.15 24.56
C LEU A 680 -0.67 -34.46 23.21
N PRO A 681 0.11 -34.83 22.18
CA PRO A 681 -0.06 -34.23 20.87
C PRO A 681 -1.37 -34.65 20.22
N GLU A 682 -1.97 -33.73 19.45
CA GLU A 682 -3.27 -34.03 18.80
C GLU A 682 -3.06 -34.86 17.54
N ASP A 683 -4.16 -35.19 16.86
CA ASP A 683 -4.08 -36.01 15.63
C ASP A 683 -4.18 -35.10 14.41
N TYR A 684 -3.59 -35.54 13.30
CA TYR A 684 -3.64 -34.76 12.06
C TYR A 684 -3.80 -35.72 10.88
N LEU A 685 -4.10 -35.16 9.72
CA LEU A 685 -4.29 -35.98 8.50
C LEU A 685 -3.11 -35.81 7.54
N TYR A 686 -3.12 -36.56 6.44
CA TYR A 686 -2.07 -36.44 5.39
C TYR A 686 -0.71 -36.85 5.95
N GLY A 687 -0.69 -37.70 6.97
CA GLY A 687 0.62 -38.19 7.48
C GLY A 687 1.33 -39.04 6.44
N GLN A 688 0.61 -39.98 5.84
CA GLN A 688 1.20 -40.83 4.79
C GLN A 688 0.31 -40.70 3.56
N THR A 689 0.65 -41.42 2.50
CA THR A 689 -0.17 -41.36 1.27
C THR A 689 -1.54 -41.98 1.52
N THR A 690 -2.58 -41.38 0.93
CA THR A 690 -3.94 -41.92 1.08
C THR A 690 -4.61 -41.93 -0.30
N THR A 691 -5.47 -42.93 -0.55
CA THR A 691 -6.18 -43.00 -1.84
C THR A 691 -7.55 -42.33 -1.73
N TYR A 692 -8.25 -42.55 -0.62
CA TYR A 692 -9.61 -42.01 -0.46
C TYR A 692 -9.63 -41.10 0.75
N LEU A 693 -10.81 -40.56 1.06
CA LEU A 693 -10.95 -39.72 2.26
C LEU A 693 -12.40 -39.83 2.73
N THR A 694 -12.59 -40.32 3.95
CA THR A 694 -13.95 -40.45 4.50
C THR A 694 -14.52 -39.07 4.83
N TYR A 695 -15.82 -38.93 4.66
CA TYR A 695 -16.49 -37.64 4.96
C TYR A 695 -16.56 -37.39 6.46
N ASN A 696 -16.72 -38.44 7.25
CA ASN A 696 -16.90 -38.23 8.71
C ASN A 696 -15.66 -37.55 9.29
N ASP A 697 -14.49 -38.09 9.01
CA ASP A 697 -13.24 -37.47 9.51
C ASP A 697 -13.04 -36.12 8.81
N PHE A 698 -13.47 -36.03 7.55
CA PHE A 698 -13.30 -34.76 6.81
C PHE A 698 -14.03 -33.64 7.54
N ILE A 699 -15.25 -33.92 7.99
CA ILE A 699 -16.03 -32.90 8.73
C ILE A 699 -15.48 -32.72 10.14
N ASN A 700 -15.12 -33.81 10.80
CA ASN A 700 -14.73 -33.74 12.22
C ASN A 700 -13.31 -33.23 12.42
N LYS A 701 -12.52 -33.12 11.36
CA LYS A 701 -11.10 -32.75 11.57
C LYS A 701 -10.70 -31.46 10.85
N GLU A 702 -11.19 -31.24 9.64
CA GLU A 702 -10.69 -30.09 8.85
C GLU A 702 -11.59 -28.85 8.97
N LEU A 703 -12.89 -29.01 8.74
CA LEU A 703 -13.81 -27.85 8.79
C LEU A 703 -13.88 -27.33 10.23
N ILE A 704 -13.71 -28.22 11.20
CA ILE A 704 -13.81 -27.80 12.62
C ILE A 704 -12.70 -26.80 12.92
N LEU A 705 -11.54 -26.96 12.29
CA LEU A 705 -10.45 -25.98 12.50
C LEU A 705 -10.87 -24.60 11.97
N PHE A 706 -11.52 -24.58 10.81
CA PHE A 706 -12.00 -23.29 10.27
C PHE A 706 -13.05 -22.69 11.20
N SER A 707 -13.92 -23.53 11.73
CA SER A 707 -14.96 -23.02 12.66
C SER A 707 -14.29 -22.41 13.89
N ASN A 708 -13.30 -23.11 14.45
CA ASN A 708 -12.62 -22.60 15.66
C ASN A 708 -11.89 -21.29 15.33
N SER A 709 -11.21 -21.24 14.19
CA SER A 709 -10.45 -20.02 13.82
C SER A 709 -11.42 -18.85 13.61
N ASP A 710 -12.52 -19.10 12.92
CA ASP A 710 -13.50 -18.01 12.66
C ASP A 710 -14.07 -17.52 13.99
N ASN A 711 -14.36 -18.45 14.90
CA ASN A 711 -14.91 -18.05 16.21
C ASN A 711 -13.87 -17.24 17.00
N GLU A 712 -12.61 -17.65 16.92
CA GLU A 712 -11.54 -16.92 17.65
C GLU A 712 -11.32 -15.53 17.06
N ARG A 713 -11.47 -15.39 15.76
CA ARG A 713 -11.18 -14.08 15.12
C ARG A 713 -12.42 -13.19 15.03
N SER A 714 -13.62 -13.73 15.23
CA SER A 714 -14.84 -12.93 15.01
C SER A 714 -15.25 -12.14 16.26
N ILE A 715 -15.27 -12.80 17.41
CA ILE A 715 -15.78 -12.14 18.64
C ILE A 715 -14.60 -11.84 19.55
N PRO A 716 -14.48 -10.63 20.09
CA PRO A 716 -13.40 -10.32 21.00
C PRO A 716 -13.62 -10.93 22.39
N SER A 717 -12.58 -10.86 23.21
CA SER A 717 -12.66 -11.42 24.58
C SER A 717 -13.30 -10.41 25.54
N MET A 718 -13.52 -10.84 26.78
CA MET A 718 -14.12 -9.95 27.78
C MET A 718 -13.05 -9.13 28.51
N VAL A 719 -11.79 -9.54 28.42
CA VAL A 719 -10.76 -8.82 29.21
C VAL A 719 -10.50 -7.44 28.61
N ASP A 720 -10.21 -7.38 27.30
CA ASP A 720 -9.89 -6.10 26.65
C ASP A 720 -10.97 -5.71 25.65
N GLY A 721 -11.75 -6.68 25.16
CA GLY A 721 -12.76 -6.37 24.13
C GLY A 721 -12.19 -5.88 22.83
N LEU A 722 -11.09 -6.50 22.38
CA LEU A 722 -10.46 -6.09 21.12
C LEU A 722 -10.29 -7.33 20.23
N LYS A 723 -10.68 -7.20 18.97
CA LYS A 723 -10.53 -8.32 18.02
C LYS A 723 -9.06 -8.45 17.60
N PRO A 724 -8.64 -9.62 17.07
CA PRO A 724 -7.24 -9.80 16.71
C PRO A 724 -6.75 -8.75 15.69
N GLY A 725 -7.59 -8.36 14.73
CA GLY A 725 -7.15 -7.31 13.79
C GLY A 725 -6.92 -5.99 14.49
N GLN A 726 -7.84 -5.57 15.34
CA GLN A 726 -7.64 -4.32 16.10
C GLN A 726 -6.41 -4.49 16.99
N ARG A 727 -6.23 -5.68 17.55
CA ARG A 727 -5.06 -5.91 18.44
C ARG A 727 -3.76 -5.72 17.66
N LYS A 728 -3.69 -6.28 16.47
CA LYS A 728 -2.45 -6.16 15.66
C LYS A 728 -2.24 -4.70 15.28
N VAL A 729 -3.30 -4.01 14.90
CA VAL A 729 -3.15 -2.61 14.46
C VAL A 729 -2.64 -1.77 15.64
N LEU A 730 -3.25 -1.96 16.80
CA LEU A 730 -2.87 -1.14 17.97
C LEU A 730 -1.44 -1.47 18.41
N PHE A 731 -1.05 -2.74 18.34
CA PHE A 731 0.33 -3.11 18.72
C PHE A 731 1.34 -2.47 17.76
N THR A 732 1.03 -2.50 16.47
CA THR A 732 1.94 -1.88 15.49
C THR A 732 2.01 -0.38 15.74
N CYS A 733 0.89 0.23 16.09
CA CYS A 733 0.90 1.68 16.39
C CYS A 733 1.73 1.94 17.65
N PHE A 734 1.63 1.06 18.64
CA PHE A 734 2.45 1.23 19.87
C PHE A 734 3.93 1.07 19.55
N LYS A 735 4.25 0.28 18.51
CA LYS A 735 5.67 0.02 18.19
C LYS A 735 6.35 1.35 17.85
N ARG A 736 5.64 2.26 17.20
CA ARG A 736 6.22 3.56 16.81
C ARG A 736 5.65 4.69 17.68
N ASN A 737 6.10 5.91 17.42
CA ASN A 737 5.59 7.08 18.19
C ASN A 737 4.51 7.82 17.39
N ASP A 738 4.74 8.05 16.10
CA ASP A 738 3.72 8.73 15.25
C ASP A 738 3.38 10.11 15.80
N LYS A 739 4.38 10.98 15.92
CA LYS A 739 4.10 12.38 16.36
C LYS A 739 3.31 13.12 15.29
N ARG A 740 3.63 12.89 14.02
CA ARG A 740 2.92 13.55 12.90
C ARG A 740 1.83 12.63 12.36
N GLU A 741 1.18 13.04 11.27
CA GLU A 741 0.14 12.20 10.64
C GLU A 741 0.78 11.08 9.82
N VAL A 742 -0.05 10.15 9.37
CA VAL A 742 0.46 9.01 8.56
C VAL A 742 -0.69 8.53 7.66
N LYS A 743 -0.32 7.94 6.52
CA LYS A 743 -1.35 7.42 5.59
C LYS A 743 -1.89 6.08 6.07
N VAL A 744 -3.12 5.78 5.69
CA VAL A 744 -3.75 4.49 6.08
C VAL A 744 -3.16 3.33 5.26
N ALA A 745 -3.05 3.53 3.96
CA ALA A 745 -2.54 2.45 3.09
C ALA A 745 -1.08 2.16 3.44
N GLN A 746 -0.31 3.20 3.73
CA GLN A 746 1.11 3.00 4.13
C GLN A 746 1.18 2.29 5.48
N LEU A 747 0.28 2.61 6.39
CA LEU A 747 0.29 1.96 7.74
C LEU A 747 -0.13 0.50 7.63
N ALA A 748 -1.02 0.18 6.70
CA ALA A 748 -1.53 -1.21 6.59
C ALA A 748 -0.36 -2.16 6.26
N GLY A 749 0.52 -1.74 5.35
CA GLY A 749 1.67 -2.60 5.01
C GLY A 749 2.58 -2.80 6.20
N SER A 750 2.83 -1.74 6.96
CA SER A 750 3.69 -1.84 8.16
C SER A 750 3.04 -2.76 9.19
N VAL A 751 1.72 -2.68 9.32
CA VAL A 751 1.02 -3.60 10.26
C VAL A 751 1.16 -5.04 9.78
N ALA A 752 0.96 -5.28 8.49
CA ALA A 752 1.02 -6.66 7.97
C ALA A 752 2.44 -7.20 8.07
N GLU A 753 3.44 -6.33 7.93
CA GLU A 753 4.85 -6.80 7.94
C GLU A 753 5.24 -7.35 9.30
N MET A 754 4.82 -6.68 10.38
CA MET A 754 5.29 -7.10 11.74
C MET A 754 4.29 -8.01 12.45
N SER A 755 3.00 -7.88 12.16
CA SER A 755 1.96 -8.65 12.91
C SER A 755 1.69 -10.00 12.26
N SER A 756 2.42 -10.35 11.22
CA SER A 756 2.20 -11.64 10.52
C SER A 756 0.75 -11.74 10.02
N TYR A 757 0.28 -10.68 9.36
CA TYR A 757 -1.11 -10.65 8.87
C TYR A 757 -1.17 -11.37 7.52
N HIS A 758 -2.08 -12.34 7.42
CA HIS A 758 -2.18 -13.14 6.17
C HIS A 758 -3.64 -13.20 5.72
N HIS A 759 -4.30 -12.05 5.70
CA HIS A 759 -5.72 -12.00 5.26
C HIS A 759 -5.89 -10.88 4.24
N GLY A 760 -4.98 -10.78 3.27
CA GLY A 760 -5.13 -9.75 2.23
C GLY A 760 -4.78 -8.37 2.75
N GLU A 761 -5.34 -7.34 2.13
CA GLU A 761 -5.08 -5.95 2.59
C GLU A 761 -6.40 -5.22 2.79
N MET A 762 -7.45 -5.64 2.10
CA MET A 762 -8.74 -4.90 2.17
C MET A 762 -9.35 -5.02 3.56
N SER A 763 -9.28 -6.19 4.17
CA SER A 763 -9.90 -6.39 5.50
C SER A 763 -9.21 -5.51 6.54
N LEU A 764 -7.88 -5.43 6.47
CA LEU A 764 -7.14 -4.61 7.46
C LEU A 764 -7.51 -3.14 7.30
N MET A 765 -7.59 -2.66 6.06
CA MET A 765 -7.96 -1.25 5.82
C MET A 765 -9.39 -1.00 6.29
N MET A 766 -10.27 -1.97 6.07
CA MET A 766 -11.66 -1.83 6.54
C MET A 766 -11.70 -1.75 8.07
N THR A 767 -10.89 -2.58 8.73
CA THR A 767 -10.84 -2.54 10.21
C THR A 767 -10.32 -1.18 10.67
N ILE A 768 -9.31 -0.66 9.98
CA ILE A 768 -8.76 0.67 10.34
C ILE A 768 -9.86 1.72 10.17
N ILE A 769 -10.62 1.62 9.10
CA ILE A 769 -11.72 2.62 8.86
C ILE A 769 -12.75 2.51 9.97
N ASN A 770 -13.10 1.28 10.36
CA ASN A 770 -14.09 1.11 11.46
C ASN A 770 -13.52 1.70 12.75
N LEU A 771 -12.22 1.53 12.99
CA LEU A 771 -11.60 2.15 14.19
C LEU A 771 -11.62 3.67 14.06
N ALA A 772 -11.58 4.19 12.84
CA ALA A 772 -11.53 5.66 12.63
C ALA A 772 -12.91 6.31 12.77
N GLN A 773 -13.98 5.53 12.61
CA GLN A 773 -15.34 6.13 12.64
C GLN A 773 -15.67 6.57 14.07
N ASN A 774 -16.09 7.82 14.22
CA ASN A 774 -16.44 8.33 15.57
C ASN A 774 -17.70 9.20 15.53
N PHE A 775 -18.50 9.08 14.49
CA PHE A 775 -19.69 9.95 14.39
C PHE A 775 -20.77 9.47 15.34
N VAL A 776 -21.83 10.26 15.47
CA VAL A 776 -22.90 9.93 16.44
C VAL A 776 -23.59 8.62 16.03
N GLY A 777 -23.71 7.70 16.98
CA GLY A 777 -24.36 6.41 16.70
C GLY A 777 -23.41 5.31 16.27
N SER A 778 -22.11 5.59 16.24
CA SER A 778 -21.13 4.56 15.80
C SER A 778 -20.22 4.17 16.97
N ASN A 779 -19.58 5.15 17.60
CA ASN A 779 -18.63 4.86 18.70
C ASN A 779 -18.70 5.97 19.72
N ASN A 780 -18.02 5.78 20.85
CA ASN A 780 -17.98 6.84 21.89
C ASN A 780 -16.56 7.27 22.22
N LEU A 781 -15.57 6.42 21.95
CA LEU A 781 -14.17 6.80 22.22
C LEU A 781 -13.28 6.06 21.24
N ASN A 782 -12.65 6.80 20.33
CA ASN A 782 -11.80 6.17 19.29
C ASN A 782 -10.33 6.20 19.70
N LEU A 783 -9.50 5.49 18.95
CA LEU A 783 -8.04 5.50 19.22
C LEU A 783 -7.31 6.33 18.16
N LEU A 784 -8.04 7.01 17.28
CA LEU A 784 -7.39 7.82 16.21
C LEU A 784 -8.00 9.22 16.19
N GLN A 785 -7.62 10.01 15.20
CA GLN A 785 -8.16 11.39 15.07
C GLN A 785 -8.81 11.53 13.70
N PRO A 786 -9.98 12.18 13.60
CA PRO A 786 -10.63 12.28 12.30
C PRO A 786 -9.90 13.27 11.39
N ILE A 787 -9.25 12.74 10.35
CA ILE A 787 -8.57 13.61 9.36
C ILE A 787 -9.08 13.20 7.98
N GLY A 788 -9.93 14.03 7.40
CA GLY A 788 -10.49 13.70 6.08
C GLY A 788 -11.95 13.30 6.14
N GLN A 789 -12.44 12.69 5.06
CA GLN A 789 -13.86 12.27 5.01
C GLN A 789 -13.91 10.80 5.39
N PHE A 790 -14.30 10.51 6.63
CA PHE A 790 -14.37 9.11 7.10
C PHE A 790 -15.80 8.58 6.98
N GLY A 791 -16.58 9.19 6.11
CA GLY A 791 -17.97 8.74 5.94
C GLY A 791 -18.88 9.57 6.83
N THR A 792 -19.96 10.11 6.24
CA THR A 792 -20.88 10.97 7.01
C THR A 792 -22.04 10.14 7.58
N ARG A 793 -22.89 10.78 8.35
CA ARG A 793 -24.05 10.09 8.98
C ARG A 793 -25.25 10.13 8.04
N LEU A 794 -25.04 10.41 6.76
CA LEU A 794 -26.19 10.56 5.83
C LEU A 794 -26.42 9.29 5.02
N HIS A 795 -25.39 8.78 4.35
CA HIS A 795 -25.60 7.63 3.43
C HIS A 795 -24.79 6.42 3.88
N GLY A 796 -25.34 5.67 4.84
CA GLY A 796 -24.74 4.38 5.23
C GLY A 796 -23.44 4.48 6.02
N GLY A 797 -22.79 5.63 5.99
CA GLY A 797 -21.50 5.78 6.69
C GLY A 797 -20.37 5.02 6.01
N LYS A 798 -20.63 4.38 4.87
CA LYS A 798 -19.60 3.58 4.17
C LYS A 798 -19.22 4.26 2.85
N ASP A 799 -19.45 5.57 2.76
CA ASP A 799 -19.16 6.33 1.51
C ASP A 799 -17.82 7.05 1.65
N SER A 800 -16.91 6.50 2.45
CA SER A 800 -15.58 7.12 2.64
C SER A 800 -14.73 6.98 1.38
N ALA A 801 -13.64 7.72 1.33
CA ALA A 801 -12.75 7.70 0.15
C ALA A 801 -11.74 6.56 0.24
N SER A 802 -10.77 6.55 -0.68
CA SER A 802 -9.70 5.52 -0.65
C SER A 802 -8.85 5.69 0.61
N PRO A 803 -8.29 4.61 1.16
CA PRO A 803 -7.44 4.72 2.34
C PRO A 803 -6.23 5.64 2.10
N ARG A 804 -5.76 5.74 0.84
CA ARG A 804 -4.66 6.68 0.53
C ARG A 804 -5.18 8.11 0.39
N TYR A 805 -6.45 8.29 0.03
CA TYR A 805 -7.00 9.67 -0.01
C TYR A 805 -7.02 10.25 1.40
N ILE A 806 -7.35 9.42 2.39
CA ILE A 806 -7.52 9.93 3.79
C ILE A 806 -6.24 9.77 4.58
N PHE A 807 -6.10 10.59 5.62
CA PHE A 807 -4.94 10.50 6.53
C PHE A 807 -5.44 10.13 7.92
N THR A 808 -4.51 9.78 8.80
CA THR A 808 -4.89 9.40 10.17
C THR A 808 -3.78 9.79 11.14
N MET A 809 -4.12 9.80 12.43
CA MET A 809 -3.12 10.14 13.47
C MET A 809 -3.57 9.50 14.79
N LEU A 810 -2.60 9.02 15.57
CA LEU A 810 -2.94 8.36 16.85
C LEU A 810 -3.50 9.37 17.84
N SER A 811 -4.47 8.92 18.64
CA SER A 811 -5.08 9.80 19.66
C SER A 811 -4.18 9.91 20.88
N SER A 812 -4.55 10.80 21.81
CA SER A 812 -3.75 10.99 23.04
C SER A 812 -4.27 10.13 24.20
N LEU A 813 -5.46 9.55 24.06
CA LEU A 813 -6.03 8.72 25.14
C LEU A 813 -5.34 7.36 25.26
N ALA A 814 -4.77 6.84 24.18
CA ALA A 814 -4.17 5.49 24.21
C ALA A 814 -2.99 5.43 25.19
N ARG A 815 -2.31 6.55 25.38
CA ARG A 815 -1.16 6.56 26.31
C ARG A 815 -1.62 6.27 27.74
N LEU A 816 -2.80 6.78 28.12
CA LEU A 816 -3.31 6.56 29.49
C LEU A 816 -4.09 5.23 29.59
N LEU A 817 -4.72 4.81 28.49
CA LEU A 817 -5.48 3.53 28.52
C LEU A 817 -4.54 2.35 28.71
N PHE A 818 -3.46 2.31 27.94
CA PHE A 818 -2.49 1.19 28.04
C PHE A 818 -1.15 1.79 28.46
N PRO A 819 -0.85 1.84 29.77
CA PRO A 819 0.44 2.33 30.22
C PRO A 819 1.56 1.42 29.71
N PRO A 820 2.71 1.98 29.30
CA PRO A 820 3.83 1.18 28.82
C PRO A 820 4.35 0.19 29.87
N LYS A 821 4.23 0.54 31.15
CA LYS A 821 4.80 -0.31 32.23
C LYS A 821 4.12 -1.68 32.26
N ASP A 822 2.99 -1.83 31.57
CA ASP A 822 2.26 -3.13 31.54
C ASP A 822 2.89 -4.10 30.53
N ASP A 823 3.92 -3.67 29.81
CA ASP A 823 4.57 -4.56 28.82
C ASP A 823 5.22 -5.76 29.49
N HIS A 824 5.61 -5.63 30.76
CA HIS A 824 6.30 -6.74 31.45
C HIS A 824 5.29 -7.66 32.16
N THR A 825 4.00 -7.42 31.96
CA THR A 825 2.99 -8.23 32.68
C THR A 825 2.59 -9.44 31.85
N LEU A 826 2.19 -9.24 30.59
CA LEU A 826 1.70 -10.37 29.78
C LEU A 826 2.84 -11.05 29.04
N LYS A 827 2.66 -12.33 28.73
CA LYS A 827 3.70 -13.08 28.00
C LYS A 827 3.34 -13.08 26.51
N PHE A 828 4.25 -12.61 25.69
CA PHE A 828 3.99 -12.53 24.24
C PHE A 828 4.17 -13.89 23.57
N LEU A 829 3.53 -14.06 22.42
CA LEU A 829 3.71 -15.31 21.65
C LEU A 829 5.05 -15.31 20.92
N TYR A 830 5.47 -16.48 20.45
CA TYR A 830 6.77 -16.60 19.75
C TYR A 830 6.51 -17.19 18.37
N ASP A 831 6.25 -16.32 17.39
CA ASP A 831 6.06 -16.78 16.00
C ASP A 831 7.21 -16.26 15.14
N ASP A 832 7.85 -17.14 14.38
CA ASP A 832 9.00 -16.75 13.52
C ASP A 832 10.13 -16.22 14.39
N ASN A 833 10.20 -16.69 15.65
CA ASN A 833 11.25 -16.23 16.59
C ASN A 833 11.18 -14.71 16.71
N GLN A 834 9.97 -14.15 16.70
CA GLN A 834 9.80 -12.68 16.72
C GLN A 834 8.88 -12.28 17.86
N ARG A 835 9.22 -11.17 18.52
CA ARG A 835 8.37 -10.67 19.62
C ARG A 835 7.12 -10.08 18.98
N VAL A 836 5.97 -10.68 19.27
CA VAL A 836 4.72 -10.24 18.62
C VAL A 836 3.74 -9.73 19.68
N GLU A 837 2.55 -9.34 19.24
CA GLU A 837 1.55 -8.78 20.18
C GLU A 837 1.09 -9.85 21.15
N PRO A 838 0.60 -9.47 22.34
CA PRO A 838 0.08 -10.44 23.29
C PRO A 838 -1.29 -10.98 22.89
N GLU A 839 -1.85 -11.87 23.72
CA GLU A 839 -3.17 -12.45 23.42
C GLU A 839 -4.30 -11.49 23.81
N TRP A 840 -4.05 -10.63 24.79
CA TRP A 840 -5.08 -9.64 25.18
C TRP A 840 -4.37 -8.41 25.76
N TYR A 841 -5.15 -7.53 26.37
CA TYR A 841 -4.55 -6.34 27.03
C TYR A 841 -5.31 -6.07 28.32
N ILE A 842 -4.79 -5.15 29.11
CA ILE A 842 -5.45 -4.80 30.39
C ILE A 842 -5.81 -3.32 30.34
N PRO A 843 -7.01 -2.96 29.84
CA PRO A 843 -7.42 -1.57 29.85
C PRO A 843 -7.92 -1.12 31.21
N ILE A 844 -8.12 0.19 31.35
CA ILE A 844 -8.69 0.72 32.61
C ILE A 844 -10.21 0.56 32.63
N ILE A 845 -10.85 0.47 31.47
CA ILE A 845 -12.32 0.29 31.42
C ILE A 845 -12.64 -0.79 30.40
N PRO A 846 -13.75 -1.53 30.57
CA PRO A 846 -14.12 -2.52 29.58
C PRO A 846 -14.55 -1.83 28.29
N MET A 847 -13.82 -2.11 27.21
CA MET A 847 -14.10 -1.44 25.92
C MET A 847 -15.47 -1.86 25.38
N VAL A 848 -15.91 -3.08 25.70
CA VAL A 848 -17.20 -3.57 25.15
C VAL A 848 -18.32 -2.62 25.62
N LEU A 849 -18.17 -2.03 26.80
CA LEU A 849 -19.23 -1.15 27.33
C LEU A 849 -19.09 0.28 26.79
N ILE A 850 -18.06 0.57 26.00
CA ILE A 850 -17.88 1.96 25.49
C ILE A 850 -17.97 2.01 23.96
N ASN A 851 -17.64 0.91 23.27
CA ASN A 851 -17.67 0.93 21.78
C ASN A 851 -18.55 -0.20 21.23
N GLY A 852 -18.96 -1.14 22.08
CA GLY A 852 -19.87 -2.20 21.61
C GLY A 852 -19.11 -3.35 20.97
N ALA A 853 -19.58 -4.57 21.23
CA ALA A 853 -18.95 -5.74 20.58
C ALA A 853 -20.02 -6.40 19.70
N GLU A 854 -19.88 -6.22 18.39
CA GLU A 854 -20.86 -6.82 17.45
C GLU A 854 -20.12 -7.89 16.66
N GLY A 855 -20.17 -9.12 17.18
CA GLY A 855 -19.45 -10.23 16.53
C GLY A 855 -20.42 -11.32 16.14
N ILE A 856 -20.23 -11.87 14.93
CA ILE A 856 -21.11 -12.96 14.46
C ILE A 856 -20.22 -14.15 14.12
N GLY A 857 -20.35 -15.22 14.89
CA GLY A 857 -19.49 -16.40 14.69
C GLY A 857 -20.30 -17.67 14.66
N THR A 858 -19.64 -18.81 14.60
CA THR A 858 -20.33 -20.11 14.56
C THR A 858 -20.62 -20.59 15.98
N GLY A 859 -21.87 -20.98 16.24
CA GLY A 859 -22.27 -21.50 17.56
C GLY A 859 -22.85 -20.44 18.45
N TRP A 860 -22.28 -19.24 18.41
CA TRP A 860 -22.76 -18.14 19.26
C TRP A 860 -22.52 -16.81 18.55
N SER A 861 -22.91 -15.73 19.21
CA SER A 861 -22.69 -14.37 18.64
C SER A 861 -22.52 -13.42 19.81
N CYS A 862 -22.38 -12.14 19.53
CA CYS A 862 -22.27 -11.15 20.61
C CYS A 862 -22.78 -9.80 20.10
N LYS A 863 -23.69 -9.19 20.85
CA LYS A 863 -24.19 -7.85 20.48
C LYS A 863 -24.42 -7.09 21.78
N ILE A 864 -23.55 -6.14 22.08
CA ILE A 864 -23.68 -5.37 23.35
C ILE A 864 -23.80 -3.90 22.97
N PRO A 865 -24.88 -3.22 23.37
CA PRO A 865 -25.00 -1.81 23.07
C PRO A 865 -24.01 -0.95 23.86
N ASN A 866 -23.99 0.34 23.56
CA ASN A 866 -23.07 1.27 24.25
C ASN A 866 -23.67 1.74 25.58
N PHE A 867 -22.86 2.45 26.35
CA PHE A 867 -23.32 2.98 27.66
C PHE A 867 -22.67 4.34 27.88
N ASP A 868 -22.83 4.87 29.09
CA ASP A 868 -22.25 6.19 29.42
C ASP A 868 -20.86 6.02 30.02
N VAL A 869 -19.93 6.89 29.63
CA VAL A 869 -18.54 6.77 30.13
C VAL A 869 -18.42 7.40 31.52
N ARG A 870 -19.19 8.43 31.81
CA ARG A 870 -19.07 9.11 33.12
C ARG A 870 -19.51 8.17 34.24
N GLU A 871 -20.57 7.40 34.02
CA GLU A 871 -21.11 6.50 35.07
C GLU A 871 -20.14 5.37 35.37
N ILE A 872 -19.29 5.01 34.42
CA ILE A 872 -18.36 3.86 34.64
C ILE A 872 -17.42 4.19 35.80
N VAL A 873 -16.91 5.42 35.84
CA VAL A 873 -15.96 5.79 36.91
C VAL A 873 -16.67 5.73 38.27
N ASN A 874 -17.90 6.25 38.32
CA ASN A 874 -18.64 6.25 39.60
C ASN A 874 -18.92 4.82 40.02
N ASN A 875 -19.28 3.97 39.07
CA ASN A 875 -19.56 2.55 39.40
C ASN A 875 -18.30 1.87 39.91
N ILE A 876 -17.16 2.14 39.28
CA ILE A 876 -15.89 1.51 39.72
C ILE A 876 -15.52 2.02 41.11
N ARG A 877 -15.74 3.31 41.36
CA ARG A 877 -15.44 3.84 42.71
C ARG A 877 -16.34 3.18 43.74
N ARG A 878 -17.62 3.03 43.42
CA ARG A 878 -18.58 2.41 44.37
C ARG A 878 -18.18 0.96 44.62
N LEU A 879 -17.73 0.27 43.57
CA LEU A 879 -17.30 -1.14 43.72
C LEU A 879 -16.02 -1.23 44.55
N MET A 880 -15.11 -0.29 44.35
CA MET A 880 -13.87 -0.27 45.17
C MET A 880 -14.26 -0.02 46.63
N ASP A 881 -15.27 0.82 46.86
CA ASP A 881 -15.78 1.05 48.24
C ASP A 881 -16.35 -0.25 48.81
N GLY A 882 -17.12 -0.99 48.01
CA GLY A 882 -17.73 -2.24 48.49
C GLY A 882 -19.24 -2.17 48.55
N GLU A 883 -19.84 -1.19 47.87
CA GLU A 883 -21.31 -1.05 47.86
C GLU A 883 -21.92 -1.63 46.59
N GLU A 884 -23.22 -1.89 46.63
CA GLU A 884 -23.90 -2.47 45.45
C GLU A 884 -23.99 -1.39 44.37
N PRO A 885 -23.44 -1.63 43.16
CA PRO A 885 -23.48 -0.61 42.12
C PRO A 885 -24.88 -0.38 41.56
N LEU A 886 -25.16 0.86 41.17
CA LEU A 886 -26.49 1.20 40.63
C LEU A 886 -26.65 0.66 39.21
N PRO A 887 -27.88 0.34 38.78
CA PRO A 887 -28.11 -0.15 37.43
C PRO A 887 -27.82 0.94 36.38
N MET A 888 -27.16 0.53 35.30
CA MET A 888 -26.80 1.51 34.24
C MET A 888 -27.85 1.52 33.12
N LEU A 889 -27.73 2.51 32.24
CA LEU A 889 -28.67 2.64 31.10
C LEU A 889 -27.85 2.84 29.83
N PRO A 890 -28.24 2.25 28.69
CA PRO A 890 -27.49 2.44 27.47
C PRO A 890 -27.50 3.90 26.99
N SER A 891 -26.32 4.49 26.92
CA SER A 891 -26.20 5.92 26.54
C SER A 891 -25.37 6.04 25.27
N TYR A 892 -25.48 7.19 24.63
CA TYR A 892 -24.70 7.44 23.39
C TYR A 892 -24.23 8.89 23.39
N LYS A 893 -23.06 9.13 22.81
CA LYS A 893 -22.52 10.51 22.77
C LYS A 893 -23.38 11.36 21.84
N ASN A 894 -23.70 12.58 22.27
CA ASN A 894 -24.54 13.49 21.45
C ASN A 894 -25.87 12.83 21.10
N PHE A 895 -26.59 12.39 22.13
CA PHE A 895 -27.92 11.77 21.90
C PHE A 895 -28.81 12.17 23.07
N LYS A 896 -29.88 12.91 22.78
CA LYS A 896 -30.77 13.41 23.86
C LYS A 896 -32.01 12.52 24.00
N GLY A 897 -32.05 11.40 23.28
CA GLY A 897 -33.22 10.49 23.34
C GLY A 897 -33.28 9.75 24.66
N THR A 898 -34.48 9.69 25.24
CA THR A 898 -34.66 8.98 26.53
C THR A 898 -34.91 7.50 26.27
N ILE A 899 -34.43 6.65 27.17
CA ILE A 899 -34.65 5.19 27.03
C ILE A 899 -35.26 4.66 28.34
N GLU A 900 -36.37 3.95 28.23
CA GLU A 900 -37.01 3.36 29.42
C GLU A 900 -36.95 1.84 29.29
N GLU A 901 -36.57 1.17 30.37
CA GLU A 901 -36.50 -0.31 30.34
C GLU A 901 -37.68 -0.88 31.12
N LEU A 902 -38.55 -1.61 30.43
CA LEU A 902 -39.71 -2.23 31.13
C LEU A 902 -39.35 -3.67 31.54
N ALA A 903 -38.87 -4.46 30.59
CA ALA A 903 -38.49 -5.86 30.88
C ALA A 903 -36.96 -5.95 30.86
N PRO A 904 -36.36 -6.88 31.63
CA PRO A 904 -34.91 -7.00 31.63
C PRO A 904 -34.37 -7.45 30.27
N ASN A 905 -33.20 -6.94 29.91
CA ASN A 905 -32.54 -7.28 28.63
C ASN A 905 -33.39 -6.83 27.44
N GLN A 906 -34.24 -5.82 27.63
CA GLN A 906 -35.03 -5.29 26.50
C GLN A 906 -35.02 -3.77 26.63
N TYR A 907 -34.93 -3.09 25.49
CA TYR A 907 -34.88 -1.61 25.53
C TYR A 907 -35.74 -1.02 24.43
N VAL A 908 -36.33 0.13 24.72
CA VAL A 908 -37.15 0.85 23.71
C VAL A 908 -36.52 2.22 23.53
N ILE A 909 -36.23 2.56 22.29
CA ILE A 909 -35.59 3.87 21.98
C ILE A 909 -36.51 4.65 21.07
N SER A 910 -36.77 5.90 21.44
CA SER A 910 -37.66 6.77 20.62
C SER A 910 -36.96 8.10 20.39
N GLY A 911 -37.38 8.81 19.35
CA GLY A 911 -36.82 10.13 19.05
C GLY A 911 -37.65 11.25 19.63
N GLU A 912 -37.40 12.46 19.15
CA GLU A 912 -38.18 13.63 19.61
C GLU A 912 -38.73 14.37 18.41
N VAL A 913 -40.00 14.76 18.50
CA VAL A 913 -40.65 15.50 17.40
C VAL A 913 -41.14 16.84 17.95
N ALA A 914 -41.10 17.86 17.10
CA ALA A 914 -41.52 19.20 17.52
C ALA A 914 -42.72 19.62 16.68
N ILE A 915 -43.78 20.06 17.35
CA ILE A 915 -44.99 20.54 16.64
C ILE A 915 -45.00 22.07 16.71
N LEU A 916 -44.57 22.72 15.63
CA LEU A 916 -44.57 24.20 15.63
C LEU A 916 -45.99 24.75 15.50
N ASN A 917 -46.75 24.24 14.54
CA ASN A 917 -48.11 24.76 14.28
C ASN A 917 -49.03 23.57 14.08
N SER A 918 -50.33 23.84 13.98
CA SER A 918 -51.32 22.77 13.74
C SER A 918 -51.07 22.11 12.37
N THR A 919 -50.38 22.81 11.46
CA THR A 919 -50.07 22.24 10.12
C THR A 919 -48.61 21.79 10.02
N THR A 920 -47.68 22.62 10.49
CA THR A 920 -46.25 22.29 10.36
C THR A 920 -45.79 21.36 11.47
N ILE A 921 -44.78 20.55 11.18
CA ILE A 921 -44.20 19.63 12.19
C ILE A 921 -42.74 19.39 11.82
N GLU A 922 -41.91 19.17 12.84
CA GLU A 922 -40.48 18.94 12.61
C GLU A 922 -40.00 17.83 13.53
N ILE A 923 -39.19 16.93 12.99
CA ILE A 923 -38.60 15.87 13.84
C ILE A 923 -37.29 16.41 14.42
N SER A 924 -37.23 16.53 15.74
CA SER A 924 -36.03 17.11 16.39
C SER A 924 -34.90 16.09 16.45
N GLU A 925 -35.19 14.90 16.96
CA GLU A 925 -34.11 13.91 17.16
C GLU A 925 -34.52 12.56 16.60
N LEU A 926 -33.58 11.89 15.93
CA LEU A 926 -33.84 10.55 15.34
C LEU A 926 -33.22 9.48 16.22
N PRO A 927 -33.83 8.29 16.32
CA PRO A 927 -33.28 7.22 17.16
C PRO A 927 -32.06 6.56 16.52
N VAL A 928 -31.48 5.59 17.21
CA VAL A 928 -30.26 4.91 16.69
C VAL A 928 -30.62 4.11 15.43
N ARG A 929 -29.60 3.82 14.62
CA ARG A 929 -29.84 3.09 13.34
C ARG A 929 -30.87 3.85 12.51
N THR A 930 -30.58 5.11 12.22
CA THR A 930 -31.49 5.91 11.37
C THR A 930 -30.63 6.66 10.36
N TRP A 931 -30.66 6.20 9.12
CA TRP A 931 -29.87 6.85 8.05
C TRP A 931 -30.79 7.74 7.23
N THR A 932 -30.26 8.87 6.76
CA THR A 932 -31.12 9.83 6.06
C THR A 932 -31.70 9.22 4.78
N GLN A 933 -30.86 8.59 3.96
CA GLN A 933 -31.38 8.08 2.67
C GLN A 933 -32.39 6.95 2.92
N THR A 934 -32.05 6.03 3.83
CA THR A 934 -32.95 4.88 4.07
C THR A 934 -34.26 5.36 4.68
N TYR A 935 -34.18 6.23 5.69
CA TYR A 935 -35.42 6.71 6.34
C TYR A 935 -36.27 7.46 5.32
N LYS A 936 -35.60 8.26 4.48
CA LYS A 936 -36.36 9.02 3.46
C LYS A 936 -37.05 8.04 2.51
N GLU A 937 -36.31 7.11 1.93
CA GLU A 937 -36.91 6.20 0.91
C GLU A 937 -37.98 5.31 1.55
N GLN A 938 -37.89 5.06 2.85
CA GLN A 938 -38.83 4.11 3.47
C GLN A 938 -40.01 4.82 4.16
N VAL A 939 -39.95 6.13 4.34
CA VAL A 939 -41.03 6.83 5.07
C VAL A 939 -41.64 7.94 4.21
N LEU A 940 -40.80 8.85 3.71
CA LEU A 940 -41.35 10.04 2.98
C LEU A 940 -42.03 9.64 1.68
N GLU A 941 -41.47 8.68 0.95
CA GLU A 941 -42.05 8.33 -0.36
C GLU A 941 -43.45 7.71 -0.21
N PRO A 942 -43.70 6.74 0.69
CA PRO A 942 -45.06 6.24 0.85
C PRO A 942 -46.03 7.31 1.37
N MET A 943 -45.57 8.16 2.28
CA MET A 943 -46.44 9.19 2.87
C MET A 943 -46.73 10.35 1.91
N LEU A 944 -45.81 10.64 0.98
CA LEU A 944 -46.03 11.81 0.10
C LEU A 944 -47.17 11.55 -0.88
N ASN A 945 -47.10 10.44 -1.59
CA ASN A 945 -48.12 10.15 -2.63
C ASN A 945 -49.11 9.12 -2.10
N GLY A 946 -50.16 8.89 -2.87
CA GLY A 946 -51.13 7.84 -2.47
C GLY A 946 -50.65 6.48 -2.93
N THR A 947 -50.39 5.59 -1.98
CA THR A 947 -49.89 4.25 -2.34
C THR A 947 -51.05 3.36 -2.79
N GLU A 948 -50.78 2.09 -3.03
CA GLU A 948 -51.84 1.17 -3.51
C GLU A 948 -52.94 1.02 -2.45
N LYS A 949 -52.61 1.19 -1.17
CA LYS A 949 -53.62 0.96 -0.12
C LYS A 949 -53.76 2.14 0.85
N THR A 950 -52.78 3.04 0.90
CA THR A 950 -52.85 4.14 1.90
C THR A 950 -52.96 5.48 1.19
N PRO A 951 -53.80 6.41 1.69
CA PRO A 951 -53.88 7.75 1.10
C PRO A 951 -52.61 8.55 1.44
N PRO A 952 -52.35 9.65 0.72
CA PRO A 952 -51.15 10.43 1.00
C PRO A 952 -51.26 11.08 2.39
N LEU A 953 -50.34 10.68 3.28
CA LEU A 953 -50.42 11.20 4.67
C LEU A 953 -49.89 12.63 4.75
N ILE A 954 -48.66 12.85 4.31
CA ILE A 954 -48.04 14.19 4.45
C ILE A 954 -48.38 15.01 3.20
N THR A 955 -48.21 16.32 3.31
CA THR A 955 -48.48 17.22 2.16
C THR A 955 -47.19 17.89 1.68
N ASP A 956 -46.21 18.09 2.57
CA ASP A 956 -44.95 18.75 2.17
C ASP A 956 -43.85 18.33 3.13
N TYR A 957 -42.60 18.37 2.66
CA TYR A 957 -41.46 18.05 3.52
C TYR A 957 -40.21 18.73 2.97
N ARG A 958 -39.32 19.11 3.87
CA ARG A 958 -38.04 19.73 3.46
C ARG A 958 -36.91 19.08 4.24
N GLU A 959 -35.71 19.09 3.66
CA GLU A 959 -34.56 18.40 4.30
C GLU A 959 -33.40 19.40 4.41
N TYR A 960 -33.41 20.22 5.46
CA TYR A 960 -32.29 21.16 5.70
C TYR A 960 -31.30 20.50 6.66
N HIS A 961 -30.67 19.43 6.21
CA HIS A 961 -29.78 18.65 7.11
C HIS A 961 -28.42 19.30 7.23
N THR A 962 -27.92 19.40 8.45
CA THR A 962 -26.54 19.90 8.67
C THR A 962 -25.60 18.69 8.72
N ASP A 963 -24.36 18.93 9.15
CA ASP A 963 -23.38 17.81 9.25
C ASP A 963 -23.84 16.81 10.31
N THR A 964 -24.41 17.29 11.41
CA THR A 964 -24.80 16.38 12.51
C THR A 964 -26.29 16.47 12.81
N THR A 965 -26.85 17.67 12.80
CA THR A 965 -28.28 17.83 13.17
C THR A 965 -29.18 17.65 11.95
N VAL A 966 -30.49 17.54 12.20
CA VAL A 966 -31.45 17.35 11.10
C VAL A 966 -32.54 18.42 11.19
N LYS A 967 -33.20 18.67 10.06
CA LYS A 967 -34.32 19.63 10.05
C LYS A 967 -35.39 19.09 9.11
N PHE A 968 -36.65 19.21 9.51
CA PHE A 968 -37.77 18.70 8.69
C PHE A 968 -38.89 19.73 8.67
N VAL A 969 -38.95 20.51 7.59
CA VAL A 969 -40.08 21.45 7.44
C VAL A 969 -41.19 20.63 6.78
N VAL A 970 -41.99 19.97 7.61
CA VAL A 970 -43.03 19.05 7.09
C VAL A 970 -44.41 19.62 7.39
N LYS A 971 -45.27 19.63 6.38
CA LYS A 971 -46.65 20.13 6.56
C LYS A 971 -47.61 18.94 6.56
N MET A 972 -48.71 19.09 7.28
CA MET A 972 -49.69 17.99 7.39
C MET A 972 -51.08 18.59 7.60
N THR A 973 -52.11 17.88 7.12
CA THR A 973 -53.49 18.34 7.30
C THR A 973 -53.83 18.36 8.79
N GLU A 974 -54.47 19.44 9.23
CA GLU A 974 -54.83 19.57 10.66
C GLU A 974 -55.81 18.46 11.07
N GLU A 975 -56.72 18.08 10.17
CA GLU A 975 -57.67 16.99 10.49
C GLU A 975 -56.94 15.67 10.66
N LYS A 976 -55.97 15.39 9.79
CA LYS A 976 -55.22 14.11 9.87
C LYS A 976 -54.31 14.10 11.10
N LEU A 977 -53.94 15.28 11.60
CA LEU A 977 -53.04 15.34 12.79
C LEU A 977 -53.76 14.73 13.99
N ALA A 978 -55.06 14.93 14.11
CA ALA A 978 -55.81 14.35 15.25
C ALA A 978 -55.77 12.83 15.18
N GLU A 979 -55.96 12.26 13.98
CA GLU A 979 -55.89 10.79 13.82
C GLU A 979 -54.46 10.31 14.13
N ALA A 980 -53.46 11.06 13.68
CA ALA A 980 -52.06 10.68 13.94
C ALA A 980 -51.80 10.69 15.45
N GLU A 981 -52.36 11.68 16.14
CA GLU A 981 -52.19 11.75 17.62
C GLU A 981 -52.90 10.57 18.28
N ARG A 982 -54.10 10.25 17.81
CA ARG A 982 -54.85 9.14 18.43
C ARG A 982 -54.11 7.83 18.21
N VAL A 983 -53.53 7.65 17.02
CA VAL A 983 -52.75 6.42 16.73
C VAL A 983 -51.39 6.44 17.42
N GLY A 984 -50.73 7.60 17.44
CA GLY A 984 -49.39 7.70 18.04
C GLY A 984 -48.36 8.25 17.06
N LEU A 985 -47.68 9.31 17.46
CA LEU A 985 -46.69 9.96 16.56
C LEU A 985 -45.52 8.99 16.31
N HIS A 986 -45.02 8.36 17.36
CA HIS A 986 -43.90 7.40 17.20
C HIS A 986 -44.34 6.19 16.38
N LYS A 987 -45.62 5.81 16.50
CA LYS A 987 -46.10 4.61 15.77
C LYS A 987 -46.28 4.91 14.28
N VAL A 988 -46.87 6.05 13.96
CA VAL A 988 -47.14 6.35 12.53
C VAL A 988 -45.84 6.60 11.78
N PHE A 989 -44.95 7.40 12.36
CA PHE A 989 -43.67 7.74 11.68
C PHE A 989 -42.62 6.67 11.94
N LYS A 990 -42.97 5.62 12.68
CA LYS A 990 -42.00 4.52 12.94
C LYS A 990 -40.74 5.03 13.62
N LEU A 991 -40.91 5.72 14.75
CA LEU A 991 -39.74 6.25 15.50
C LEU A 991 -39.32 5.32 16.64
N GLN A 992 -40.10 4.28 16.92
CA GLN A 992 -39.75 3.37 18.04
C GLN A 992 -38.77 2.30 17.57
N THR A 993 -37.85 1.91 18.44
CA THR A 993 -36.88 0.85 18.12
C THR A 993 -36.74 -0.06 19.32
N SER A 994 -36.90 -1.37 19.10
CA SER A 994 -36.79 -2.35 20.20
C SER A 994 -35.54 -3.19 20.01
N LEU A 995 -34.79 -3.40 21.08
CA LEU A 995 -33.60 -4.27 21.00
C LEU A 995 -33.52 -5.16 22.23
N THR A 996 -33.03 -6.37 22.03
CA THR A 996 -32.87 -7.32 23.15
C THR A 996 -31.41 -7.75 23.23
N CYS A 997 -30.88 -7.81 24.45
CA CYS A 997 -29.49 -8.25 24.63
C CYS A 997 -29.49 -9.57 25.40
N ASN A 998 -29.28 -10.67 24.67
CA ASN A 998 -29.29 -12.00 25.32
C ASN A 998 -27.99 -12.75 25.06
N SER A 999 -27.29 -12.44 23.96
CA SER A 999 -26.07 -13.19 23.62
C SER A 999 -24.87 -12.60 24.36
N MET A 1000 -24.84 -12.79 25.67
CA MET A 1000 -23.73 -12.27 26.50
C MET A 1000 -22.65 -13.36 26.62
N VAL A 1001 -22.10 -13.74 25.47
CA VAL A 1001 -21.05 -14.79 25.45
C VAL A 1001 -19.75 -14.12 25.05
N LEU A 1002 -18.73 -14.23 25.91
CA LEU A 1002 -17.42 -13.61 25.62
C LEU A 1002 -16.31 -14.60 25.99
N PHE A 1003 -15.16 -14.41 25.38
CA PHE A 1003 -14.00 -15.28 25.68
C PHE A 1003 -13.45 -14.91 27.06
N ASP A 1004 -13.33 -15.91 27.92
CA ASP A 1004 -12.82 -15.67 29.28
C ASP A 1004 -11.31 -15.48 29.25
N HIS A 1005 -10.74 -15.12 30.40
CA HIS A 1005 -9.27 -14.97 30.49
C HIS A 1005 -8.59 -16.31 30.19
N VAL A 1006 -9.23 -17.42 30.59
CA VAL A 1006 -8.68 -18.77 30.26
C VAL A 1006 -8.86 -19.11 28.78
N GLY A 1007 -10.01 -18.79 28.20
CA GLY A 1007 -10.28 -19.13 26.78
C GLY A 1007 -11.66 -19.73 26.56
N CYS A 1008 -12.41 -19.96 27.64
CA CYS A 1008 -13.74 -20.58 27.53
C CYS A 1008 -14.82 -19.57 27.16
N LEU A 1009 -16.01 -20.07 26.83
CA LEU A 1009 -17.14 -19.18 26.52
C LEU A 1009 -18.25 -19.43 27.54
N LYS A 1010 -18.69 -18.37 28.21
CA LYS A 1010 -19.76 -18.50 29.22
C LYS A 1010 -20.83 -17.44 28.94
N LYS A 1011 -22.08 -17.88 28.85
CA LYS A 1011 -23.18 -16.93 28.61
C LYS A 1011 -23.41 -16.16 29.91
N TYR A 1012 -23.31 -14.84 29.83
CA TYR A 1012 -23.43 -14.00 31.04
C TYR A 1012 -24.87 -13.53 31.22
N ASP A 1013 -25.16 -13.00 32.42
CA ASP A 1013 -26.54 -12.58 32.73
C ASP A 1013 -26.64 -11.05 32.81
N THR A 1014 -25.78 -10.40 33.60
CA THR A 1014 -25.89 -8.94 33.79
C THR A 1014 -24.55 -8.28 33.53
N VAL A 1015 -24.57 -6.97 33.37
CA VAL A 1015 -23.31 -6.21 33.17
C VAL A 1015 -22.52 -6.09 34.48
N LEU A 1016 -23.22 -5.98 35.60
CA LEU A 1016 -22.52 -5.77 36.89
C LEU A 1016 -21.63 -6.98 37.21
N ASP A 1017 -22.09 -8.18 36.88
CA ASP A 1017 -21.25 -9.38 37.10
C ASP A 1017 -19.99 -9.28 36.26
N ILE A 1018 -20.13 -8.81 35.01
CA ILE A 1018 -18.94 -8.64 34.14
C ILE A 1018 -18.00 -7.62 34.77
N LEU A 1019 -18.57 -6.54 35.31
CA LEU A 1019 -17.73 -5.50 35.94
C LEU A 1019 -16.99 -6.08 37.15
N ARG A 1020 -17.69 -6.91 37.93
CA ARG A 1020 -17.05 -7.51 39.13
C ARG A 1020 -15.93 -8.47 38.71
N ASP A 1021 -16.17 -9.25 37.65
CA ASP A 1021 -15.13 -10.20 37.18
C ASP A 1021 -13.92 -9.41 36.69
N PHE A 1022 -14.17 -8.34 35.95
CA PHE A 1022 -13.05 -7.51 35.47
C PHE A 1022 -12.32 -6.89 36.67
N PHE A 1023 -13.09 -6.48 37.68
CA PHE A 1023 -12.48 -5.85 38.87
C PHE A 1023 -11.55 -6.85 39.57
N GLU A 1024 -11.99 -8.10 39.68
CA GLU A 1024 -11.15 -9.13 40.33
C GLU A 1024 -9.89 -9.38 39.49
N LEU A 1025 -10.07 -9.49 38.17
CA LEU A 1025 -8.92 -9.78 37.28
C LEU A 1025 -7.93 -8.61 37.36
N ARG A 1026 -8.44 -7.39 37.49
CA ARG A 1026 -7.57 -6.20 37.62
C ARG A 1026 -6.91 -6.12 38.99
N LEU A 1027 -7.63 -6.51 40.03
CA LEU A 1027 -7.05 -6.52 41.40
C LEU A 1027 -5.90 -7.53 41.46
N LYS A 1028 -5.97 -8.58 40.64
CA LYS A 1028 -4.91 -9.60 40.66
C LYS A 1028 -3.59 -8.98 40.22
N TYR A 1029 -3.63 -7.88 39.46
CA TYR A 1029 -2.39 -7.34 38.86
C TYR A 1029 -1.75 -6.18 39.63
N TYR A 1030 -2.42 -5.64 40.64
CA TYR A 1030 -1.76 -4.56 41.42
C TYR A 1030 -0.51 -5.09 42.09
N GLY A 1031 -0.60 -6.26 42.71
CA GLY A 1031 0.57 -6.86 43.37
C GLY A 1031 1.66 -7.17 42.37
N LEU A 1032 1.27 -7.65 41.18
CA LEU A 1032 2.27 -7.99 40.15
C LEU A 1032 3.02 -6.72 39.72
N ARG A 1033 2.28 -5.63 39.47
CA ARG A 1033 2.95 -4.38 39.03
C ARG A 1033 3.82 -3.86 40.17
N LYS A 1034 3.33 -3.99 41.40
CA LYS A 1034 4.10 -3.48 42.56
C LYS A 1034 5.39 -4.28 42.71
N GLU A 1035 5.31 -5.60 42.53
CA GLU A 1035 6.52 -6.44 42.63
C GLU A 1035 7.49 -6.09 41.50
N TRP A 1036 6.96 -5.84 40.30
CA TRP A 1036 7.85 -5.48 39.17
C TRP A 1036 8.51 -4.13 39.42
N LEU A 1037 7.75 -3.17 39.94
CA LEU A 1037 8.33 -1.83 40.21
C LEU A 1037 9.29 -1.90 41.40
N LEU A 1038 8.93 -2.66 42.43
CA LEU A 1038 9.81 -2.76 43.62
C LEU A 1038 11.08 -3.49 43.23
N GLY A 1039 12.22 -2.97 43.67
CA GLY A 1039 13.52 -3.56 43.33
C GLY A 1039 14.06 -3.02 42.02
N MET A 1040 13.20 -2.82 41.04
CA MET A 1040 13.66 -2.24 39.75
C MET A 1040 14.13 -0.80 39.98
N LEU A 1041 13.38 -0.03 40.76
CA LEU A 1041 13.85 1.33 41.12
C LEU A 1041 15.10 1.22 41.98
N GLY A 1042 15.13 0.23 42.88
CA GLY A 1042 16.30 0.01 43.75
C GLY A 1042 17.53 -0.28 42.91
N ALA A 1043 17.35 -0.93 41.77
CA ALA A 1043 18.53 -1.28 40.94
C ALA A 1043 19.23 -0.01 40.46
N GLU A 1044 18.48 0.92 39.86
CA GLU A 1044 19.10 2.18 39.40
C GLU A 1044 19.54 2.99 40.62
N SER A 1045 18.82 2.87 41.72
CA SER A 1045 19.21 3.61 42.95
C SER A 1045 20.60 3.15 43.42
N ALA A 1046 20.82 1.85 43.49
CA ALA A 1046 22.13 1.31 43.89
C ALA A 1046 23.18 1.67 42.84
N LYS A 1047 22.77 1.68 41.57
CA LYS A 1047 23.73 2.02 40.50
C LYS A 1047 24.21 3.46 40.67
N LEU A 1048 23.27 4.38 40.89
CA LEU A 1048 23.66 5.79 41.10
C LEU A 1048 24.46 5.92 42.40
N ASN A 1049 24.11 5.14 43.41
CA ASN A 1049 24.87 5.20 44.69
C ASN A 1049 26.31 4.76 44.45
N ASN A 1050 26.49 3.68 43.69
CA ASN A 1050 27.87 3.21 43.38
C ASN A 1050 28.61 4.25 42.54
N GLN A 1051 27.91 4.89 41.61
CA GLN A 1051 28.55 5.94 40.78
C GLN A 1051 28.98 7.11 41.67
N ALA A 1052 28.13 7.51 42.60
CA ALA A 1052 28.48 8.63 43.50
C ALA A 1052 29.67 8.21 44.38
N ARG A 1053 29.67 6.96 44.82
CA ARG A 1053 30.79 6.48 45.65
C ARG A 1053 32.08 6.50 44.85
N PHE A 1054 32.00 6.12 43.57
CA PHE A 1054 33.21 6.16 42.71
C PHE A 1054 33.67 7.62 42.55
N ILE A 1055 32.72 8.52 42.38
CA ILE A 1055 33.10 9.96 42.23
C ILE A 1055 33.76 10.44 43.53
N LEU A 1056 33.20 10.07 44.68
CA LEU A 1056 33.78 10.49 45.97
C LEU A 1056 35.18 9.88 46.13
N GLU A 1057 35.34 8.62 45.71
CA GLU A 1057 36.67 7.98 45.82
C GLU A 1057 37.67 8.70 44.91
N LYS A 1058 37.22 9.11 43.73
CA LYS A 1058 38.12 9.86 42.83
C LYS A 1058 38.46 11.22 43.46
N ILE A 1059 37.50 11.85 44.13
CA ILE A 1059 37.81 13.12 44.82
C ILE A 1059 38.86 12.84 45.90
N ASP A 1060 38.68 11.77 46.66
CA ASP A 1060 39.72 11.40 47.66
C ASP A 1060 40.98 10.95 46.92
N GLY A 1061 40.84 10.01 45.99
CA GLY A 1061 41.97 9.60 45.13
C GLY A 1061 42.73 8.37 45.56
N LYS A 1062 42.35 7.21 45.03
CA LYS A 1062 43.16 5.98 45.26
C LYS A 1062 43.37 5.24 43.92
N ILE A 1063 42.46 5.38 42.97
CA ILE A 1063 42.56 4.59 41.71
C ILE A 1063 43.43 5.38 40.73
N ILE A 1064 44.61 4.84 40.44
CA ILE A 1064 45.52 5.55 39.51
C ILE A 1064 45.04 5.31 38.09
N ILE A 1065 44.97 6.37 37.28
CA ILE A 1065 44.48 6.26 35.88
C ILE A 1065 45.69 6.28 34.93
N GLU A 1066 46.90 6.03 35.45
CA GLU A 1066 48.11 6.14 34.61
C GLU A 1066 48.31 4.85 33.82
N ASN A 1067 47.45 4.62 32.82
CA ASN A 1067 47.62 3.45 31.91
C ASN A 1067 47.65 2.13 32.69
N LYS A 1068 46.81 2.02 33.70
CA LYS A 1068 46.75 0.77 34.46
C LYS A 1068 45.99 -0.29 33.66
N PRO A 1069 46.42 -1.56 33.70
CA PRO A 1069 45.68 -2.61 33.01
C PRO A 1069 44.26 -2.78 33.55
N LYS A 1070 43.35 -3.21 32.68
CA LYS A 1070 41.93 -3.40 33.08
C LYS A 1070 41.82 -4.50 34.13
N LYS A 1071 42.74 -5.46 34.11
CA LYS A 1071 42.66 -6.59 35.06
C LYS A 1071 42.82 -6.08 36.50
N GLU A 1072 43.81 -5.23 36.73
CA GLU A 1072 44.01 -4.65 38.08
C GLU A 1072 42.79 -3.80 38.44
N LEU A 1073 42.25 -3.08 37.46
CA LEU A 1073 41.09 -2.21 37.76
C LEU A 1073 39.91 -3.08 38.21
N ILE A 1074 39.67 -4.18 37.50
CA ILE A 1074 38.54 -5.08 37.87
C ILE A 1074 38.81 -5.69 39.25
N LYS A 1075 40.07 -6.04 39.51
CA LYS A 1075 40.42 -6.63 40.82
C LYS A 1075 40.13 -5.62 41.93
N VAL A 1076 40.50 -4.37 41.71
CA VAL A 1076 40.23 -3.32 42.73
C VAL A 1076 38.72 -3.13 42.88
N LEU A 1077 37.99 -3.13 41.77
CA LEU A 1077 36.52 -2.91 41.84
C LEU A 1077 35.88 -4.06 42.63
N ILE A 1078 36.38 -5.27 42.45
CA ILE A 1078 35.85 -6.42 43.24
C ILE A 1078 36.24 -6.30 44.71
N GLN A 1079 37.49 -5.93 44.99
CA GLN A 1079 37.98 -5.91 46.39
C GLN A 1079 37.34 -4.79 47.20
N ARG A 1080 36.76 -3.80 46.53
CA ARG A 1080 36.22 -2.61 47.26
C ARG A 1080 34.70 -2.67 47.34
N GLY A 1081 34.10 -3.86 47.24
CA GLY A 1081 32.64 -4.00 47.40
C GLY A 1081 31.81 -3.28 46.35
N TYR A 1082 32.13 -3.49 45.08
CA TYR A 1082 31.32 -2.90 43.99
C TYR A 1082 30.63 -4.03 43.23
N ASP A 1083 29.30 -3.95 43.16
CA ASP A 1083 28.52 -5.04 42.52
C ASP A 1083 28.55 -4.91 41.00
N SER A 1084 27.99 -5.90 40.32
CA SER A 1084 27.94 -5.88 38.84
C SER A 1084 26.75 -5.05 38.37
N ASP A 1085 26.44 -5.13 37.08
CA ASP A 1085 25.33 -4.32 36.53
C ASP A 1085 24.00 -4.88 37.02
N PRO A 1086 23.18 -4.12 37.76
CA PRO A 1086 21.87 -4.60 38.16
C PRO A 1086 20.91 -4.74 36.97
N VAL A 1087 21.05 -3.86 35.98
CA VAL A 1087 20.19 -3.95 34.78
C VAL A 1087 20.42 -5.30 34.11
N LYS A 1088 21.68 -5.75 34.06
CA LYS A 1088 21.97 -7.08 33.50
C LYS A 1088 21.27 -8.17 34.33
N ALA A 1089 21.25 -8.00 35.65
CA ALA A 1089 20.60 -9.01 36.52
C ALA A 1089 19.09 -9.06 36.24
N TRP A 1090 18.46 -7.89 36.14
CA TRP A 1090 17.01 -7.84 35.87
C TRP A 1090 16.72 -8.38 34.48
N LYS A 1091 17.63 -8.15 33.53
CA LYS A 1091 17.45 -8.71 32.17
C LYS A 1091 17.60 -10.24 32.20
N GLU A 1092 18.56 -10.75 32.97
CA GLU A 1092 18.74 -12.22 33.07
C GLU A 1092 17.52 -12.83 33.73
N ALA A 1093 16.98 -12.17 34.76
CA ALA A 1093 15.79 -12.70 35.45
C ALA A 1093 14.52 -12.20 34.76
N GLN A 1094 14.46 -12.37 33.43
CA GLN A 1094 13.26 -11.95 32.67
C GLN A 1094 12.77 -13.11 31.78
N GLN A 1095 13.67 -13.88 31.20
CA GLN A 1095 13.28 -14.97 30.28
C GLN A 1095 12.50 -16.05 31.04
N LYS A 1096 12.94 -16.36 32.26
CA LYS A 1096 12.28 -17.43 33.04
C LYS A 1096 11.72 -16.93 34.38
N VAL A 1097 11.97 -15.67 34.72
CA VAL A 1097 11.44 -15.11 36.00
C VAL A 1097 10.50 -13.93 35.71
N SER A 1121 31.57 -13.44 30.48
CA SER A 1121 32.75 -13.56 31.38
C SER A 1121 32.30 -13.47 32.84
N GLY A 1122 33.10 -12.79 33.66
CA GLY A 1122 32.76 -12.68 35.09
C GLY A 1122 31.98 -11.42 35.34
N PRO A 1123 32.38 -10.58 36.32
CA PRO A 1123 31.62 -9.38 36.66
C PRO A 1123 31.68 -8.33 35.55
N THR A 1124 30.68 -7.44 35.55
CA THR A 1124 30.61 -6.38 34.52
C THR A 1124 30.73 -5.01 35.18
N PHE A 1125 31.62 -4.17 34.65
CA PHE A 1125 31.78 -2.81 35.21
C PHE A 1125 31.85 -1.77 34.10
N ASN A 1126 31.16 -2.01 32.98
CA ASN A 1126 31.20 -1.07 31.83
C ASN A 1126 30.55 0.25 32.23
N TYR A 1127 29.48 0.20 33.02
CA TYR A 1127 28.75 1.44 33.37
C TYR A 1127 29.59 2.36 34.27
N LEU A 1128 30.59 1.81 34.96
CA LEU A 1128 31.47 2.66 35.81
C LEU A 1128 32.58 3.30 34.98
N LEU A 1129 32.74 2.90 33.72
CA LEU A 1129 33.81 3.48 32.87
C LEU A 1129 33.24 4.18 31.63
N ASP A 1130 31.94 4.09 31.40
CA ASP A 1130 31.31 4.70 30.20
C ASP A 1130 30.81 6.10 30.53
N MET A 1131 31.34 6.70 31.60
CA MET A 1131 30.84 8.02 32.03
C MET A 1131 31.80 9.11 31.54
N PRO A 1132 31.28 10.15 30.87
CA PRO A 1132 32.13 11.26 30.42
C PRO A 1132 32.69 12.10 31.59
N LEU A 1133 33.53 13.06 31.26
CA LEU A 1133 34.19 13.90 32.30
C LEU A 1133 33.23 14.92 32.93
N TRP A 1134 32.04 15.08 32.37
CA TRP A 1134 31.10 16.10 32.89
C TRP A 1134 30.73 15.76 34.34
N TYR A 1135 30.80 14.48 34.71
CA TYR A 1135 30.49 14.09 36.10
C TYR A 1135 31.50 14.72 37.07
N LEU A 1136 32.68 15.11 36.58
CA LEU A 1136 33.72 15.67 37.48
C LEU A 1136 33.46 17.14 37.81
N THR A 1137 32.43 17.74 37.22
CA THR A 1137 32.12 19.18 37.46
C THR A 1137 31.32 19.35 38.76
N LYS A 1138 31.36 20.57 39.30
CA LYS A 1138 30.62 20.84 40.56
C LYS A 1138 29.11 20.79 40.33
N GLU A 1139 28.63 21.36 39.24
CA GLU A 1139 27.17 21.43 39.02
C GLU A 1139 26.61 20.02 38.84
N LYS A 1140 27.31 19.18 38.08
CA LYS A 1140 26.80 17.82 37.83
C LYS A 1140 26.76 17.03 39.14
N LYS A 1141 27.80 17.17 39.97
CA LYS A 1141 27.82 16.47 41.26
C LYS A 1141 26.68 16.98 42.14
N ASP A 1142 26.47 18.30 42.15
CA ASP A 1142 25.42 18.88 43.02
C ASP A 1142 24.05 18.39 42.58
N GLU A 1143 23.80 18.36 41.27
CA GLU A 1143 22.49 17.90 40.77
C GLU A 1143 22.32 16.38 40.97
N LEU A 1144 23.41 15.63 40.83
CA LEU A 1144 23.33 14.16 41.04
C LEU A 1144 23.04 13.86 42.52
N CYS A 1145 23.57 14.67 43.43
CA CYS A 1145 23.37 14.42 44.87
C CYS A 1145 21.87 14.44 45.18
N ARG A 1146 21.09 15.25 44.46
CA ARG A 1146 19.62 15.25 44.66
C ARG A 1146 18.90 14.32 43.68
N LEU A 1147 19.49 14.05 42.52
CA LEU A 1147 18.86 13.12 41.56
C LEU A 1147 18.84 11.71 42.16
N ARG A 1148 19.88 11.35 42.90
CA ARG A 1148 19.93 10.02 43.55
C ARG A 1148 18.84 9.91 44.62
N ASN A 1149 18.42 11.04 45.20
CA ASN A 1149 17.36 11.03 46.24
C ASN A 1149 15.97 11.20 45.62
N GLU A 1150 15.90 11.71 44.40
CA GLU A 1150 14.57 11.82 43.73
C GLU A 1150 13.99 10.42 43.58
N LYS A 1151 14.83 9.43 43.23
CA LYS A 1151 14.36 8.03 43.14
C LYS A 1151 14.09 7.45 44.53
N GLU A 1152 14.90 7.84 45.51
CA GLU A 1152 14.70 7.33 46.89
C GLU A 1152 13.33 7.77 47.40
N GLN A 1153 12.90 8.98 47.04
CA GLN A 1153 11.58 9.47 47.51
C GLN A 1153 10.47 8.55 46.98
N GLU A 1154 10.52 8.24 45.68
CA GLU A 1154 9.47 7.36 45.09
C GLU A 1154 9.60 5.95 45.66
N LEU A 1155 10.82 5.49 45.90
CA LEU A 1155 11.00 4.13 46.46
C LEU A 1155 10.39 4.07 47.86
N ASP A 1156 10.63 5.09 48.68
CA ASP A 1156 10.05 5.13 50.04
C ASP A 1156 8.53 5.23 49.95
N THR A 1157 8.04 5.99 48.99
CA THR A 1157 6.58 6.12 48.82
C THR A 1157 5.97 4.78 48.42
N LEU A 1158 6.64 4.05 47.53
CA LEU A 1158 6.14 2.72 47.13
C LEU A 1158 6.16 1.76 48.33
N LYS A 1159 7.25 1.80 49.10
CA LYS A 1159 7.32 0.95 50.31
C LYS A 1159 6.25 1.38 51.31
N ARG A 1160 5.81 2.63 51.25
CA ARG A 1160 4.82 3.15 52.22
C ARG A 1160 3.39 2.98 51.69
N LYS A 1161 3.19 3.14 50.39
CA LYS A 1161 1.82 3.10 49.83
C LYS A 1161 1.29 1.67 49.80
N SER A 1162 -0.02 1.54 49.61
CA SER A 1162 -0.67 0.21 49.56
C SER A 1162 -1.06 -0.10 48.11
N PRO A 1163 -1.41 -1.36 47.78
CA PRO A 1163 -1.89 -1.66 46.43
C PRO A 1163 -3.19 -0.90 46.12
N SER A 1164 -3.95 -0.56 47.16
CA SER A 1164 -5.16 0.27 46.95
C SER A 1164 -4.75 1.74 46.83
N ASP A 1165 -5.71 2.61 46.52
CA ASP A 1165 -5.45 4.08 46.43
C ASP A 1165 -4.58 4.37 45.22
N LEU A 1166 -4.29 3.35 44.40
CA LEU A 1166 -3.51 3.58 43.17
C LEU A 1166 -4.45 3.73 41.97
N TRP A 1167 -5.55 2.99 41.98
CA TRP A 1167 -6.50 3.05 40.86
C TRP A 1167 -7.12 4.45 40.78
N LYS A 1168 -7.46 5.02 41.92
CA LYS A 1168 -8.06 6.37 41.93
C LYS A 1168 -7.04 7.41 41.45
N GLU A 1169 -5.80 7.27 41.91
CA GLU A 1169 -4.74 8.22 41.48
C GLU A 1169 -4.49 8.07 39.98
N ASP A 1170 -4.58 6.85 39.46
CA ASP A 1170 -4.43 6.65 38.00
C ASP A 1170 -5.63 7.24 37.25
N LEU A 1171 -6.83 7.09 37.81
CA LEU A 1171 -8.05 7.61 37.13
C LEU A 1171 -8.11 9.13 37.20
N ALA A 1172 -7.44 9.76 38.16
CA ALA A 1172 -7.55 11.22 38.27
C ALA A 1172 -7.01 11.88 37.00
N THR A 1173 -5.83 11.45 36.56
CA THR A 1173 -5.23 12.03 35.34
C THR A 1173 -6.11 11.69 34.14
N PHE A 1174 -6.67 10.48 34.14
CA PHE A 1174 -7.53 10.07 33.00
C PHE A 1174 -8.79 10.94 32.93
N ILE A 1175 -9.37 11.25 34.09
CA ILE A 1175 -10.57 12.14 34.10
C ILE A 1175 -10.17 13.54 33.64
N GLU A 1176 -8.99 14.00 34.04
CA GLU A 1176 -8.53 15.34 33.59
C GLU A 1176 -8.37 15.32 32.06
N GLU A 1177 -7.76 14.27 31.53
CA GLU A 1177 -7.56 14.17 30.07
C GLU A 1177 -8.91 14.04 29.37
N LEU A 1178 -9.85 13.31 29.98
CA LEU A 1178 -11.19 13.14 29.36
C LEU A 1178 -11.91 14.48 29.32
N GLU A 1179 -11.78 15.27 30.38
CA GLU A 1179 -12.38 16.63 30.39
C GLU A 1179 -11.71 17.46 29.29
N ALA A 1180 -10.41 17.31 29.12
CA ALA A 1180 -9.70 18.06 28.05
C ALA A 1180 -10.23 17.63 26.68
N VAL A 1181 -10.43 16.32 26.50
CA VAL A 1181 -10.93 15.82 25.19
C VAL A 1181 -12.35 16.33 24.96
N GLU A 1182 -13.18 16.36 26.01
CA GLU A 1182 -14.55 16.89 25.87
C GLU A 1182 -14.51 18.39 25.56
N ALA A 1183 -13.56 19.12 26.16
CA ALA A 1183 -13.41 20.55 25.84
C ALA A 1183 -13.02 20.68 24.36
N LYS A 1184 -12.15 19.80 23.88
CA LYS A 1184 -11.77 19.83 22.44
C LYS A 1184 -13.01 19.53 21.59
N GLU A 1185 -13.86 18.61 22.03
CA GLU A 1185 -15.10 18.29 21.28
C GLU A 1185 -16.02 19.49 21.27
N LYS A 1186 -16.13 20.20 22.39
CA LYS A 1186 -16.96 21.43 22.42
C LYS A 1186 -16.34 22.48 21.49
N GLN A 1187 -15.01 22.56 21.45
CA GLN A 1187 -14.35 23.52 20.53
C GLN A 1187 -14.68 23.12 19.08
N ASP A 1188 -14.69 21.82 18.79
CA ASP A 1188 -15.04 21.35 17.43
C ASP A 1188 -16.50 21.71 17.13
N GLU A 1189 -17.37 21.59 18.13
CA GLU A 1189 -18.79 21.98 17.93
C GLU A 1189 -18.84 23.48 17.64
N GLN A 1190 -18.04 24.26 18.34
CA GLN A 1190 -17.96 25.72 18.05
C GLN A 1190 -17.46 25.91 16.61
N VAL A 1191 -16.54 25.06 16.16
CA VAL A 1191 -16.08 25.12 14.74
C VAL A 1191 -17.24 24.72 13.83
N GLY A 1192 -18.05 23.75 14.27
CA GLY A 1192 -19.19 23.29 13.47
C GLY A 1192 -20.39 24.17 13.67
N LEU A 1193 -20.20 25.34 14.29
CA LEU A 1193 -21.30 26.32 14.50
C LEU A 1193 -21.30 27.29 13.32
N PRO A 1194 -22.28 27.22 12.40
CA PRO A 1194 -22.31 28.11 11.24
C PRO A 1194 -22.64 29.56 11.61
N GLY A 1195 -23.49 29.76 12.62
CA GLY A 1195 -23.95 31.11 12.99
C GLY A 1195 -25.47 31.15 12.93
N LYS A 1196 -26.12 29.99 12.79
CA LYS A 1196 -27.60 29.90 12.66
C LYS A 1196 -28.31 30.02 14.01
N GLY A 1197 -29.61 30.31 14.00
CA GLY A 1197 -30.40 30.46 15.24
C GLY A 1197 -30.67 29.11 15.92
N GLY A 1198 -30.93 29.11 17.24
CA GLY A 1198 -31.17 27.87 18.01
C GLY A 1198 -32.54 27.26 17.70
N LYS A 1199 -32.71 25.95 17.95
CA LYS A 1199 -34.00 25.27 17.69
C LYS A 1199 -35.10 25.85 18.59
N ALA A 1200 -36.30 26.08 18.03
CA ALA A 1200 -37.40 26.69 18.80
C ALA A 1200 -38.00 25.70 19.80
N LYS A 1201 -38.44 26.18 20.96
CA LYS A 1201 -39.12 25.30 21.94
C LYS A 1201 -40.51 24.96 21.39
N GLY A 1202 -40.95 23.70 21.55
CA GLY A 1202 -42.26 23.26 21.01
C GLY A 1202 -42.81 22.08 21.81
N LYS A 1203 -44.11 21.81 21.68
CA LYS A 1203 -44.71 20.63 22.37
C LYS A 1203 -44.07 19.34 21.84
N LYS A 1204 -43.68 18.44 22.75
CA LYS A 1204 -43.08 17.14 22.36
C LYS A 1204 -43.54 16.08 23.36
N THR A 1205 -43.72 14.84 22.92
CA THR A 1205 -44.20 13.76 23.83
C THR A 1205 -43.52 12.44 23.49
N GLN A 1206 -43.40 11.54 24.47
CA GLN A 1206 -42.83 10.21 24.21
C GLN A 1206 -43.91 9.16 24.45
N MET A 1207 -44.18 8.30 23.46
CA MET A 1207 -45.24 7.28 23.59
C MET A 1207 -44.81 6.17 24.54
N ALA A 1208 -45.75 5.63 25.33
CA ALA A 1208 -45.45 4.49 26.22
C ALA A 1208 -46.05 3.22 25.61
N GLU A 1209 -45.26 2.48 24.82
CA GLU A 1209 -45.79 1.26 24.15
C GLU A 1209 -46.27 0.25 25.18
N VAL A 1210 -47.39 -0.42 24.91
CA VAL A 1210 -47.89 -1.49 25.84
C VAL A 1210 -46.84 -2.61 25.86
N LEU A 1211 -46.61 -3.23 27.01
CA LEU A 1211 -45.53 -4.25 27.10
C LEU A 1211 -46.07 -5.61 26.66
N PRO A 1212 -45.64 -6.14 25.49
CA PRO A 1212 -46.18 -7.41 25.00
C PRO A 1212 -45.65 -8.59 25.81
N SER A 1213 -44.91 -8.30 26.90
CA SER A 1213 -44.35 -9.37 27.77
C SER A 1213 -43.49 -10.33 26.94
N PRO A 1214 -42.68 -9.83 25.97
CA PRO A 1214 -41.91 -10.73 25.12
C PRO A 1214 -40.86 -11.51 25.94
N ARG A 1215 -40.65 -12.78 25.61
CA ARG A 1215 -39.66 -13.63 26.32
C ARG A 1215 -39.83 -13.43 27.84
N ASN B 433 -38.41 11.74 -23.34
CA ASN B 433 -37.01 11.88 -23.80
C ASN B 433 -36.09 11.90 -22.59
N ARG B 434 -35.73 10.71 -22.09
CA ARG B 434 -34.85 10.61 -20.91
C ARG B 434 -33.72 9.64 -21.20
N ILE B 435 -32.65 9.72 -20.41
CA ILE B 435 -31.47 8.84 -20.62
C ILE B 435 -31.59 7.65 -19.68
N LYS B 436 -31.44 6.44 -20.23
CA LYS B 436 -31.50 5.22 -19.38
C LYS B 436 -30.33 4.28 -19.69
N GLY B 437 -29.35 4.71 -20.50
CA GLY B 437 -28.27 3.78 -20.86
C GLY B 437 -27.28 3.49 -19.74
N ILE B 438 -26.72 4.53 -19.15
CA ILE B 438 -25.72 4.33 -18.06
C ILE B 438 -26.31 4.93 -16.80
N PRO B 439 -26.28 4.21 -15.65
CA PRO B 439 -26.76 4.79 -14.39
C PRO B 439 -25.84 5.84 -13.77
N LYS B 440 -24.58 5.90 -14.23
CA LYS B 440 -23.61 6.83 -13.62
C LYS B 440 -23.98 8.28 -13.94
N LEU B 441 -24.77 8.51 -14.98
CA LEU B 441 -25.12 9.89 -15.36
C LEU B 441 -26.10 10.48 -14.35
N ASP B 442 -25.85 11.72 -13.93
CA ASP B 442 -26.76 12.41 -13.00
C ASP B 442 -27.81 13.12 -13.85
N ASP B 443 -28.96 12.49 -14.01
CA ASP B 443 -30.01 13.07 -14.88
C ASP B 443 -30.57 14.32 -14.21
N ALA B 444 -30.57 15.44 -14.93
CA ALA B 444 -31.11 16.69 -14.38
C ALA B 444 -32.64 16.68 -14.43
N ASN B 445 -33.27 17.63 -13.74
CA ASN B 445 -34.75 17.74 -13.74
C ASN B 445 -35.26 18.18 -15.11
N ASP B 446 -34.52 19.09 -15.78
CA ASP B 446 -34.98 19.64 -17.08
C ASP B 446 -34.25 18.97 -18.24
N ALA B 447 -33.52 17.88 -17.96
CA ALA B 447 -32.73 17.24 -19.04
C ALA B 447 -33.70 16.45 -19.91
N GLY B 448 -34.03 17.03 -21.08
CA GLY B 448 -34.96 16.37 -22.02
C GLY B 448 -36.28 17.08 -22.17
N GLY B 449 -36.52 18.10 -21.34
CA GLY B 449 -37.82 18.80 -21.37
C GLY B 449 -37.67 20.23 -21.84
N ARG B 450 -38.37 21.15 -21.16
CA ARG B 450 -38.30 22.58 -21.54
C ARG B 450 -37.01 23.22 -21.01
N ASN B 451 -36.73 24.42 -21.48
CA ASN B 451 -35.52 25.16 -21.04
C ASN B 451 -34.26 24.35 -21.37
N SER B 452 -34.20 23.78 -22.56
CA SER B 452 -33.03 23.00 -22.98
C SER B 452 -31.79 23.90 -23.07
N THR B 453 -31.99 25.16 -23.46
CA THR B 453 -30.85 26.10 -23.56
C THR B 453 -30.25 26.36 -22.17
N GLU B 454 -31.08 26.34 -21.13
CA GLU B 454 -30.58 26.64 -19.76
C GLU B 454 -29.98 25.40 -19.11
N CYS B 455 -30.14 24.22 -19.71
CA CYS B 455 -29.61 22.98 -19.11
C CYS B 455 -28.08 23.01 -19.15
N THR B 456 -27.45 22.70 -18.02
CA THR B 456 -25.97 22.76 -17.93
C THR B 456 -25.43 21.35 -17.73
N LEU B 457 -24.52 20.94 -18.61
CA LEU B 457 -23.88 19.61 -18.47
C LEU B 457 -22.48 19.81 -17.92
N ILE B 458 -22.22 19.22 -16.75
CA ILE B 458 -20.91 19.37 -16.08
C ILE B 458 -20.11 18.09 -16.30
N LEU B 459 -18.84 18.25 -16.69
CA LEU B 459 -17.96 17.08 -16.87
C LEU B 459 -16.94 17.09 -15.73
N THR B 460 -16.89 16.01 -14.97
CA THR B 460 -15.99 15.94 -13.81
C THR B 460 -14.95 14.85 -14.06
N GLU B 461 -13.68 15.22 -13.99
CA GLU B 461 -12.60 14.24 -14.20
C GLU B 461 -12.51 13.30 -12.98
N GLY B 462 -12.01 12.10 -13.23
CA GLY B 462 -11.86 11.15 -12.12
C GLY B 462 -13.20 10.68 -11.58
N ASP B 463 -13.20 10.25 -10.31
CA ASP B 463 -14.45 9.76 -9.69
C ASP B 463 -14.75 10.47 -8.37
N SER B 464 -13.74 10.98 -7.67
CA SER B 464 -13.97 11.74 -6.42
C SER B 464 -14.71 13.04 -6.71
N ALA B 465 -14.47 13.61 -7.90
CA ALA B 465 -15.14 14.87 -8.27
C ALA B 465 -16.66 14.65 -8.31
N LYS B 466 -17.10 13.46 -8.73
CA LYS B 466 -18.55 13.17 -8.75
C LYS B 466 -19.11 13.22 -7.33
N THR B 467 -18.39 12.63 -6.37
CA THR B 467 -18.85 12.68 -4.97
C THR B 467 -18.85 14.13 -4.47
N LEU B 468 -17.83 14.89 -4.83
CA LEU B 468 -17.76 16.30 -4.39
C LEU B 468 -18.94 17.08 -4.97
N ALA B 469 -19.26 16.83 -6.24
CA ALA B 469 -20.39 17.54 -6.87
C ALA B 469 -21.72 17.14 -6.22
N VAL B 470 -21.87 15.85 -5.92
CA VAL B 470 -23.13 15.39 -5.27
C VAL B 470 -23.23 16.04 -3.89
N SER B 471 -22.12 16.14 -3.18
CA SER B 471 -22.12 16.75 -1.83
C SER B 471 -22.36 18.26 -1.89
N GLY B 472 -21.90 18.91 -2.96
CA GLY B 472 -22.00 20.38 -3.02
C GLY B 472 -23.26 20.92 -3.66
N LEU B 473 -23.75 20.28 -4.73
CA LEU B 473 -24.91 20.84 -5.47
C LEU B 473 -26.21 20.69 -4.68
N GLY B 474 -26.18 19.95 -3.57
CA GLY B 474 -27.38 19.79 -2.74
C GLY B 474 -27.87 21.13 -2.17
N VAL B 475 -26.98 22.11 -2.06
CA VAL B 475 -27.36 23.43 -1.53
C VAL B 475 -27.79 24.36 -2.66
N VAL B 476 -27.08 24.30 -3.79
CA VAL B 476 -27.40 25.28 -4.89
C VAL B 476 -28.69 24.88 -5.61
N GLY B 477 -28.72 23.66 -6.14
CA GLY B 477 -29.91 23.24 -6.88
C GLY B 477 -29.66 21.96 -7.67
N ARG B 478 -30.72 21.41 -8.26
CA ARG B 478 -30.60 20.17 -9.06
C ARG B 478 -31.28 20.31 -10.42
N ASP B 479 -31.97 21.42 -10.69
CA ASP B 479 -32.75 21.50 -11.95
C ASP B 479 -31.85 21.67 -13.17
N LYS B 480 -31.00 22.69 -13.16
CA LYS B 480 -30.13 22.95 -14.34
C LYS B 480 -28.72 22.48 -14.02
N TYR B 481 -28.60 21.21 -13.61
CA TYR B 481 -27.28 20.65 -13.28
C TYR B 481 -27.28 19.16 -13.63
N GLY B 482 -26.55 18.79 -14.67
CA GLY B 482 -26.39 17.36 -15.00
C GLY B 482 -24.93 17.00 -14.95
N VAL B 483 -24.53 16.17 -13.98
CA VAL B 483 -23.08 15.87 -13.78
C VAL B 483 -22.74 14.54 -14.42
N PHE B 484 -21.61 14.49 -15.10
CA PHE B 484 -21.14 13.21 -15.69
C PHE B 484 -19.66 13.04 -15.34
N PRO B 485 -19.27 11.90 -14.75
CA PRO B 485 -17.86 11.66 -14.45
C PRO B 485 -17.05 11.32 -15.69
N LEU B 486 -15.77 11.71 -15.68
CA LEU B 486 -14.87 11.42 -16.82
C LEU B 486 -13.94 10.28 -16.45
N ARG B 487 -13.51 9.53 -17.46
CA ARG B 487 -12.61 8.38 -17.21
C ARG B 487 -11.14 8.80 -17.26
N GLY B 488 -10.74 9.54 -18.29
CA GLY B 488 -9.31 9.89 -18.43
C GLY B 488 -9.02 10.46 -19.80
N LYS B 489 -8.01 9.90 -20.47
CA LYS B 489 -7.63 10.42 -21.80
C LYS B 489 -8.78 10.26 -22.79
N ILE B 490 -8.88 11.19 -23.73
CA ILE B 490 -9.95 11.14 -24.76
C ILE B 490 -9.32 10.74 -26.09
N LEU B 491 -10.00 9.87 -26.83
CA LEU B 491 -9.48 9.43 -28.14
C LEU B 491 -9.41 10.63 -29.08
N ASN B 492 -8.28 10.76 -29.77
CA ASN B 492 -8.12 11.89 -30.71
C ASN B 492 -8.88 11.53 -31.98
N VAL B 493 -9.93 12.29 -32.28
CA VAL B 493 -10.76 11.98 -33.47
C VAL B 493 -10.25 12.73 -34.70
N ARG B 494 -9.32 13.66 -34.52
CA ARG B 494 -8.83 14.46 -35.67
C ARG B 494 -8.05 13.56 -36.62
N GLU B 495 -7.25 12.64 -36.05
CA GLU B 495 -6.47 11.69 -36.88
C GLU B 495 -6.77 10.28 -36.41
N ALA B 496 -7.83 9.69 -36.96
CA ALA B 496 -8.20 8.32 -36.58
C ALA B 496 -9.01 7.71 -37.71
N SER B 497 -8.96 6.38 -37.82
CA SER B 497 -9.76 5.69 -38.86
C SER B 497 -11.23 5.70 -38.48
N HIS B 498 -12.09 5.47 -39.46
CA HIS B 498 -13.55 5.47 -39.20
C HIS B 498 -13.88 4.35 -38.21
N LYS B 499 -13.21 3.22 -38.33
CA LYS B 499 -13.43 2.10 -37.37
C LYS B 499 -12.99 2.53 -35.97
N GLN B 500 -11.90 3.29 -35.89
CA GLN B 500 -11.37 3.73 -34.57
C GLN B 500 -12.36 4.67 -33.88
N ILE B 501 -13.09 5.47 -34.64
CA ILE B 501 -14.02 6.47 -34.03
C ILE B 501 -15.11 5.73 -33.24
N MET B 502 -15.56 4.59 -33.75
CA MET B 502 -16.70 3.88 -33.12
C MET B 502 -16.23 2.83 -32.10
N GLU B 503 -15.04 3.02 -31.53
CA GLU B 503 -14.51 2.02 -30.57
C GLU B 503 -14.87 2.38 -29.14
N ASN B 504 -14.56 3.60 -28.71
CA ASN B 504 -14.78 3.96 -27.28
C ASN B 504 -16.27 4.19 -27.09
N ALA B 505 -16.88 3.40 -26.20
CA ALA B 505 -18.33 3.53 -25.93
C ALA B 505 -18.63 4.87 -25.26
N GLU B 506 -17.72 5.34 -24.42
CA GLU B 506 -17.97 6.59 -23.67
C GLU B 506 -18.05 7.78 -24.62
N ILE B 507 -17.16 7.82 -25.61
CA ILE B 507 -17.18 8.94 -26.59
C ILE B 507 -18.50 8.90 -27.35
N ASN B 508 -18.95 7.70 -27.72
CA ASN B 508 -20.23 7.57 -28.46
C ASN B 508 -21.38 7.99 -27.55
N ASN B 509 -21.31 7.65 -26.27
CA ASN B 509 -22.38 8.01 -25.31
C ASN B 509 -22.40 9.52 -25.06
N ILE B 510 -21.27 10.19 -25.27
CA ILE B 510 -21.26 11.66 -25.10
C ILE B 510 -22.25 12.29 -26.09
N ILE B 511 -22.28 11.78 -27.32
CA ILE B 511 -23.26 12.30 -28.32
C ILE B 511 -24.68 12.00 -27.85
N LYS B 512 -24.91 10.79 -27.35
CA LYS B 512 -26.28 10.42 -26.92
C LYS B 512 -26.71 11.34 -25.79
N ILE B 513 -25.78 11.69 -24.90
CA ILE B 513 -26.12 12.64 -23.81
C ILE B 513 -26.38 14.04 -24.38
N VAL B 514 -25.54 14.47 -25.31
CA VAL B 514 -25.71 15.86 -25.83
C VAL B 514 -26.77 15.88 -26.94
N GLY B 515 -26.59 15.07 -27.98
CA GLY B 515 -27.54 15.08 -29.10
C GLY B 515 -26.94 15.64 -30.38
N LEU B 516 -25.62 15.54 -30.51
CA LEU B 516 -24.94 16.09 -31.70
C LEU B 516 -25.24 15.27 -32.96
N GLN B 517 -25.23 15.93 -34.12
CA GLN B 517 -25.41 15.22 -35.40
C GLN B 517 -24.30 15.69 -36.34
N TYR B 518 -23.52 14.76 -36.86
CA TYR B 518 -22.35 15.14 -37.70
C TYR B 518 -22.77 15.83 -38.98
N LYS B 519 -23.87 15.40 -39.57
CA LYS B 519 -24.28 15.94 -40.90
C LYS B 519 -25.28 17.09 -40.73
N LYS B 520 -25.30 17.73 -39.56
CA LYS B 520 -26.21 18.88 -39.36
C LYS B 520 -25.42 20.06 -38.80
N ASN B 521 -25.61 21.23 -39.40
CA ASN B 521 -24.92 22.45 -38.92
C ASN B 521 -25.74 23.08 -37.80
N TYR B 522 -25.11 23.27 -36.65
CA TYR B 522 -25.81 23.89 -35.49
C TYR B 522 -25.55 25.39 -35.50
N GLU B 523 -26.08 26.09 -36.50
CA GLU B 523 -25.85 27.55 -36.62
C GLU B 523 -27.03 28.34 -36.06
N ASP B 524 -28.26 27.93 -36.37
CA ASP B 524 -29.45 28.68 -35.91
C ASP B 524 -29.72 28.43 -34.43
N GLU B 525 -30.38 29.38 -33.77
CA GLU B 525 -30.67 29.24 -32.33
C GLU B 525 -31.57 28.04 -32.08
N ASP B 526 -32.45 27.73 -33.03
CA ASP B 526 -33.32 26.54 -32.88
C ASP B 526 -32.47 25.27 -32.82
N SER B 527 -31.40 25.24 -33.61
CA SER B 527 -30.50 24.06 -33.59
C SER B 527 -29.84 23.94 -32.21
N LEU B 528 -29.48 25.07 -31.61
CA LEU B 528 -28.90 25.02 -30.23
C LEU B 528 -29.96 24.57 -29.23
N LYS B 529 -31.19 25.05 -29.39
CA LYS B 529 -32.28 24.64 -28.49
C LYS B 529 -32.58 23.16 -28.64
N THR B 530 -32.36 22.62 -29.84
CA THR B 530 -32.63 21.18 -30.09
C THR B 530 -31.76 20.33 -29.18
N LEU B 531 -30.53 20.76 -28.91
CA LEU B 531 -29.62 19.98 -28.05
C LEU B 531 -30.19 19.87 -26.63
N ARG B 532 -29.86 18.78 -25.95
CA ARG B 532 -30.36 18.55 -24.58
C ARG B 532 -29.73 19.53 -23.58
N TYR B 533 -28.60 20.12 -23.94
CA TYR B 533 -27.91 21.05 -23.02
C TYR B 533 -27.52 22.31 -23.79
N GLY B 534 -27.27 23.40 -23.05
CA GLY B 534 -26.90 24.66 -23.70
C GLY B 534 -25.47 25.06 -23.38
N LYS B 535 -24.97 24.65 -22.22
CA LYS B 535 -23.61 25.03 -21.80
C LYS B 535 -22.88 23.80 -21.27
N ILE B 536 -21.58 23.74 -21.55
CA ILE B 536 -20.75 22.62 -21.06
C ILE B 536 -19.69 23.21 -20.13
N MET B 537 -19.72 22.79 -18.86
CA MET B 537 -18.73 23.27 -17.88
C MET B 537 -17.83 22.10 -17.50
N ILE B 538 -16.54 22.27 -17.73
CA ILE B 538 -15.55 21.22 -17.35
C ILE B 538 -14.75 21.75 -16.16
N MET B 539 -14.42 20.85 -15.23
CA MET B 539 -13.63 21.23 -14.05
C MET B 539 -12.48 20.26 -13.87
N THR B 540 -11.30 20.81 -13.57
CA THR B 540 -10.09 19.99 -13.37
C THR B 540 -9.33 20.56 -12.18
N ASP B 541 -8.22 19.92 -11.84
CA ASP B 541 -7.37 20.41 -10.75
C ASP B 541 -6.40 21.49 -11.27
N GLN B 542 -5.67 22.10 -10.36
CA GLN B 542 -4.70 23.15 -10.75
C GLN B 542 -3.45 22.52 -11.37
N ASP B 543 -3.37 21.20 -11.40
CA ASP B 543 -2.22 20.51 -12.03
C ASP B 543 -2.30 20.67 -13.55
N GLN B 544 -1.26 20.24 -14.24
CA GLN B 544 -1.23 20.38 -15.71
C GLN B 544 -2.00 19.26 -16.40
N ASP B 545 -2.44 18.25 -15.66
CA ASP B 545 -3.11 17.07 -16.30
C ASP B 545 -4.42 17.48 -16.97
N GLY B 546 -5.18 18.36 -16.32
CA GLY B 546 -6.47 18.78 -16.87
C GLY B 546 -6.31 19.51 -18.19
N SER B 547 -5.15 20.11 -18.42
CA SER B 547 -4.92 20.85 -19.69
C SER B 547 -5.07 19.88 -20.87
N HIS B 548 -4.53 18.68 -20.74
CA HIS B 548 -4.61 17.70 -21.84
C HIS B 548 -6.07 17.33 -22.09
N ILE B 549 -6.83 17.12 -21.02
CA ILE B 549 -8.25 16.73 -21.18
C ILE B 549 -9.02 17.88 -21.85
N LYS B 550 -8.74 19.11 -21.42
CA LYS B 550 -9.44 20.27 -22.01
C LYS B 550 -9.08 20.40 -23.48
N GLY B 551 -7.81 20.20 -23.81
CA GLY B 551 -7.38 20.28 -25.21
C GLY B 551 -8.03 19.21 -26.05
N LEU B 552 -8.11 17.99 -25.52
CA LEU B 552 -8.74 16.88 -26.28
C LEU B 552 -10.23 17.19 -26.47
N LEU B 553 -10.87 17.76 -25.46
CA LEU B 553 -12.31 18.10 -25.61
C LEU B 553 -12.48 19.20 -26.66
N ILE B 554 -11.62 20.22 -26.63
CA ILE B 554 -11.72 21.31 -27.64
C ILE B 554 -11.48 20.74 -29.03
N ASN B 555 -10.54 19.80 -29.14
CA ASN B 555 -10.28 19.17 -30.44
C ASN B 555 -11.51 18.38 -30.89
N PHE B 556 -12.10 17.62 -29.97
CA PHE B 556 -13.27 16.78 -30.34
C PHE B 556 -14.42 17.68 -30.79
N ILE B 557 -14.59 18.81 -30.12
CA ILE B 557 -15.73 19.72 -30.48
C ILE B 557 -15.44 20.47 -31.79
N HIS B 558 -14.28 21.09 -31.89
CA HIS B 558 -13.98 21.95 -33.06
C HIS B 558 -13.79 21.14 -34.34
N HIS B 559 -13.41 19.88 -34.22
CA HIS B 559 -13.09 19.07 -35.41
C HIS B 559 -14.33 18.94 -36.30
N ASN B 560 -15.52 18.97 -35.72
CA ASN B 560 -16.75 18.76 -36.52
C ASN B 560 -17.72 19.93 -36.38
N TRP B 561 -17.64 20.65 -35.27
CA TRP B 561 -18.56 21.78 -35.03
C TRP B 561 -17.75 23.03 -34.65
N PRO B 562 -17.09 23.70 -35.60
CA PRO B 562 -16.42 24.95 -35.29
C PRO B 562 -17.38 26.09 -34.92
N SER B 563 -18.52 26.16 -35.60
CA SER B 563 -19.44 27.31 -35.41
C SER B 563 -19.98 27.36 -33.98
N LEU B 564 -19.90 26.25 -33.24
CA LEU B 564 -20.43 26.23 -31.86
C LEU B 564 -19.45 26.88 -30.88
N LEU B 565 -18.32 27.37 -31.38
CA LEU B 565 -17.30 27.98 -30.49
C LEU B 565 -17.56 29.48 -30.35
N ARG B 566 -18.75 29.96 -30.71
CA ARG B 566 -19.04 31.40 -30.59
C ARG B 566 -20.40 31.66 -29.95
N HIS B 567 -21.03 30.66 -29.34
CA HIS B 567 -22.40 30.84 -28.81
C HIS B 567 -22.46 30.53 -27.30
N ARG B 568 -21.39 30.83 -26.57
CA ARG B 568 -21.35 30.58 -25.10
C ARG B 568 -21.62 29.10 -24.82
N PHE B 569 -21.04 28.21 -25.63
CA PHE B 569 -21.27 26.77 -25.46
C PHE B 569 -20.36 26.15 -24.41
N LEU B 570 -19.16 26.70 -24.22
CA LEU B 570 -18.17 26.09 -23.29
C LEU B 570 -17.82 27.07 -22.18
N GLU B 571 -17.54 26.53 -21.00
CA GLU B 571 -17.11 27.36 -19.86
C GLU B 571 -16.16 26.52 -19.00
N GLU B 572 -15.64 27.12 -17.94
CA GLU B 572 -14.61 26.42 -17.14
C GLU B 572 -14.86 26.62 -15.65
N PHE B 573 -14.54 25.59 -14.87
CA PHE B 573 -14.62 25.70 -13.40
C PHE B 573 -13.23 25.42 -12.86
N ILE B 574 -12.83 26.21 -11.85
CA ILE B 574 -11.44 26.10 -11.33
C ILE B 574 -11.49 25.80 -9.85
N THR B 575 -10.36 25.39 -9.31
CA THR B 575 -10.26 25.01 -7.89
C THR B 575 -9.01 25.67 -7.30
N PRO B 576 -8.90 25.80 -5.97
CA PRO B 576 -7.69 26.32 -5.38
C PRO B 576 -6.56 25.27 -5.36
N ILE B 577 -5.34 25.73 -5.13
CA ILE B 577 -4.17 24.81 -5.10
C ILE B 577 -3.53 24.90 -3.70
N VAL B 578 -3.70 26.02 -3.02
CA VAL B 578 -3.06 26.21 -1.70
C VAL B 578 -3.83 27.28 -0.93
N LYS B 579 -3.85 27.16 0.39
CA LYS B 579 -4.53 28.18 1.23
C LYS B 579 -3.70 28.48 2.47
N VAL B 580 -3.63 29.75 2.83
CA VAL B 580 -2.91 30.15 4.07
C VAL B 580 -3.95 30.57 5.12
N SER B 581 -3.62 30.33 6.38
CA SER B 581 -4.56 30.66 7.47
C SER B 581 -3.79 31.09 8.71
N LYS B 582 -4.17 32.21 9.31
CA LYS B 582 -3.57 32.64 10.58
C LYS B 582 -4.56 33.58 11.25
N ASN B 583 -4.96 33.27 12.50
CA ASN B 583 -5.93 34.13 13.23
C ASN B 583 -7.22 34.26 12.44
N LYS B 584 -7.74 33.13 11.92
CA LYS B 584 -9.04 33.12 11.18
C LYS B 584 -8.98 34.06 9.98
N GLN B 585 -7.86 34.05 9.26
CA GLN B 585 -7.74 34.87 8.03
C GLN B 585 -7.25 33.96 6.91
N GLU B 586 -8.08 33.78 5.89
CA GLU B 586 -7.74 32.85 4.78
C GLU B 586 -7.53 33.65 3.49
N MET B 587 -6.64 33.15 2.65
CA MET B 587 -6.38 33.82 1.35
C MET B 587 -6.37 32.74 0.27
N ALA B 588 -6.96 33.07 -0.88
CA ALA B 588 -7.03 32.07 -1.97
C ALA B 588 -5.91 32.32 -2.96
N PHE B 589 -5.29 31.24 -3.43
CA PHE B 589 -4.24 31.35 -4.47
C PHE B 589 -4.48 30.28 -5.53
N TYR B 590 -4.45 30.67 -6.80
CA TYR B 590 -4.77 29.71 -7.88
C TYR B 590 -3.56 29.46 -8.78
N SER B 591 -2.42 30.06 -8.50
CA SER B 591 -1.26 29.88 -9.39
C SER B 591 0.02 29.82 -8.57
N LEU B 592 0.99 29.00 -8.99
CA LEU B 592 2.29 28.93 -8.30
C LEU B 592 3.06 30.25 -8.47
N PRO B 593 3.09 30.89 -9.66
CA PRO B 593 3.72 32.22 -9.76
C PRO B 593 3.00 33.23 -8.87
N GLU B 594 1.68 33.10 -8.74
CA GLU B 594 0.94 34.01 -7.82
C GLU B 594 1.44 33.79 -6.38
N PHE B 595 1.65 32.55 -5.99
CA PHE B 595 2.15 32.26 -4.63
C PHE B 595 3.57 32.82 -4.46
N GLU B 596 4.38 32.68 -5.51
CA GLU B 596 5.76 33.22 -5.44
C GLU B 596 5.72 34.74 -5.31
N GLU B 597 4.84 35.40 -6.06
CA GLU B 597 4.72 36.87 -5.96
C GLU B 597 4.22 37.25 -4.57
N TRP B 598 3.29 36.47 -4.03
CA TRP B 598 2.78 36.75 -2.67
C TRP B 598 3.92 36.63 -1.66
N LYS B 599 4.76 35.60 -1.80
CA LYS B 599 5.92 35.47 -0.89
C LYS B 599 6.87 36.64 -1.09
N SER B 600 7.12 37.04 -2.33
CA SER B 600 8.10 38.11 -2.59
C SER B 600 7.55 39.48 -2.16
N SER B 601 6.23 39.60 -2.04
CA SER B 601 5.60 40.92 -1.73
C SER B 601 5.16 41.04 -0.27
N THR B 602 5.21 39.95 0.50
CA THR B 602 4.70 40.03 1.90
C THR B 602 5.84 39.79 2.88
N PRO B 603 5.91 40.56 3.98
CA PRO B 603 6.95 40.32 4.98
C PRO B 603 6.62 39.16 5.91
N ASN B 604 7.43 38.98 6.97
CA ASN B 604 7.12 37.98 8.04
C ASN B 604 6.68 36.64 7.48
N HIS B 605 7.52 36.03 6.65
CA HIS B 605 7.18 34.71 6.08
C HIS B 605 7.15 33.64 7.17
N LYS B 606 6.60 32.47 6.84
CA LYS B 606 6.56 31.33 7.79
C LYS B 606 5.64 31.65 8.96
N LYS B 607 4.76 32.64 8.79
CA LYS B 607 3.78 32.98 9.86
C LYS B 607 2.39 32.47 9.47
N TRP B 608 2.03 32.58 8.20
CA TRP B 608 0.72 32.07 7.74
C TRP B 608 0.78 30.55 7.65
N LYS B 609 -0.10 29.86 8.36
CA LYS B 609 -0.11 28.38 8.29
C LYS B 609 -0.50 27.98 6.87
N VAL B 610 0.37 27.24 6.20
CA VAL B 610 0.12 26.91 4.77
C VAL B 610 -0.55 25.53 4.67
N LYS B 611 -1.41 25.37 3.68
CA LYS B 611 -2.03 24.05 3.45
C LYS B 611 -2.09 23.81 1.94
N TYR B 612 -1.44 22.73 1.47
CA TYR B 612 -1.44 22.42 0.03
C TYR B 612 -2.71 21.68 -0.36
N TYR B 613 -3.09 21.80 -1.63
CA TYR B 613 -4.28 21.08 -2.16
C TYR B 613 -3.87 20.40 -3.47
N LYS B 614 -3.25 19.23 -3.36
CA LYS B 614 -2.78 18.51 -4.57
C LYS B 614 -3.91 17.78 -5.30
N GLY B 615 -4.85 17.21 -4.56
CA GLY B 615 -5.91 16.39 -5.19
C GLY B 615 -7.31 16.80 -4.77
N LEU B 616 -8.28 15.91 -4.96
CA LEU B 616 -9.69 16.22 -4.60
C LEU B 616 -10.06 15.69 -3.23
N GLY B 617 -9.37 14.67 -2.73
CA GLY B 617 -9.71 14.06 -1.44
C GLY B 617 -9.50 15.00 -0.27
N THR B 618 -8.69 16.04 -0.46
CA THR B 618 -8.41 17.01 0.63
C THR B 618 -9.60 17.91 0.92
N SER B 619 -10.29 18.37 -0.12
CA SER B 619 -11.42 19.30 0.08
C SER B 619 -12.58 18.58 0.75
N THR B 620 -13.34 19.33 1.56
CA THR B 620 -14.50 18.75 2.27
C THR B 620 -15.78 19.43 1.80
N SER B 621 -16.92 18.99 2.32
CA SER B 621 -18.22 19.59 1.96
C SER B 621 -18.29 21.04 2.43
N LYS B 622 -17.73 21.34 3.60
CA LYS B 622 -17.75 22.73 4.12
C LYS B 622 -17.00 23.64 3.16
N GLU B 623 -15.91 23.15 2.58
CA GLU B 623 -15.18 23.94 1.55
C GLU B 623 -15.96 24.01 0.24
N ALA B 624 -16.63 22.93 -0.13
CA ALA B 624 -17.42 22.92 -1.38
C ALA B 624 -18.56 23.95 -1.28
N LYS B 625 -19.14 24.11 -0.10
CA LYS B 625 -20.22 25.10 0.07
C LYS B 625 -19.68 26.50 -0.23
N GLU B 626 -18.50 26.82 0.28
CA GLU B 626 -17.88 28.15 -0.02
C GLU B 626 -17.50 28.22 -1.51
N TYR B 627 -17.08 27.09 -2.07
CA TYR B 627 -16.70 27.08 -3.51
C TYR B 627 -17.92 27.42 -4.37
N PHE B 628 -19.07 26.86 -4.03
CA PHE B 628 -20.30 27.11 -4.82
C PHE B 628 -20.97 28.42 -4.38
N ALA B 629 -20.55 29.00 -3.26
CA ALA B 629 -21.13 30.27 -2.79
C ALA B 629 -20.73 31.42 -3.73
N ASP B 630 -19.62 31.26 -4.45
CA ASP B 630 -19.13 32.32 -5.36
C ASP B 630 -18.97 31.74 -6.76
N MET B 631 -19.96 31.98 -7.62
CA MET B 631 -19.90 31.45 -9.01
C MET B 631 -19.11 32.40 -9.91
N LYS B 632 -19.22 33.70 -9.69
CA LYS B 632 -18.56 34.68 -10.59
C LYS B 632 -17.04 34.58 -10.52
N ARG B 633 -16.51 33.95 -9.47
CA ARG B 633 -15.03 33.83 -9.31
C ARG B 633 -14.50 32.58 -10.02
N HIS B 634 -15.26 31.49 -10.00
CA HIS B 634 -14.77 30.22 -10.59
C HIS B 634 -15.40 29.93 -11.95
N ARG B 635 -16.69 30.20 -12.10
CA ARG B 635 -17.37 29.88 -13.37
C ARG B 635 -16.95 30.94 -14.37
N ILE B 636 -16.01 30.58 -15.24
CA ILE B 636 -15.48 31.56 -16.23
C ILE B 636 -15.73 30.98 -17.62
N GLN B 637 -16.25 31.83 -18.51
CA GLN B 637 -16.53 31.39 -19.89
C GLN B 637 -15.28 31.58 -20.75
N PHE B 638 -15.45 31.42 -22.06
CA PHE B 638 -14.32 31.57 -23.00
C PHE B 638 -14.65 32.65 -24.01
N LYS B 639 -13.69 32.93 -24.89
CA LYS B 639 -13.92 33.92 -25.96
C LYS B 639 -13.19 33.47 -27.22
N TYR B 640 -13.81 33.68 -28.38
CA TYR B 640 -13.15 33.33 -29.65
C TYR B 640 -13.22 34.54 -30.59
N SER B 641 -12.08 34.95 -31.10
CA SER B 641 -12.05 36.10 -32.04
C SER B 641 -10.98 35.85 -33.10
N GLY B 642 -11.38 35.79 -34.36
CA GLY B 642 -10.40 35.59 -35.44
C GLY B 642 -10.14 34.11 -35.65
N PRO B 643 -9.95 33.67 -36.91
CA PRO B 643 -9.65 32.26 -37.19
C PRO B 643 -8.21 31.87 -36.82
N GLU B 644 -7.35 32.84 -36.55
CA GLU B 644 -5.93 32.55 -36.28
C GLU B 644 -5.80 31.60 -35.07
N ASP B 645 -6.66 31.76 -34.08
CA ASP B 645 -6.61 30.89 -32.88
C ASP B 645 -6.76 29.43 -33.29
N ASP B 646 -7.58 29.16 -34.31
CA ASP B 646 -7.78 27.76 -34.76
C ASP B 646 -6.44 27.16 -35.17
N ALA B 647 -5.57 27.96 -35.77
CA ALA B 647 -4.24 27.43 -36.14
C ALA B 647 -3.54 26.94 -34.88
N ALA B 648 -3.57 27.73 -33.80
CA ALA B 648 -2.98 27.28 -32.52
C ALA B 648 -3.72 26.02 -32.04
N ILE B 649 -5.03 25.98 -32.23
CA ILE B 649 -5.81 24.79 -31.82
C ILE B 649 -5.28 23.58 -32.61
N SER B 650 -4.90 23.80 -33.87
CA SER B 650 -4.32 22.72 -34.68
C SER B 650 -2.84 22.52 -34.36
N LEU B 651 -2.19 23.52 -33.78
CA LEU B 651 -0.71 23.42 -33.59
C LEU B 651 -0.38 22.21 -32.72
N ALA B 652 -1.13 22.01 -31.64
CA ALA B 652 -0.85 20.88 -30.72
C ALA B 652 -1.55 19.61 -31.21
N PHE B 653 -2.22 19.68 -32.36
CA PHE B 653 -2.98 18.49 -32.81
C PHE B 653 -2.79 18.22 -34.31
N SER B 654 -1.66 18.59 -34.88
CA SER B 654 -1.41 18.36 -36.33
C SER B 654 -0.20 17.46 -36.49
N LYS B 655 -0.34 16.39 -37.26
CA LYS B 655 0.79 15.46 -37.47
C LYS B 655 1.74 16.02 -38.53
N LYS B 656 1.38 17.14 -39.16
CA LYS B 656 2.26 17.73 -40.20
C LYS B 656 2.99 18.97 -39.67
N GLN B 657 2.80 19.31 -38.40
CA GLN B 657 3.42 20.53 -37.82
C GLN B 657 4.40 20.15 -36.70
N ILE B 658 5.15 19.08 -36.90
CA ILE B 658 6.09 18.63 -35.85
C ILE B 658 7.19 19.67 -35.64
N ASP B 659 7.74 20.17 -36.73
CA ASP B 659 8.83 21.19 -36.63
C ASP B 659 8.29 22.47 -36.00
N ASP B 660 7.04 22.80 -36.29
CA ASP B 660 6.44 24.02 -35.67
C ASP B 660 6.38 23.85 -34.16
N ARG B 661 5.96 22.68 -33.68
CA ARG B 661 5.93 22.43 -32.22
C ARG B 661 7.35 22.45 -31.68
N LYS B 662 8.30 21.94 -32.45
CA LYS B 662 9.70 21.95 -32.00
C LYS B 662 10.16 23.39 -31.79
N GLU B 663 9.86 24.26 -32.75
CA GLU B 663 10.26 25.69 -32.63
C GLU B 663 9.52 26.31 -31.45
N TRP B 664 8.26 25.92 -31.24
CA TRP B 664 7.47 26.50 -30.14
C TRP B 664 8.10 26.13 -28.79
N LEU B 665 8.44 24.85 -28.60
CA LEU B 665 9.07 24.42 -27.34
C LEU B 665 10.43 25.11 -27.20
N THR B 666 11.15 25.24 -28.31
CA THR B 666 12.49 25.87 -28.25
C THR B 666 12.36 27.32 -27.82
N ASN B 667 11.38 28.03 -28.38
CA ASN B 667 11.17 29.45 -28.01
C ASN B 667 10.81 29.54 -26.52
N PHE B 668 9.95 28.64 -26.06
CA PHE B 668 9.54 28.70 -24.64
C PHE B 668 10.74 28.41 -23.73
N MET B 669 11.54 27.42 -24.10
CA MET B 669 12.71 27.07 -23.25
C MET B 669 13.70 28.23 -23.23
N GLU B 670 13.91 28.86 -24.38
CA GLU B 670 14.85 30.02 -24.43
C GLU B 670 14.30 31.16 -23.56
N ASP B 671 13.00 31.41 -23.65
CA ASP B 671 12.40 32.51 -22.86
C ASP B 671 12.54 32.19 -21.36
N ARG B 672 12.29 30.95 -20.99
CA ARG B 672 12.38 30.57 -19.55
C ARG B 672 13.84 30.72 -19.08
N ARG B 673 14.79 30.29 -19.91
CA ARG B 673 16.21 30.39 -19.53
C ARG B 673 16.58 31.86 -19.35
N GLN B 674 16.14 32.71 -20.29
CA GLN B 674 16.49 34.15 -20.21
C GLN B 674 15.85 34.77 -18.97
N ARG B 675 14.60 34.42 -18.69
CA ARG B 675 13.90 35.01 -17.52
C ARG B 675 14.57 34.55 -16.23
N LYS B 676 14.97 33.29 -16.17
CA LYS B 676 15.65 32.79 -14.95
C LYS B 676 17.02 33.46 -14.79
N LEU B 677 17.73 33.66 -15.90
CA LEU B 677 19.05 34.32 -15.82
C LEU B 677 18.89 35.78 -15.38
N LEU B 678 17.88 36.47 -15.91
CA LEU B 678 17.67 37.90 -15.58
C LEU B 678 16.96 38.03 -14.23
N GLY B 679 16.35 36.96 -13.72
CA GLY B 679 15.66 36.99 -12.42
C GLY B 679 14.31 37.68 -12.48
N LEU B 680 13.83 38.00 -13.69
CA LEU B 680 12.49 38.62 -13.82
C LEU B 680 11.40 37.57 -13.59
N PRO B 681 10.36 37.86 -12.80
CA PRO B 681 9.29 36.90 -12.59
C PRO B 681 8.46 36.71 -13.86
N GLU B 682 7.98 35.48 -14.06
CA GLU B 682 7.20 35.17 -15.28
C GLU B 682 5.75 35.65 -15.12
N ASP B 683 4.95 35.42 -16.16
CA ASP B 683 3.53 35.85 -16.13
C ASP B 683 2.64 34.66 -15.77
N TYR B 684 1.49 34.94 -15.19
CA TYR B 684 0.54 33.88 -14.81
C TYR B 684 -0.88 34.37 -15.05
N LEU B 685 -1.82 33.44 -15.02
CA LEU B 685 -3.25 33.81 -15.24
C LEU B 685 -4.03 33.74 -13.92
N TYR B 686 -5.31 34.12 -13.98
CA TYR B 686 -6.21 34.06 -12.79
C TYR B 686 -5.72 34.99 -11.69
N GLY B 687 -5.01 36.07 -12.07
CA GLY B 687 -4.61 37.03 -11.03
C GLY B 687 -5.80 37.74 -10.43
N GLN B 688 -6.71 38.22 -11.28
CA GLN B 688 -7.93 38.90 -10.80
C GLN B 688 -9.11 38.15 -11.43
N THR B 689 -10.32 38.62 -11.14
CA THR B 689 -11.52 37.98 -11.72
C THR B 689 -11.56 38.20 -13.24
N THR B 690 -11.99 37.17 -13.97
CA THR B 690 -12.11 37.28 -15.44
C THR B 690 -13.45 36.70 -15.86
N THR B 691 -14.04 37.28 -16.91
CA THR B 691 -15.34 36.77 -17.41
C THR B 691 -15.11 35.77 -18.55
N TYR B 692 -14.17 36.06 -19.44
CA TYR B 692 -13.94 35.20 -20.61
C TYR B 692 -12.50 34.69 -20.55
N LEU B 693 -12.12 33.92 -21.58
CA LEU B 693 -10.73 33.44 -21.66
C LEU B 693 -10.40 33.24 -23.13
N THR B 694 -9.41 33.95 -23.63
CA THR B 694 -9.01 33.80 -25.04
C THR B 694 -8.31 32.47 -25.25
N TYR B 695 -8.50 31.88 -26.43
CA TYR B 695 -7.87 30.59 -26.75
C TYR B 695 -6.37 30.75 -26.97
N ASN B 696 -5.95 31.89 -27.52
CA ASN B 696 -4.50 32.03 -27.86
C ASN B 696 -3.67 31.95 -26.59
N ASP B 697 -4.03 32.73 -25.58
CA ASP B 697 -3.30 32.69 -24.29
C ASP B 697 -3.54 31.32 -23.64
N PHE B 698 -4.73 30.77 -23.83
CA PHE B 698 -5.03 29.46 -23.21
C PHE B 698 -4.03 28.41 -23.71
N ILE B 699 -3.77 28.41 -25.01
CA ILE B 699 -2.80 27.45 -25.58
C ILE B 699 -1.37 27.84 -25.22
N ASN B 700 -1.07 29.13 -25.27
CA ASN B 700 0.34 29.57 -25.10
C ASN B 700 0.78 29.60 -23.64
N LYS B 701 -0.15 29.46 -22.69
CA LYS B 701 0.25 29.61 -21.27
C LYS B 701 -0.02 28.36 -20.43
N GLU B 702 -1.14 27.68 -20.66
CA GLU B 702 -1.49 26.56 -19.74
C GLU B 702 -1.05 25.20 -20.28
N LEU B 703 -1.40 24.88 -21.53
CA LEU B 703 -1.05 23.55 -22.08
C LEU B 703 0.47 23.45 -22.23
N ILE B 704 1.12 24.58 -22.46
CA ILE B 704 2.59 24.56 -22.64
C ILE B 704 3.26 24.07 -21.35
N LEU B 705 2.68 24.41 -20.20
CA LEU B 705 3.25 23.90 -18.94
C LEU B 705 3.14 22.38 -18.88
N PHE B 706 2.01 21.83 -19.31
CA PHE B 706 1.87 20.36 -19.33
C PHE B 706 2.86 19.74 -20.31
N SER B 707 3.06 20.39 -21.45
CA SER B 707 4.04 19.86 -22.43
C SER B 707 5.43 19.86 -21.80
N ASN B 708 5.81 20.95 -21.14
CA ASN B 708 7.16 21.03 -20.54
C ASN B 708 7.29 19.97 -19.44
N SER B 709 6.27 19.82 -18.61
CA SER B 709 6.33 18.84 -17.49
C SER B 709 6.43 17.41 -18.05
N ASP B 710 5.63 17.11 -19.07
CA ASP B 710 5.66 15.76 -19.66
C ASP B 710 7.04 15.50 -20.27
N ASN B 711 7.60 16.50 -20.93
CA ASN B 711 8.94 16.32 -21.54
C ASN B 711 10.00 16.13 -20.46
N GLU B 712 9.88 16.86 -19.35
CA GLU B 712 10.86 16.74 -18.24
C GLU B 712 10.75 15.37 -17.58
N ARG B 713 9.53 14.84 -17.48
CA ARG B 713 9.36 13.56 -16.74
C ARG B 713 9.46 12.34 -17.66
N SER B 714 9.41 12.53 -18.98
CA SER B 714 9.38 11.35 -19.89
C SER B 714 10.77 10.86 -20.25
N ILE B 715 11.67 11.76 -20.63
CA ILE B 715 13.01 11.35 -21.12
C ILE B 715 14.04 11.69 -20.05
N PRO B 716 14.92 10.76 -19.68
CA PRO B 716 15.96 11.06 -18.71
C PRO B 716 17.07 11.93 -19.30
N SER B 717 17.94 12.41 -18.42
CA SER B 717 19.06 13.27 -18.85
C SER B 717 20.24 12.43 -19.33
N MET B 718 21.27 13.09 -19.84
CA MET B 718 22.47 12.37 -20.32
C MET B 718 23.47 12.15 -19.19
N VAL B 719 23.34 12.88 -18.08
CA VAL B 719 24.37 12.76 -17.02
C VAL B 719 24.24 11.42 -16.31
N ASP B 720 23.03 11.10 -15.83
CA ASP B 720 22.84 9.84 -15.07
C ASP B 720 21.94 8.88 -15.85
N GLY B 721 21.13 9.39 -16.77
CA GLY B 721 20.18 8.53 -17.50
C GLY B 721 19.13 7.89 -16.61
N LEU B 722 18.59 8.67 -15.67
CA LEU B 722 17.54 8.14 -14.78
C LEU B 722 16.33 9.08 -14.82
N LYS B 723 15.15 8.50 -14.97
CA LYS B 723 13.92 9.31 -14.99
C LYS B 723 13.57 9.77 -13.57
N PRO B 724 12.73 10.80 -13.40
CA PRO B 724 12.41 11.29 -12.08
C PRO B 724 11.80 10.22 -11.17
N GLY B 725 10.96 9.34 -11.72
CA GLY B 725 10.41 8.26 -10.87
C GLY B 725 11.50 7.32 -10.39
N GLN B 726 12.37 6.88 -11.28
CA GLN B 726 13.50 6.02 -10.86
C GLN B 726 14.36 6.79 -9.87
N ARG B 727 14.53 8.09 -10.10
CA ARG B 727 15.38 8.89 -9.20
C ARG B 727 14.78 8.91 -7.80
N LYS B 728 13.47 9.12 -7.70
CA LYS B 728 12.83 9.16 -6.37
C LYS B 728 12.94 7.80 -5.71
N VAL B 729 12.71 6.74 -6.47
CA VAL B 729 12.73 5.38 -5.87
C VAL B 729 14.14 5.10 -5.35
N LEU B 730 15.15 5.41 -6.15
CA LEU B 730 16.54 5.10 -5.74
C LEU B 730 16.94 5.96 -4.54
N PHE B 731 16.51 7.21 -4.51
CA PHE B 731 16.83 8.08 -3.35
C PHE B 731 16.19 7.54 -2.08
N THR B 732 14.94 7.12 -2.18
CA THR B 732 14.25 6.57 -1.00
C THR B 732 14.95 5.29 -0.55
N CYS B 733 15.41 4.49 -1.52
CA CYS B 733 16.14 3.26 -1.15
C CYS B 733 17.46 3.60 -0.47
N PHE B 734 18.13 4.65 -0.96
CA PHE B 734 19.39 5.09 -0.32
C PHE B 734 19.13 5.61 1.09
N LYS B 735 17.93 6.14 1.33
CA LYS B 735 17.62 6.72 2.66
C LYS B 735 17.76 5.63 3.72
N ARG B 736 17.36 4.40 3.40
CA ARG B 736 17.44 3.29 4.36
C ARG B 736 18.56 2.32 4.00
N ASN B 737 18.73 1.28 4.80
CA ASN B 737 19.78 0.27 4.53
C ASN B 737 19.20 -0.95 3.82
N ASP B 738 18.05 -1.45 4.29
CA ASP B 738 17.38 -2.62 3.65
C ASP B 738 18.30 -3.84 3.62
N LYS B 739 18.76 -4.29 4.78
CA LYS B 739 19.58 -5.52 4.83
C LYS B 739 18.75 -6.74 4.44
N ARG B 740 17.50 -6.78 4.89
CA ARG B 740 16.59 -7.90 4.55
C ARG B 740 15.72 -7.54 3.34
N GLU B 741 14.79 -8.41 3.01
CA GLU B 741 13.86 -8.14 1.89
C GLU B 741 12.78 -7.16 2.31
N VAL B 742 12.01 -6.69 1.32
CA VAL B 742 10.92 -5.72 1.62
C VAL B 742 9.85 -5.88 0.55
N LYS B 743 8.61 -5.55 0.89
CA LYS B 743 7.50 -5.64 -0.09
C LYS B 743 7.51 -4.45 -1.03
N VAL B 744 6.99 -4.66 -2.23
CA VAL B 744 6.92 -3.57 -3.24
C VAL B 744 5.83 -2.56 -2.88
N ALA B 745 4.65 -3.06 -2.53
CA ALA B 745 3.53 -2.17 -2.21
C ALA B 745 3.86 -1.36 -0.96
N GLN B 746 4.51 -1.99 0.02
CA GLN B 746 4.91 -1.26 1.25
C GLN B 746 5.97 -0.21 0.93
N LEU B 747 6.89 -0.53 0.02
CA LEU B 747 7.96 0.43 -0.35
C LEU B 747 7.39 1.61 -1.14
N ALA B 748 6.36 1.36 -1.93
CA ALA B 748 5.79 2.44 -2.76
C ALA B 748 5.26 3.58 -1.88
N GLY B 749 4.58 3.22 -0.79
CA GLY B 749 4.06 4.26 0.12
C GLY B 749 5.18 5.05 0.75
N SER B 750 6.25 4.37 1.16
CA SER B 750 7.41 5.06 1.78
C SER B 750 8.06 5.98 0.75
N VAL B 751 8.13 5.53 -0.51
CA VAL B 751 8.71 6.41 -1.57
C VAL B 751 7.81 7.64 -1.75
N ALA B 752 6.50 7.43 -1.81
CA ALA B 752 5.58 8.57 -2.06
C ALA B 752 5.59 9.53 -0.86
N GLU B 753 5.80 9.00 0.33
CA GLU B 753 5.75 9.87 1.54
C GLU B 753 6.90 10.86 1.56
N MET B 754 8.10 10.43 1.18
CA MET B 754 9.28 11.32 1.31
C MET B 754 9.63 12.04 0.00
N SER B 755 9.30 11.44 -1.15
CA SER B 755 9.72 12.03 -2.45
C SER B 755 8.67 13.00 -2.99
N SER B 756 7.61 13.26 -2.22
CA SER B 756 6.53 14.17 -2.69
C SER B 756 5.95 13.68 -4.02
N TYR B 757 5.62 12.39 -4.08
CA TYR B 757 5.07 11.80 -5.31
C TYR B 757 3.57 12.06 -5.36
N HIS B 758 3.11 12.64 -6.47
CA HIS B 758 1.68 13.00 -6.60
C HIS B 758 1.12 12.47 -7.93
N HIS B 759 1.42 11.21 -8.23
CA HIS B 759 0.92 10.62 -9.50
C HIS B 759 0.30 9.25 -9.20
N GLY B 760 -0.53 9.18 -8.16
CA GLY B 760 -1.21 7.91 -7.86
C GLY B 760 -0.26 6.91 -7.25
N GLU B 761 -0.57 5.62 -7.40
CA GLU B 761 0.31 4.56 -6.84
C GLU B 761 0.66 3.55 -7.93
N MET B 762 -0.20 3.42 -8.93
CA MET B 762 0.02 2.38 -9.97
C MET B 762 1.28 2.68 -10.79
N SER B 763 1.49 3.94 -11.13
CA SER B 763 2.64 4.29 -11.98
C SER B 763 3.95 4.00 -11.25
N LEU B 764 4.00 4.30 -9.95
CA LEU B 764 5.23 4.06 -9.17
C LEU B 764 5.51 2.56 -9.10
N MET B 765 4.47 1.76 -8.85
CA MET B 765 4.65 0.30 -8.77
C MET B 765 5.08 -0.23 -10.14
N MET B 766 4.52 0.31 -11.22
CA MET B 766 4.93 -0.12 -12.57
C MET B 766 6.41 0.24 -12.80
N THR B 767 6.84 1.41 -12.37
CA THR B 767 8.25 1.79 -12.53
C THR B 767 9.14 0.84 -11.73
N ILE B 768 8.70 0.49 -10.52
CA ILE B 768 9.50 -0.46 -9.70
C ILE B 768 9.58 -1.80 -10.42
N ILE B 769 8.48 -2.24 -11.02
CA ILE B 769 8.49 -3.54 -11.75
C ILE B 769 9.46 -3.46 -12.93
N ASN B 770 9.43 -2.34 -13.65
CA ASN B 770 10.36 -2.17 -14.80
C ASN B 770 11.80 -2.19 -14.29
N LEU B 771 12.05 -1.58 -13.14
CA LEU B 771 13.42 -1.62 -12.55
C LEU B 771 13.77 -3.05 -12.14
N ALA B 772 12.76 -3.85 -11.78
CA ALA B 772 13.02 -5.23 -11.29
C ALA B 772 13.28 -6.20 -12.45
N GLN B 773 12.82 -5.87 -13.65
CA GLN B 773 12.95 -6.83 -14.78
C GLN B 773 14.42 -6.93 -15.19
N ASN B 774 14.91 -8.16 -15.27
CA ASN B 774 16.34 -8.36 -15.66
C ASN B 774 16.49 -9.53 -16.62
N PHE B 775 15.41 -9.97 -17.25
CA PHE B 775 15.51 -11.16 -18.13
C PHE B 775 16.21 -10.79 -19.44
N VAL B 776 16.50 -11.80 -20.24
CA VAL B 776 17.25 -11.56 -21.49
C VAL B 776 16.42 -10.70 -22.44
N GLY B 777 17.04 -9.63 -22.95
CA GLY B 777 16.34 -8.73 -23.89
C GLY B 777 15.65 -7.55 -23.22
N SER B 778 15.78 -7.41 -21.90
CA SER B 778 15.12 -6.30 -21.18
C SER B 778 16.16 -5.34 -20.61
N ASN B 779 17.10 -5.86 -19.82
CA ASN B 779 18.11 -5.01 -19.17
C ASN B 779 19.42 -5.76 -19.08
N ASN B 780 20.47 -5.07 -18.65
CA ASN B 780 21.79 -5.74 -18.49
C ASN B 780 22.33 -5.60 -17.06
N LEU B 781 21.87 -4.60 -16.32
CA LEU B 781 22.32 -4.44 -14.92
C LEU B 781 21.21 -3.76 -14.13
N ASN B 782 20.63 -4.49 -13.19
CA ASN B 782 19.49 -3.93 -12.41
C ASN B 782 19.98 -3.40 -11.07
N LEU B 783 19.10 -2.71 -10.36
CA LEU B 783 19.45 -2.20 -9.01
C LEU B 783 18.75 -3.02 -7.93
N LEU B 784 18.07 -4.10 -8.31
CA LEU B 784 17.34 -4.94 -7.31
C LEU B 784 17.72 -6.40 -7.50
N GLN B 785 17.04 -7.28 -6.77
CA GLN B 785 17.31 -8.74 -6.88
C GLN B 785 16.01 -9.45 -7.25
N PRO B 786 16.03 -10.42 -8.18
CA PRO B 786 14.80 -11.07 -8.57
C PRO B 786 14.28 -12.00 -7.47
N ILE B 787 13.17 -11.61 -6.85
CA ILE B 787 12.54 -12.45 -5.79
C ILE B 787 11.08 -12.61 -6.20
N GLY B 788 10.72 -13.80 -6.69
CA GLY B 788 9.33 -14.04 -7.11
C GLY B 788 9.18 -14.09 -8.63
N GLN B 789 7.94 -13.99 -9.09
CA GLN B 789 7.68 -14.06 -10.54
C GLN B 789 7.58 -12.63 -11.06
N PHE B 790 8.65 -12.15 -11.69
CA PHE B 790 8.66 -10.76 -12.21
C PHE B 790 8.29 -10.75 -13.69
N GLY B 791 7.60 -11.78 -14.15
CA GLY B 791 7.23 -11.85 -15.57
C GLY B 791 8.27 -12.64 -16.34
N THR B 792 7.81 -13.63 -17.11
CA THR B 792 8.75 -14.47 -17.88
C THR B 792 8.96 -13.91 -19.28
N ARG B 793 9.85 -14.56 -20.04
CA ARG B 793 10.15 -14.11 -21.41
C ARG B 793 9.21 -14.78 -22.41
N LEU B 794 8.09 -15.32 -21.94
CA LEU B 794 7.18 -16.06 -22.84
C LEU B 794 6.00 -15.20 -23.30
N HIS B 795 5.27 -14.60 -22.36
CA HIS B 795 4.03 -13.87 -22.74
C HIS B 795 4.14 -12.40 -22.37
N GLY B 796 4.80 -11.61 -23.23
CA GLY B 796 4.81 -10.15 -23.08
C GLY B 796 5.66 -9.62 -21.94
N GLY B 797 6.03 -10.48 -20.99
CA GLY B 797 6.81 -10.03 -19.83
C GLY B 797 6.01 -9.17 -18.88
N LYS B 798 4.71 -8.99 -19.12
CA LYS B 798 3.86 -8.13 -18.27
C LYS B 798 2.84 -9.00 -17.52
N ASP B 799 3.14 -10.29 -17.37
CA ASP B 799 2.21 -11.23 -16.69
C ASP B 799 2.63 -11.44 -15.24
N SER B 800 3.28 -10.43 -14.64
CA SER B 800 3.74 -10.55 -13.25
C SER B 800 2.56 -10.50 -12.28
N ALA B 801 2.80 -10.86 -11.03
CA ALA B 801 1.72 -10.89 -10.02
C ALA B 801 1.52 -9.52 -9.38
N SER B 802 0.71 -9.46 -8.33
CA SER B 802 0.48 -8.19 -7.61
C SER B 802 1.78 -7.73 -6.95
N PRO B 803 2.02 -6.42 -6.79
CA PRO B 803 3.22 -5.95 -6.12
C PRO B 803 3.34 -6.48 -4.68
N ARG B 804 2.21 -6.77 -4.04
CA ARG B 804 2.27 -7.37 -2.67
C ARG B 804 2.53 -8.87 -2.75
N TYR B 805 2.17 -9.52 -3.85
CA TYR B 805 2.52 -10.95 -4.00
C TYR B 805 4.04 -11.11 -4.07
N ILE B 806 4.71 -10.18 -4.76
CA ILE B 806 6.17 -10.31 -4.99
C ILE B 806 6.96 -9.56 -3.94
N PHE B 807 8.21 -9.97 -3.73
CA PHE B 807 9.12 -9.30 -2.79
C PHE B 807 10.29 -8.72 -3.58
N THR B 808 11.07 -7.88 -2.92
CA THR B 808 12.24 -7.27 -3.59
C THR B 808 13.35 -7.01 -2.57
N MET B 809 14.56 -6.77 -3.08
CA MET B 809 15.71 -6.49 -2.20
C MET B 809 16.73 -5.68 -3.00
N LEU B 810 17.39 -4.74 -2.34
CA LEU B 810 18.39 -3.89 -3.03
C LEU B 810 19.60 -4.72 -3.44
N SER B 811 20.17 -4.38 -4.58
CA SER B 811 21.37 -5.08 -5.08
C SER B 811 22.62 -4.57 -4.39
N SER B 812 23.75 -5.25 -4.62
CA SER B 812 25.02 -4.83 -4.00
C SER B 812 25.84 -3.90 -4.91
N LEU B 813 25.45 -3.76 -6.17
CA LEU B 813 26.19 -2.89 -7.11
C LEU B 813 25.93 -1.40 -6.84
N ALA B 814 24.77 -1.06 -6.28
CA ALA B 814 24.42 0.37 -6.08
C ALA B 814 25.41 1.05 -5.14
N ARG B 815 25.97 0.30 -4.21
CA ARG B 815 26.92 0.90 -3.24
C ARG B 815 28.17 1.41 -3.98
N LEU B 816 28.61 0.69 -5.01
CA LEU B 816 29.81 1.11 -5.77
C LEU B 816 29.45 2.10 -6.88
N LEU B 817 28.25 2.00 -7.44
CA LEU B 817 27.84 2.93 -8.52
C LEU B 817 27.71 4.36 -7.98
N PHE B 818 27.03 4.51 -6.85
CA PHE B 818 26.85 5.85 -6.24
C PHE B 818 27.51 5.84 -4.88
N PRO B 819 28.78 6.24 -4.77
CA PRO B 819 29.44 6.32 -3.48
C PRO B 819 28.74 7.36 -2.59
N PRO B 820 28.61 7.08 -1.27
CA PRO B 820 27.96 8.03 -0.37
C PRO B 820 28.69 9.37 -0.30
N LYS B 821 30.01 9.38 -0.50
CA LYS B 821 30.81 10.62 -0.37
C LYS B 821 30.38 11.66 -1.39
N ASP B 822 29.61 11.27 -2.40
CA ASP B 822 29.13 12.21 -3.44
C ASP B 822 27.92 13.00 -2.97
N ASP B 823 27.42 12.75 -1.77
CA ASP B 823 26.25 13.47 -1.24
C ASP B 823 26.56 14.97 -1.05
N HIS B 824 27.82 15.31 -0.84
CA HIS B 824 28.19 16.73 -0.59
C HIS B 824 28.52 17.44 -1.90
N THR B 825 28.33 16.78 -3.04
CA THR B 825 28.70 17.39 -4.33
C THR B 825 27.50 18.16 -4.93
N LEU B 826 26.35 17.49 -5.04
CA LEU B 826 25.20 18.15 -5.71
C LEU B 826 24.37 18.92 -4.69
N LYS B 827 23.66 19.94 -5.18
CA LYS B 827 22.79 20.75 -4.29
C LYS B 827 21.37 20.23 -4.40
N PHE B 828 20.78 19.86 -3.28
CA PHE B 828 19.41 19.30 -3.30
C PHE B 828 18.38 20.42 -3.40
N LEU B 829 17.19 20.06 -3.87
CA LEU B 829 16.09 21.04 -3.94
C LEU B 829 15.47 21.24 -2.55
N TYR B 830 14.70 22.32 -2.40
CA TYR B 830 14.08 22.63 -1.10
C TYR B 830 12.56 22.71 -1.30
N ASP B 831 11.89 21.58 -1.16
CA ASP B 831 10.41 21.55 -1.26
C ASP B 831 9.83 21.19 0.10
N ASP B 832 8.87 21.98 0.58
CA ASP B 832 8.24 21.75 1.91
C ASP B 832 9.31 21.84 3.00
N ASN B 833 10.36 22.64 2.75
CA ASN B 833 11.46 22.80 3.73
C ASN B 833 12.03 21.43 4.06
N GLN B 834 12.12 20.54 3.07
CA GLN B 834 12.57 19.16 3.32
C GLN B 834 13.73 18.83 2.37
N ARG B 835 14.72 18.10 2.90
CA ARG B 835 15.87 17.68 2.07
C ARG B 835 15.37 16.58 1.14
N VAL B 836 15.40 16.86 -0.15
CA VAL B 836 14.82 15.90 -1.14
C VAL B 836 15.93 15.42 -2.08
N GLU B 837 15.56 14.58 -3.04
CA GLU B 837 16.56 14.02 -3.98
C GLU B 837 17.13 15.13 -4.86
N PRO B 838 18.35 14.95 -5.40
CA PRO B 838 18.92 15.94 -6.29
C PRO B 838 18.29 15.89 -7.68
N GLU B 839 18.77 16.77 -8.57
CA GLU B 839 18.23 16.81 -9.95
C GLU B 839 18.82 15.70 -10.81
N TRP B 840 20.03 15.26 -10.49
CA TRP B 840 20.65 14.15 -11.25
C TRP B 840 21.61 13.40 -10.34
N TYR B 841 22.42 12.53 -10.92
CA TYR B 841 23.44 11.81 -10.13
C TYR B 841 24.70 11.69 -10.97
N ILE B 842 25.77 11.23 -10.32
CA ILE B 842 27.06 11.05 -11.06
C ILE B 842 27.44 9.59 -10.99
N PRO B 843 27.01 8.75 -11.95
CA PRO B 843 27.41 7.36 -11.97
C PRO B 843 28.82 7.17 -12.51
N ILE B 844 29.33 5.95 -12.37
CA ILE B 844 30.67 5.63 -12.94
C ILE B 844 30.54 5.33 -14.44
N ILE B 845 29.37 4.89 -14.89
CA ILE B 845 29.18 4.59 -16.33
C ILE B 845 27.86 5.20 -16.78
N PRO B 846 27.73 5.58 -18.06
CA PRO B 846 26.46 6.08 -18.54
C PRO B 846 25.41 4.97 -18.57
N MET B 847 24.35 5.15 -17.79
CA MET B 847 23.32 4.11 -17.68
C MET B 847 22.59 3.92 -19.01
N VAL B 848 22.50 4.97 -19.81
CA VAL B 848 21.75 4.88 -21.10
C VAL B 848 22.40 3.81 -21.96
N LEU B 849 23.72 3.64 -21.84
CA LEU B 849 24.43 2.66 -22.68
C LEU B 849 24.35 1.24 -22.08
N ILE B 850 23.75 1.08 -20.90
CA ILE B 850 23.71 -0.27 -20.28
C ILE B 850 22.27 -0.77 -20.11
N ASN B 851 21.30 0.15 -20.00
CA ASN B 851 19.89 -0.28 -19.80
C ASN B 851 18.97 0.33 -20.86
N GLY B 852 19.46 1.28 -21.64
CA GLY B 852 18.64 1.85 -22.71
C GLY B 852 17.73 2.95 -22.22
N ALA B 853 17.56 3.98 -23.03
CA ALA B 853 16.63 5.07 -22.67
C ALA B 853 15.53 5.10 -23.71
N GLU B 854 14.34 4.63 -23.35
CA GLU B 854 13.21 4.60 -24.30
C GLU B 854 12.18 5.60 -23.77
N GLY B 855 12.28 6.84 -24.24
CA GLY B 855 11.37 7.90 -23.76
C GLY B 855 10.60 8.49 -24.91
N ILE B 856 9.30 8.71 -24.70
CA ILE B 856 8.46 9.30 -25.76
C ILE B 856 7.83 10.57 -25.19
N GLY B 857 8.22 11.72 -25.73
CA GLY B 857 7.73 12.99 -25.20
C GLY B 857 7.25 13.89 -26.33
N THR B 858 6.88 15.13 -26.00
CA THR B 858 6.41 16.10 -27.01
C THR B 858 7.59 16.83 -27.64
N GLY B 859 7.63 16.87 -28.96
CA GLY B 859 8.70 17.59 -29.68
C GLY B 859 9.84 16.67 -30.08
N TRP B 860 10.20 15.74 -29.21
CA TRP B 860 11.32 14.83 -29.49
C TRP B 860 11.07 13.50 -28.78
N SER B 861 12.00 12.57 -28.96
CA SER B 861 11.89 11.25 -28.29
C SER B 861 13.31 10.76 -28.04
N CYS B 862 13.44 9.55 -27.51
CA CYS B 862 14.79 8.98 -27.31
C CYS B 862 14.69 7.46 -27.35
N LYS B 863 15.53 6.84 -28.15
CA LYS B 863 15.57 5.37 -28.20
C LYS B 863 17.02 4.96 -28.41
N ILE B 864 17.65 4.43 -27.36
CA ILE B 864 19.08 4.04 -27.46
C ILE B 864 19.16 2.56 -27.13
N PRO B 865 19.68 1.71 -28.02
CA PRO B 865 19.83 0.31 -27.71
C PRO B 865 20.90 0.05 -26.64
N ASN B 866 21.01 -1.20 -26.22
CA ASN B 866 22.01 -1.58 -25.20
C ASN B 866 23.38 -1.83 -25.84
N PHE B 867 24.39 -2.01 -24.99
CA PHE B 867 25.75 -2.28 -25.48
C PHE B 867 26.43 -3.25 -24.52
N ASP B 868 27.73 -3.44 -24.71
CA ASP B 868 28.48 -4.39 -23.84
C ASP B 868 29.08 -3.63 -22.66
N VAL B 869 29.04 -4.25 -21.48
CA VAL B 869 29.56 -3.58 -20.26
C VAL B 869 31.09 -3.73 -20.19
N ARG B 870 31.63 -4.84 -20.68
CA ARG B 870 33.09 -5.06 -20.58
C ARG B 870 33.84 -4.02 -21.42
N GLU B 871 33.31 -3.71 -22.60
CA GLU B 871 34.01 -2.76 -23.52
C GLU B 871 34.01 -1.35 -22.96
N ILE B 872 33.04 -1.03 -22.10
CA ILE B 872 32.96 0.36 -21.58
C ILE B 872 34.22 0.67 -20.77
N VAL B 873 34.66 -0.28 -19.96
CA VAL B 873 35.86 -0.03 -19.11
C VAL B 873 37.08 0.18 -20.00
N ASN B 874 37.22 -0.66 -21.03
CA ASN B 874 38.39 -0.54 -21.94
C ASN B 874 38.33 0.81 -22.65
N ASN B 875 37.14 1.21 -23.08
CA ASN B 875 37.00 2.50 -23.80
C ASN B 875 37.36 3.65 -22.85
N ILE B 876 36.91 3.58 -21.60
CA ILE B 876 37.21 4.67 -20.64
C ILE B 876 38.71 4.70 -20.36
N ARG B 877 39.34 3.53 -20.25
CA ARG B 877 40.79 3.50 -20.01
C ARG B 877 41.53 4.10 -21.21
N ARG B 878 41.09 3.76 -22.42
CA ARG B 878 41.75 4.28 -23.63
C ARG B 878 41.56 5.81 -23.70
N LEU B 879 40.37 6.28 -23.30
CA LEU B 879 40.11 7.75 -23.31
C LEU B 879 40.95 8.43 -22.24
N MET B 880 41.10 7.82 -21.08
CA MET B 880 41.97 8.39 -20.03
C MET B 880 43.41 8.46 -20.55
N ASP B 881 43.81 7.44 -21.32
CA ASP B 881 45.16 7.46 -21.93
C ASP B 881 45.28 8.63 -22.92
N GLY B 882 44.24 8.84 -23.73
CA GLY B 882 44.29 9.92 -24.73
C GLY B 882 44.26 9.42 -26.16
N GLU B 883 43.89 8.16 -26.36
CA GLU B 883 43.83 7.57 -27.72
C GLU B 883 42.40 7.56 -28.27
N GLU B 884 42.28 7.41 -29.58
CA GLU B 884 40.93 7.41 -30.19
C GLU B 884 40.24 6.09 -29.84
N PRO B 885 39.06 6.15 -29.19
CA PRO B 885 38.38 4.93 -28.79
C PRO B 885 37.82 4.12 -29.98
N LEU B 886 37.83 2.81 -29.83
CA LEU B 886 37.34 1.94 -30.93
C LEU B 886 35.81 1.99 -31.01
N PRO B 887 35.23 1.79 -32.20
CA PRO B 887 33.78 1.79 -32.35
C PRO B 887 33.14 0.60 -31.63
N MET B 888 32.02 0.88 -30.95
CA MET B 888 31.34 -0.19 -30.18
C MET B 888 30.21 -0.83 -31.00
N LEU B 889 29.69 -1.94 -30.48
CA LEU B 889 28.60 -2.66 -31.17
C LEU B 889 27.50 -2.96 -30.14
N PRO B 890 26.21 -2.83 -30.51
CA PRO B 890 25.15 -3.11 -29.57
C PRO B 890 25.14 -4.58 -29.11
N SER B 891 25.34 -4.77 -27.81
CA SER B 891 25.42 -6.14 -27.25
C SER B 891 24.30 -6.35 -26.24
N TYR B 892 24.04 -7.61 -25.92
CA TYR B 892 23.00 -7.94 -24.93
C TYR B 892 23.47 -9.11 -24.08
N LYS B 893 23.05 -9.14 -22.82
CA LYS B 893 23.47 -10.23 -21.92
C LYS B 893 22.80 -11.52 -22.36
N ASN B 894 23.56 -12.62 -22.40
CA ASN B 894 23.01 -13.93 -22.82
C ASN B 894 22.41 -13.83 -24.22
N PHE B 895 23.20 -13.37 -25.18
CA PHE B 895 22.72 -13.28 -26.57
C PHE B 895 23.89 -13.61 -27.49
N LYS B 896 23.78 -14.68 -28.25
CA LYS B 896 24.90 -15.11 -29.12
C LYS B 896 24.68 -14.64 -30.57
N GLY B 897 23.65 -13.83 -30.81
CA GLY B 897 23.37 -13.35 -32.17
C GLY B 897 24.38 -12.33 -32.63
N THR B 898 24.85 -12.48 -33.87
CA THR B 898 25.84 -11.54 -34.43
C THR B 898 25.12 -10.34 -35.04
N ILE B 899 25.76 -9.17 -34.95
CA ILE B 899 25.16 -7.94 -35.55
C ILE B 899 26.19 -7.29 -36.45
N GLU B 900 25.80 -7.00 -37.69
CA GLU B 900 26.72 -6.35 -38.64
C GLU B 900 26.14 -4.97 -38.98
N GLU B 901 26.98 -3.95 -38.97
CA GLU B 901 26.50 -2.59 -39.30
C GLU B 901 26.98 -2.22 -40.70
N LEU B 902 26.05 -2.01 -41.63
CA LEU B 902 26.46 -1.60 -43.00
C LEU B 902 26.43 -0.07 -43.11
N ALA B 903 25.31 0.53 -42.74
CA ALA B 903 25.18 2.01 -42.79
C ALA B 903 25.23 2.55 -41.37
N PRO B 904 25.71 3.80 -41.16
CA PRO B 904 25.76 4.36 -39.83
C PRO B 904 24.37 4.55 -39.23
N ASN B 905 24.25 4.35 -37.92
CA ASN B 905 22.96 4.51 -37.20
C ASN B 905 21.92 3.51 -37.71
N GLN B 906 22.36 2.38 -38.26
CA GLN B 906 21.41 1.34 -38.70
C GLN B 906 21.99 -0.01 -38.29
N TYR B 907 21.14 -0.91 -37.86
CA TYR B 907 21.63 -2.23 -37.41
C TYR B 907 20.70 -3.34 -37.89
N VAL B 908 21.30 -4.48 -38.19
CA VAL B 908 20.52 -5.67 -38.62
C VAL B 908 20.81 -6.78 -37.62
N ILE B 909 19.74 -7.35 -37.06
CA ILE B 909 19.90 -8.41 -36.04
C ILE B 909 19.21 -9.67 -36.57
N SER B 910 19.93 -10.79 -36.53
CA SER B 910 19.36 -12.06 -37.00
C SER B 910 19.59 -13.13 -35.94
N GLY B 911 18.80 -14.20 -35.99
CA GLY B 911 18.96 -15.30 -35.05
C GLY B 911 19.80 -16.42 -35.62
N GLU B 912 19.72 -17.58 -34.98
CA GLU B 912 20.48 -18.75 -35.46
C GLU B 912 19.52 -19.94 -35.61
N VAL B 913 19.66 -20.66 -36.71
CA VAL B 913 18.79 -21.83 -36.97
C VAL B 913 19.70 -23.05 -37.14
N ALA B 914 19.22 -24.20 -36.70
CA ALA B 914 20.00 -25.44 -36.78
C ALA B 914 19.25 -26.42 -37.69
N ILE B 915 19.97 -26.96 -38.68
CA ILE B 915 19.36 -27.97 -39.59
C ILE B 915 19.90 -29.33 -39.18
N LEU B 916 19.10 -30.09 -38.44
CA LEU B 916 19.54 -31.44 -38.02
C LEU B 916 19.50 -32.42 -39.20
N ASN B 917 18.38 -32.45 -39.92
CA ASN B 917 18.22 -33.42 -41.03
C ASN B 917 17.61 -32.67 -42.20
N SER B 918 17.52 -33.34 -43.34
CA SER B 918 16.89 -32.73 -44.54
C SER B 918 15.41 -32.44 -44.27
N THR B 919 14.81 -33.11 -43.29
CA THR B 919 13.39 -32.85 -42.96
C THR B 919 13.22 -32.03 -41.68
N THR B 920 13.99 -32.37 -40.65
CA THR B 920 13.84 -31.67 -39.35
C THR B 920 14.66 -30.38 -39.34
N ILE B 921 14.18 -29.41 -38.55
CA ILE B 921 14.91 -28.12 -38.42
C ILE B 921 14.57 -27.55 -37.04
N GLU B 922 15.52 -26.82 -36.47
CA GLU B 922 15.31 -26.23 -35.13
C GLU B 922 15.88 -24.82 -35.11
N ILE B 923 15.15 -23.89 -34.52
CA ILE B 923 15.66 -22.51 -34.38
C ILE B 923 16.45 -22.45 -33.07
N SER B 924 17.75 -22.17 -33.19
CA SER B 924 18.61 -22.15 -31.98
C SER B 924 18.43 -20.86 -31.18
N GLU B 925 18.53 -19.73 -31.87
CA GLU B 925 18.50 -18.44 -31.15
C GLU B 925 17.52 -17.48 -31.82
N LEU B 926 16.73 -16.76 -31.02
CA LEU B 926 15.75 -15.80 -31.54
C LEU B 926 16.29 -14.39 -31.38
N PRO B 927 15.99 -13.45 -32.31
CA PRO B 927 16.48 -12.10 -32.21
C PRO B 927 15.75 -11.29 -31.13
N VAL B 928 16.15 -10.04 -30.96
CA VAL B 928 15.52 -9.19 -29.91
C VAL B 928 14.07 -8.91 -30.27
N ARG B 929 13.26 -8.58 -29.26
CA ARG B 929 11.82 -8.33 -29.49
C ARG B 929 11.18 -9.56 -30.14
N THR B 930 11.32 -10.70 -29.47
CA THR B 930 10.70 -11.93 -29.99
C THR B 930 10.02 -12.63 -28.82
N TRP B 931 8.69 -12.55 -28.79
CA TRP B 931 7.92 -13.20 -27.70
C TRP B 931 7.36 -14.52 -28.19
N THR B 932 7.30 -15.51 -27.32
CA THR B 932 6.88 -16.86 -27.76
C THR B 932 5.44 -16.83 -28.29
N GLN B 933 4.51 -16.22 -27.55
CA GLN B 933 3.10 -16.26 -27.98
C GLN B 933 2.93 -15.48 -29.29
N THR B 934 3.53 -14.28 -29.36
CA THR B 934 3.35 -13.45 -30.56
C THR B 934 4.00 -14.12 -31.78
N TYR B 935 5.22 -14.61 -31.61
CA TYR B 935 5.92 -15.25 -32.75
C TYR B 935 5.12 -16.48 -33.19
N LYS B 936 4.62 -17.23 -32.22
CA LYS B 936 3.84 -18.43 -32.57
C LYS B 936 2.59 -18.02 -33.36
N GLU B 937 1.79 -17.10 -32.83
CA GLU B 937 0.52 -16.74 -33.49
C GLU B 937 0.78 -16.08 -34.85
N GLN B 938 1.95 -15.46 -35.02
CA GLN B 938 2.18 -14.71 -36.28
C GLN B 938 2.98 -15.54 -37.30
N VAL B 939 3.55 -16.66 -36.90
CA VAL B 939 4.40 -17.45 -37.86
C VAL B 939 3.89 -18.87 -38.00
N LEU B 940 3.74 -19.58 -36.88
CA LEU B 940 3.39 -21.02 -36.96
C LEU B 940 1.98 -21.23 -37.52
N GLU B 941 1.03 -20.38 -37.13
CA GLU B 941 -0.36 -20.61 -37.59
C GLU B 941 -0.48 -20.43 -39.10
N PRO B 942 0.06 -19.38 -39.76
CA PRO B 942 -0.03 -19.29 -41.21
C PRO B 942 0.73 -20.43 -41.92
N MET B 943 1.89 -20.80 -41.37
CA MET B 943 2.71 -21.86 -42.01
C MET B 943 2.13 -23.26 -41.83
N LEU B 944 1.41 -23.50 -40.73
CA LEU B 944 0.91 -24.87 -40.48
C LEU B 944 -0.17 -25.25 -41.50
N ASN B 945 -1.19 -24.42 -41.63
CA ASN B 945 -2.33 -24.76 -42.51
C ASN B 945 -2.21 -23.97 -43.81
N GLY B 946 -3.07 -24.29 -44.77
CA GLY B 946 -3.07 -23.53 -46.03
C GLY B 946 -3.90 -22.27 -45.87
N THR B 947 -3.26 -21.12 -46.02
CA THR B 947 -3.98 -19.84 -45.86
C THR B 947 -4.74 -19.52 -47.14
N GLU B 948 -5.35 -18.34 -47.20
CA GLU B 948 -6.15 -17.96 -48.39
C GLU B 948 -5.27 -17.88 -49.63
N LYS B 949 -3.98 -17.57 -49.47
CA LYS B 949 -3.11 -17.39 -50.66
C LYS B 949 -1.84 -18.25 -50.60
N THR B 950 -1.45 -18.75 -49.43
CA THR B 950 -0.16 -19.49 -49.34
C THR B 950 -0.43 -20.94 -48.97
N PRO B 951 0.27 -21.91 -49.58
CA PRO B 951 0.12 -23.31 -49.20
C PRO B 951 0.77 -23.57 -47.84
N PRO B 952 0.44 -24.68 -47.17
CA PRO B 952 1.02 -24.94 -45.86
C PRO B 952 2.53 -25.18 -46.00
N LEU B 953 3.31 -24.29 -45.36
CA LEU B 953 4.79 -24.41 -45.50
C LEU B 953 5.34 -25.53 -44.62
N ILE B 954 5.06 -25.47 -43.32
CA ILE B 954 5.63 -26.46 -42.39
C ILE B 954 4.69 -27.65 -42.29
N THR B 955 5.20 -28.78 -41.79
CA THR B 955 4.38 -29.98 -41.63
C THR B 955 4.20 -30.34 -40.15
N ASP B 956 5.16 -29.97 -39.30
CA ASP B 956 5.06 -30.30 -37.86
C ASP B 956 5.91 -29.31 -37.07
N TYR B 957 5.56 -29.10 -35.81
CA TYR B 957 6.35 -28.21 -34.95
C TYR B 957 6.11 -28.60 -33.49
N ARG B 958 7.14 -28.42 -32.66
CA ARG B 958 7.02 -28.70 -31.23
C ARG B 958 7.62 -27.54 -30.45
N GLU B 959 7.16 -27.35 -29.22
CA GLU B 959 7.62 -26.20 -28.40
C GLU B 959 8.10 -26.73 -27.05
N TYR B 960 9.35 -27.19 -26.99
CA TYR B 960 9.94 -27.63 -25.70
C TYR B 960 10.71 -26.46 -25.09
N HIS B 961 9.99 -25.41 -24.72
CA HIS B 961 10.66 -24.19 -24.23
C HIS B 961 11.06 -24.33 -22.77
N THR B 962 12.28 -23.92 -22.45
CA THR B 962 12.73 -23.90 -21.04
C THR B 962 12.46 -22.49 -20.48
N ASP B 963 13.01 -22.21 -19.31
CA ASP B 963 12.83 -20.86 -18.69
C ASP B 963 13.49 -19.80 -19.57
N THR B 964 14.65 -20.11 -20.15
CA THR B 964 15.40 -19.10 -20.93
C THR B 964 15.62 -19.56 -22.38
N THR B 965 15.95 -20.83 -22.57
CA THR B 965 16.25 -21.31 -23.93
C THR B 965 14.98 -21.76 -24.66
N VAL B 966 15.12 -21.99 -25.97
CA VAL B 966 13.95 -22.42 -26.78
C VAL B 966 14.29 -23.70 -27.52
N LYS B 967 13.27 -24.44 -27.91
CA LYS B 967 13.48 -25.66 -28.71
C LYS B 967 12.34 -25.76 -29.73
N PHE B 968 12.69 -26.15 -30.96
CA PHE B 968 11.69 -26.25 -32.03
C PHE B 968 11.92 -27.54 -32.80
N VAL B 969 11.12 -28.56 -32.49
CA VAL B 969 11.19 -29.81 -33.29
C VAL B 969 10.25 -29.59 -34.46
N VAL B 970 10.79 -29.00 -35.53
CA VAL B 970 9.95 -28.62 -36.68
C VAL B 970 10.33 -29.48 -37.89
N LYS B 971 9.32 -30.03 -38.54
CA LYS B 971 9.55 -30.86 -39.75
C LYS B 971 9.13 -30.08 -40.99
N MET B 972 9.81 -30.35 -42.10
CA MET B 972 9.49 -29.62 -43.35
C MET B 972 9.80 -30.54 -44.55
N THR B 973 9.06 -30.34 -45.63
CA THR B 973 9.29 -31.14 -46.85
C THR B 973 10.69 -30.85 -47.40
N GLU B 974 11.40 -31.90 -47.78
CA GLU B 974 12.77 -31.74 -48.30
C GLU B 974 12.76 -30.92 -49.59
N GLU B 975 11.74 -31.10 -50.42
CA GLU B 975 11.66 -30.32 -51.68
C GLU B 975 11.45 -28.84 -51.38
N LYS B 976 10.61 -28.53 -50.40
CA LYS B 976 10.33 -27.12 -50.05
C LYS B 976 11.55 -26.48 -49.37
N LEU B 977 12.41 -27.31 -48.77
CA LEU B 977 13.61 -26.77 -48.08
C LEU B 977 14.52 -26.08 -49.10
N ALA B 978 14.62 -26.65 -50.31
CA ALA B 978 15.47 -26.04 -51.35
C ALA B 978 14.94 -24.65 -51.73
N GLU B 979 13.63 -24.52 -51.88
CA GLU B 979 13.02 -23.20 -52.19
C GLU B 979 13.25 -22.25 -51.01
N ALA B 980 13.11 -22.75 -49.79
CA ALA B 980 13.32 -21.90 -48.60
C ALA B 980 14.78 -21.42 -48.57
N GLU B 981 15.71 -22.29 -48.93
CA GLU B 981 17.14 -21.90 -48.98
C GLU B 981 17.37 -20.87 -50.08
N ARG B 982 16.76 -21.07 -51.24
CA ARG B 982 16.95 -20.11 -52.36
C ARG B 982 16.39 -18.75 -51.97
N VAL B 983 15.24 -18.73 -51.29
CA VAL B 983 14.64 -17.46 -50.85
C VAL B 983 15.39 -16.86 -49.65
N GLY B 984 15.78 -17.72 -48.71
CA GLY B 984 16.47 -17.24 -47.50
C GLY B 984 15.78 -17.68 -46.23
N LEU B 985 16.53 -18.34 -45.34
CA LEU B 985 15.93 -18.86 -44.09
C LEU B 985 15.46 -17.70 -43.21
N HIS B 986 16.30 -16.68 -43.06
CA HIS B 986 15.93 -15.51 -42.24
C HIS B 986 14.75 -14.77 -42.87
N LYS B 987 14.67 -14.77 -44.20
CA LYS B 987 13.58 -14.04 -44.88
C LYS B 987 12.25 -14.76 -44.75
N VAL B 988 12.26 -16.08 -44.95
CA VAL B 988 10.97 -16.83 -44.91
C VAL B 988 10.41 -16.85 -43.49
N PHE B 989 11.27 -17.15 -42.52
CA PHE B 989 10.80 -17.27 -41.11
C PHE B 989 10.78 -15.90 -40.43
N LYS B 990 11.15 -14.83 -41.16
CA LYS B 990 11.11 -13.46 -40.60
C LYS B 990 11.99 -13.36 -39.35
N LEU B 991 13.27 -13.72 -39.49
CA LEU B 991 14.22 -13.65 -38.36
C LEU B 991 15.04 -12.36 -38.38
N GLN B 992 14.94 -11.57 -39.45
CA GLN B 992 15.74 -10.33 -39.54
C GLN B 992 15.03 -9.18 -38.83
N THR B 993 15.80 -8.31 -38.20
CA THR B 993 15.21 -7.13 -37.52
C THR B 993 16.09 -5.91 -37.83
N SER B 994 15.48 -4.85 -38.29
CA SER B 994 16.23 -3.61 -38.63
C SER B 994 15.86 -2.52 -37.63
N LEU B 995 16.86 -1.79 -37.15
CA LEU B 995 16.57 -0.66 -36.24
C LEU B 995 17.48 0.51 -36.59
N THR B 996 16.96 1.72 -36.43
CA THR B 996 17.74 2.94 -36.71
C THR B 996 17.77 3.79 -35.45
N CYS B 997 18.93 4.35 -35.14
CA CYS B 997 19.05 5.23 -33.97
C CYS B 997 19.38 6.64 -34.45
N ASN B 998 18.36 7.51 -34.44
CA ASN B 998 18.57 8.90 -34.92
C ASN B 998 18.16 9.91 -33.86
N SER B 999 17.27 9.53 -32.93
CA SER B 999 16.78 10.51 -31.94
C SER B 999 17.74 10.53 -30.75
N MET B 1000 18.93 11.08 -30.96
CA MET B 1000 19.94 11.18 -29.88
C MET B 1000 19.78 12.53 -29.17
N VAL B 1001 18.61 12.74 -28.59
CA VAL B 1001 18.33 14.01 -27.87
C VAL B 1001 18.24 13.68 -26.39
N LEU B 1002 19.08 14.33 -25.59
CA LEU B 1002 19.08 14.10 -24.13
C LEU B 1002 19.20 15.44 -23.40
N PHE B 1003 18.75 15.45 -22.16
CA PHE B 1003 18.83 16.68 -21.35
C PHE B 1003 20.30 16.89 -20.93
N ASP B 1004 20.82 18.07 -21.22
CA ASP B 1004 22.22 18.39 -20.88
C ASP B 1004 22.34 18.68 -19.39
N HIS B 1005 23.57 18.84 -18.92
CA HIS B 1005 23.78 19.17 -17.50
C HIS B 1005 23.14 20.52 -17.18
N VAL B 1006 23.14 21.45 -18.14
CA VAL B 1006 22.45 22.75 -17.95
C VAL B 1006 20.92 22.61 -17.99
N GLY B 1007 20.40 21.79 -18.91
CA GLY B 1007 18.93 21.64 -19.04
C GLY B 1007 18.46 21.70 -20.48
N CYS B 1008 19.36 21.97 -21.42
CA CYS B 1008 18.98 22.10 -22.84
C CYS B 1008 18.88 20.75 -23.53
N LEU B 1009 18.34 20.74 -24.75
CA LEU B 1009 18.24 19.50 -25.54
C LEU B 1009 19.08 19.67 -26.81
N LYS B 1010 20.01 18.75 -27.03
CA LYS B 1010 20.86 18.82 -28.23
C LYS B 1010 20.84 17.45 -28.92
N LYS B 1011 20.55 17.46 -30.21
CA LYS B 1011 20.56 16.17 -30.97
C LYS B 1011 22.00 15.75 -31.17
N TYR B 1012 22.34 14.56 -30.70
CA TYR B 1012 23.74 14.09 -30.76
C TYR B 1012 23.98 13.28 -32.03
N ASP B 1013 25.24 13.03 -32.34
CA ASP B 1013 25.60 12.31 -33.57
C ASP B 1013 26.13 10.91 -33.26
N THR B 1014 27.13 10.79 -32.39
CA THR B 1014 27.76 9.48 -32.12
C THR B 1014 27.80 9.22 -30.63
N VAL B 1015 28.05 7.98 -30.26
CA VAL B 1015 28.16 7.62 -28.83
C VAL B 1015 29.49 8.10 -28.24
N LEU B 1016 30.55 8.10 -29.04
CA LEU B 1016 31.88 8.48 -28.51
C LEU B 1016 31.87 9.94 -28.05
N ASP B 1017 31.16 10.80 -28.77
CA ASP B 1017 31.05 12.22 -28.33
C ASP B 1017 30.35 12.28 -26.98
N ILE B 1018 29.32 11.47 -26.79
CA ILE B 1018 28.61 11.44 -25.49
C ILE B 1018 29.58 10.97 -24.41
N LEU B 1019 30.39 9.96 -24.74
CA LEU B 1019 31.35 9.44 -23.75
C LEU B 1019 32.37 10.54 -23.39
N ARG B 1020 32.82 11.29 -24.39
CA ARG B 1020 33.80 12.37 -24.13
C ARG B 1020 33.18 13.47 -23.27
N ASP B 1021 31.93 13.81 -23.55
CA ASP B 1021 31.25 14.86 -22.76
C ASP B 1021 31.11 14.39 -21.32
N PHE B 1022 30.71 13.13 -21.14
CA PHE B 1022 30.59 12.59 -19.78
C PHE B 1022 31.95 12.56 -19.10
N PHE B 1023 32.99 12.24 -19.87
CA PHE B 1023 34.35 12.19 -19.29
C PHE B 1023 34.77 13.57 -18.79
N GLU B 1024 34.47 14.61 -19.57
CA GLU B 1024 34.81 15.98 -19.14
C GLU B 1024 34.01 16.36 -17.91
N LEU B 1025 32.71 16.04 -17.91
CA LEU B 1025 31.86 16.41 -16.75
C LEU B 1025 32.35 15.68 -15.51
N ARG B 1026 32.82 14.44 -15.68
CA ARG B 1026 33.36 13.65 -14.54
C ARG B 1026 34.72 14.18 -14.09
N LEU B 1027 35.55 14.60 -15.04
CA LEU B 1027 36.88 15.16 -14.70
C LEU B 1027 36.69 16.44 -13.90
N LYS B 1028 35.60 17.15 -14.14
CA LYS B 1028 35.37 18.42 -13.42
C LYS B 1028 35.22 18.13 -11.92
N TYR B 1029 34.83 16.91 -11.55
CA TYR B 1029 34.51 16.64 -10.12
C TYR B 1029 35.63 15.99 -9.31
N TYR B 1030 36.72 15.56 -9.95
CA TYR B 1030 37.83 14.99 -9.15
C TYR B 1030 38.38 16.05 -8.20
N GLY B 1031 38.61 17.27 -8.70
CA GLY B 1031 39.12 18.35 -7.85
C GLY B 1031 38.12 18.69 -6.76
N LEU B 1032 36.84 18.68 -7.09
CA LEU B 1032 35.82 19.01 -6.07
C LEU B 1032 35.85 17.97 -4.94
N ARG B 1033 35.88 16.69 -5.31
CA ARG B 1033 35.91 15.63 -4.27
C ARG B 1033 37.20 15.74 -3.47
N LYS B 1034 38.30 16.03 -4.15
CA LYS B 1034 39.60 16.13 -3.47
C LYS B 1034 39.58 17.29 -2.48
N GLU B 1035 39.00 18.43 -2.88
CA GLU B 1035 38.91 19.59 -1.97
C GLU B 1035 38.01 19.25 -0.79
N TRP B 1036 36.91 18.54 -1.05
CA TRP B 1036 35.99 18.17 0.06
C TRP B 1036 36.69 17.21 1.02
N LEU B 1037 37.43 16.25 0.49
CA LEU B 1037 38.13 15.28 1.36
C LEU B 1037 39.30 15.95 2.08
N LEU B 1038 40.02 16.83 1.38
CA LEU B 1038 41.17 17.52 2.00
C LEU B 1038 40.66 18.47 3.07
N GLY B 1039 41.31 18.46 4.23
CA GLY B 1039 40.88 19.31 5.35
C GLY B 1039 39.85 18.62 6.22
N MET B 1040 38.92 17.90 5.59
CA MET B 1040 37.90 17.16 6.38
C MET B 1040 38.59 16.06 7.19
N LEU B 1041 39.53 15.34 6.58
CA LEU B 1041 40.31 14.34 7.34
C LEU B 1041 41.18 15.07 8.37
N GLY B 1042 41.73 16.22 7.98
CA GLY B 1042 42.56 17.01 8.92
C GLY B 1042 41.75 17.43 10.13
N ALA B 1043 40.45 17.65 9.95
CA ALA B 1043 39.62 18.10 11.09
C ALA B 1043 39.61 17.03 12.19
N GLU B 1044 39.28 15.80 11.82
CA GLU B 1044 39.26 14.71 12.82
C GLU B 1044 40.69 14.43 13.28
N SER B 1045 41.67 14.64 12.39
CA SER B 1045 43.08 14.42 12.79
C SER B 1045 43.48 15.39 13.91
N ALA B 1046 43.14 16.67 13.74
CA ALA B 1046 43.45 17.66 14.79
C ALA B 1046 42.62 17.37 16.03
N LYS B 1047 41.39 16.89 15.84
CA LYS B 1047 40.54 16.58 17.00
C LYS B 1047 41.17 15.46 17.83
N LEU B 1048 41.61 14.40 17.16
CA LEU B 1048 42.27 13.29 17.88
C LEU B 1048 43.58 13.77 18.48
N ASN B 1049 44.30 14.65 17.79
CA ASN B 1049 45.57 15.18 18.32
C ASN B 1049 45.29 15.96 19.61
N ASN B 1050 44.25 16.78 19.61
CA ASN B 1050 43.89 17.56 20.83
C ASN B 1050 43.47 16.60 21.95
N GLN B 1051 42.73 15.55 21.59
CA GLN B 1051 42.31 14.57 22.61
C GLN B 1051 43.54 13.88 23.22
N ALA B 1052 44.50 13.50 22.38
CA ALA B 1052 45.72 12.84 22.88
C ALA B 1052 46.50 13.82 23.75
N ARG B 1053 46.52 15.08 23.35
CA ARG B 1053 47.24 16.10 24.16
C ARG B 1053 46.56 16.25 25.51
N PHE B 1054 45.23 16.23 25.53
CA PHE B 1054 44.50 16.32 26.81
C PHE B 1054 44.82 15.10 27.67
N ILE B 1055 44.88 13.93 27.05
CA ILE B 1055 45.21 12.70 27.82
C ILE B 1055 46.62 12.81 28.39
N LEU B 1056 47.56 13.30 27.59
CA LEU B 1056 48.96 13.45 28.06
C LEU B 1056 49.01 14.48 29.19
N GLU B 1057 48.24 15.56 29.07
CA GLU B 1057 48.22 16.59 30.13
C GLU B 1057 47.65 15.99 31.41
N LYS B 1058 46.62 15.16 31.29
CA LYS B 1058 46.05 14.49 32.48
C LYS B 1058 47.08 13.55 33.08
N ILE B 1059 47.85 12.85 32.24
CA ILE B 1059 48.92 11.98 32.78
C ILE B 1059 49.92 12.84 33.54
N ASP B 1060 50.31 13.98 32.96
CA ASP B 1060 51.20 14.91 33.69
C ASP B 1060 50.45 15.50 34.87
N GLY B 1061 49.26 16.07 34.63
CA GLY B 1061 48.40 16.55 35.72
C GLY B 1061 48.48 18.02 36.04
N LYS B 1062 47.58 18.82 35.44
CA LYS B 1062 47.47 20.24 35.83
C LYS B 1062 45.99 20.62 36.04
N ILE B 1063 45.07 19.95 35.34
CA ILE B 1063 43.64 20.35 35.42
C ILE B 1063 43.01 19.63 36.60
N ILE B 1064 42.64 20.40 37.61
CA ILE B 1064 42.03 19.79 38.82
C ILE B 1064 40.56 19.46 38.50
N ILE B 1065 40.13 18.26 38.86
CA ILE B 1065 38.73 17.82 38.57
C ILE B 1065 37.92 17.91 39.86
N GLU B 1066 38.40 18.65 40.86
CA GLU B 1066 37.71 18.69 42.17
C GLU B 1066 36.58 19.71 42.12
N ASN B 1067 35.50 19.38 41.39
CA ASN B 1067 34.30 20.25 41.38
C ASN B 1067 34.63 21.68 40.93
N LYS B 1068 35.51 21.80 39.94
CA LYS B 1068 35.84 23.13 39.42
C LYS B 1068 34.71 23.64 38.55
N PRO B 1069 34.39 24.94 38.58
CA PRO B 1069 33.36 25.49 37.70
C PRO B 1069 33.74 25.35 36.22
N LYS B 1070 32.72 25.22 35.37
CA LYS B 1070 32.96 25.06 33.92
C LYS B 1070 33.60 26.33 33.36
N LYS B 1071 33.34 27.49 33.96
CA LYS B 1071 33.90 28.75 33.43
C LYS B 1071 35.43 28.72 33.51
N GLU B 1072 35.97 28.31 34.66
CA GLU B 1072 37.45 28.22 34.80
C GLU B 1072 37.98 27.17 33.82
N LEU B 1073 37.24 26.08 33.65
CA LEU B 1073 37.71 25.02 32.73
C LEU B 1073 37.80 25.56 31.31
N ILE B 1074 36.78 26.29 30.89
CA ILE B 1074 36.78 26.87 29.52
C ILE B 1074 37.92 27.89 29.40
N LYS B 1075 38.14 28.66 30.46
CA LYS B 1075 39.22 29.68 30.42
C LYS B 1075 40.57 28.97 30.26
N VAL B 1076 40.77 27.88 31.00
CA VAL B 1076 42.03 27.13 30.87
C VAL B 1076 42.15 26.53 29.46
N LEU B 1077 41.04 26.00 28.94
CA LEU B 1077 41.09 25.37 27.60
C LEU B 1077 41.45 26.43 26.56
N ILE B 1078 40.94 27.65 26.72
CA ILE B 1078 41.30 28.75 25.78
C ILE B 1078 42.76 29.16 25.97
N GLN B 1079 43.21 29.28 27.22
CA GLN B 1079 44.58 29.80 27.46
C GLN B 1079 45.66 28.80 27.05
N ARG B 1080 45.30 27.54 26.87
CA ARG B 1080 46.30 26.49 26.58
C ARG B 1080 46.27 26.09 25.10
N GLY B 1081 45.77 26.98 24.22
CA GLY B 1081 45.80 26.70 22.78
C GLY B 1081 44.98 25.51 22.33
N TYR B 1082 43.71 25.43 22.78
CA TYR B 1082 42.81 24.35 22.34
C TYR B 1082 41.71 24.96 21.49
N ASP B 1083 41.58 24.47 20.25
CA ASP B 1083 40.59 25.03 19.31
C ASP B 1083 39.19 24.52 19.61
N SER B 1084 38.20 25.05 18.90
CA SER B 1084 36.80 24.61 19.09
C SER B 1084 36.54 23.36 18.24
N ASP B 1085 35.27 22.98 18.13
CA ASP B 1085 34.93 21.76 17.38
C ASP B 1085 35.13 22.00 15.89
N PRO B 1086 36.03 21.25 15.21
CA PRO B 1086 36.18 21.39 13.77
C PRO B 1086 34.95 20.90 13.00
N VAL B 1087 34.28 19.88 13.53
CA VAL B 1087 33.05 19.35 12.86
C VAL B 1087 32.01 20.48 12.81
N LYS B 1088 31.92 21.26 13.89
CA LYS B 1088 30.99 22.41 13.88
C LYS B 1088 31.41 23.41 12.80
N ALA B 1089 32.71 23.62 12.63
CA ALA B 1089 33.18 24.57 11.60
C ALA B 1089 32.82 24.08 10.20
N TRP B 1090 33.04 22.79 9.94
CA TRP B 1090 32.70 22.23 8.61
C TRP B 1090 31.19 22.25 8.39
N LYS B 1091 30.42 22.05 9.46
CA LYS B 1091 28.95 22.15 9.35
C LYS B 1091 28.52 23.59 9.06
N GLU B 1092 29.15 24.56 9.72
CA GLU B 1092 28.81 25.97 9.48
C GLU B 1092 29.17 26.34 8.04
N ALA B 1093 30.32 25.86 7.56
CA ALA B 1093 30.75 26.17 6.17
C ALA B 1093 30.15 25.13 5.21
N GLN B 1094 28.84 24.90 5.31
CA GLN B 1094 28.16 23.94 4.40
C GLN B 1094 26.94 24.60 3.75
N GLN B 1095 26.21 25.43 4.49
CA GLN B 1095 24.97 26.04 3.95
C GLN B 1095 25.32 26.99 2.80
N LYS B 1096 26.41 27.75 2.95
CA LYS B 1096 26.78 28.74 1.91
C LYS B 1096 28.16 28.48 1.32
N VAL B 1097 28.90 27.50 1.84
CA VAL B 1097 30.24 27.17 1.30
C VAL B 1097 30.29 25.74 0.78
N SER B 1121 26.76 30.31 21.70
CA SER B 1121 27.65 31.05 22.65
C SER B 1121 29.04 31.22 22.03
N GLY B 1122 30.08 31.08 22.85
CA GLY B 1122 31.45 31.26 22.35
C GLY B 1122 32.03 29.93 21.92
N PRO B 1123 33.24 29.57 22.39
CA PRO B 1123 33.88 28.33 21.95
C PRO B 1123 33.16 27.08 22.44
N THR B 1124 33.37 25.97 21.74
CA THR B 1124 32.71 24.70 22.13
C THR B 1124 33.76 23.67 22.52
N PHE B 1125 33.57 23.03 23.67
CA PHE B 1125 34.53 22.00 24.13
C PHE B 1125 33.79 20.76 24.63
N ASN B 1126 32.62 20.48 24.08
CA ASN B 1126 31.83 19.31 24.55
C ASN B 1126 32.57 18.01 24.24
N TYR B 1127 33.24 17.95 23.10
CA TYR B 1127 33.91 16.69 22.69
C TYR B 1127 35.09 16.36 23.61
N LEU B 1128 35.64 17.36 24.30
CA LEU B 1128 36.75 17.09 25.23
C LEU B 1128 36.24 16.62 26.59
N LEU B 1129 34.93 16.68 26.83
CA LEU B 1129 34.37 16.25 28.12
C LEU B 1129 33.36 15.10 27.96
N ASP B 1130 33.04 14.72 26.73
CA ASP B 1130 32.05 13.63 26.48
C ASP B 1130 32.77 12.30 26.34
N MET B 1131 33.99 12.21 26.85
CA MET B 1131 34.78 10.97 26.68
C MET B 1131 34.71 10.13 27.95
N PRO B 1132 34.36 8.84 27.86
CA PRO B 1132 34.33 7.98 29.03
C PRO B 1132 35.73 7.70 29.61
N LEU B 1133 35.76 6.99 30.74
CA LEU B 1133 37.06 6.72 31.43
C LEU B 1133 37.90 5.67 30.71
N TRP B 1134 37.34 4.99 29.71
CA TRP B 1134 38.10 3.92 29.01
C TRP B 1134 39.34 4.51 28.35
N TYR B 1135 39.30 5.80 28.01
CA TYR B 1135 40.48 6.45 27.40
C TYR B 1135 41.66 6.45 28.39
N LEU B 1136 41.39 6.32 29.68
CA LEU B 1136 42.48 6.38 30.70
C LEU B 1136 43.23 5.04 30.80
N THR B 1137 42.78 4.02 30.08
CA THR B 1137 43.44 2.69 30.14
C THR B 1137 44.68 2.64 29.24
N LYS B 1138 45.56 1.69 29.52
CA LYS B 1138 46.80 1.56 28.71
C LYS B 1138 46.49 1.09 27.29
N GLU B 1139 45.59 0.11 27.16
CA GLU B 1139 45.31 -0.46 25.82
C GLU B 1139 44.66 0.60 24.93
N LYS B 1140 43.73 1.38 25.49
CA LYS B 1140 43.05 2.40 24.66
C LYS B 1140 44.05 3.45 24.21
N LYS B 1141 44.94 3.88 25.11
CA LYS B 1141 45.95 4.88 24.74
C LYS B 1141 46.87 4.30 23.67
N ASP B 1142 47.28 3.04 23.84
CA ASP B 1142 48.22 2.43 22.87
C ASP B 1142 47.57 2.33 21.49
N GLU B 1143 46.30 1.94 21.44
CA GLU B 1143 45.59 1.81 20.14
C GLU B 1143 45.31 3.19 19.54
N LEU B 1144 45.01 4.18 20.39
CA LEU B 1144 44.76 5.54 19.87
C LEU B 1144 46.05 6.15 19.30
N CYS B 1145 47.20 5.80 19.89
CA CYS B 1145 48.48 6.36 19.41
C CYS B 1145 48.69 5.98 17.95
N ARG B 1146 48.20 4.80 17.54
CA ARG B 1146 48.31 4.41 16.11
C ARG B 1146 47.05 4.76 15.32
N LEU B 1147 45.89 4.87 15.98
CA LEU B 1147 44.65 5.27 15.27
C LEU B 1147 44.79 6.70 14.77
N ARG B 1148 45.45 7.55 15.55
CA ARG B 1148 45.66 8.96 15.14
C ARG B 1148 46.58 9.02 13.91
N ASN B 1149 47.45 8.02 13.74
CA ASN B 1149 48.37 7.99 12.57
C ASN B 1149 47.75 7.25 11.38
N GLU B 1150 46.74 6.42 11.64
CA GLU B 1150 46.06 5.72 10.51
C GLU B 1150 45.44 6.79 9.60
N LYS B 1151 44.87 7.84 10.18
CA LYS B 1151 44.32 8.95 9.36
C LYS B 1151 45.44 9.78 8.74
N GLU B 1152 46.54 9.95 9.46
CA GLU B 1152 47.69 10.72 8.93
C GLU B 1152 48.22 10.04 7.67
N GLN B 1153 48.22 8.70 7.65
CA GLN B 1153 48.74 7.98 6.46
C GLN B 1153 47.88 8.33 5.24
N GLU B 1154 46.56 8.27 5.38
CA GLU B 1154 45.67 8.60 4.25
C GLU B 1154 45.78 10.08 3.89
N LEU B 1155 45.94 10.93 4.89
CA LEU B 1155 46.07 12.39 4.60
C LEU B 1155 47.35 12.65 3.79
N ASP B 1156 48.45 12.02 4.18
CA ASP B 1156 49.72 12.18 3.44
C ASP B 1156 49.57 11.59 2.04
N THR B 1157 48.86 10.47 1.92
CA THR B 1157 48.65 9.86 0.60
C THR B 1157 47.82 10.80 -0.29
N LEU B 1158 46.79 11.41 0.28
CA LEU B 1158 45.97 12.37 -0.51
C LEU B 1158 46.82 13.57 -0.92
N LYS B 1159 47.62 14.08 0.00
CA LYS B 1159 48.52 15.21 -0.35
C LYS B 1159 49.55 14.77 -1.39
N ARG B 1160 49.84 13.47 -1.45
CA ARG B 1160 50.85 12.96 -2.41
C ARG B 1160 50.21 12.54 -3.73
N LYS B 1161 49.01 11.97 -3.68
CA LYS B 1161 48.39 11.43 -4.91
C LYS B 1161 47.88 12.56 -5.80
N SER B 1162 47.59 12.22 -7.05
CA SER B 1162 47.09 13.22 -8.03
C SER B 1162 45.60 12.99 -8.26
N PRO B 1163 44.87 13.93 -8.89
CA PRO B 1163 43.47 13.69 -9.23
C PRO B 1163 43.34 12.51 -10.20
N SER B 1164 44.37 12.25 -10.99
CA SER B 1164 44.35 11.06 -11.88
C SER B 1164 44.72 9.82 -11.07
N ASP B 1165 44.64 8.65 -11.69
CA ASP B 1165 45.02 7.37 -11.03
C ASP B 1165 44.00 7.04 -9.93
N LEU B 1166 42.94 7.83 -9.82
CA LEU B 1166 41.88 7.52 -8.82
C LEU B 1166 40.73 6.78 -9.50
N TRP B 1167 40.45 7.12 -10.74
CA TRP B 1167 39.34 6.46 -11.47
C TRP B 1167 39.66 4.97 -11.65
N LYS B 1168 40.91 4.66 -12.00
CA LYS B 1168 41.29 3.25 -12.20
C LYS B 1168 41.21 2.49 -10.88
N GLU B 1169 41.68 3.11 -9.79
CA GLU B 1169 41.63 2.46 -8.47
C GLU B 1169 40.17 2.25 -8.05
N ASP B 1170 39.30 3.19 -8.40
CA ASP B 1170 37.86 3.03 -8.09
C ASP B 1170 37.26 1.92 -8.95
N LEU B 1171 37.66 1.82 -10.21
CA LEU B 1171 37.10 0.80 -11.13
C LEU B 1171 37.63 -0.59 -10.78
N ALA B 1172 38.78 -0.69 -10.12
CA ALA B 1172 39.34 -2.03 -9.83
C ALA B 1172 38.37 -2.81 -8.94
N THR B 1173 37.88 -2.17 -7.88
CA THR B 1173 36.93 -2.85 -6.97
C THR B 1173 35.64 -3.14 -7.72
N PHE B 1174 35.23 -2.21 -8.59
CA PHE B 1174 33.98 -2.42 -9.34
C PHE B 1174 34.10 -3.61 -10.29
N ILE B 1175 35.25 -3.77 -10.92
CA ILE B 1175 35.47 -4.93 -11.82
C ILE B 1175 35.48 -6.22 -10.99
N GLU B 1176 36.09 -6.17 -9.80
CA GLU B 1176 36.08 -7.36 -8.93
C GLU B 1176 34.64 -7.72 -8.56
N GLU B 1177 33.85 -6.72 -8.18
CA GLU B 1177 32.44 -6.97 -7.80
C GLU B 1177 31.66 -7.46 -9.02
N LEU B 1178 31.95 -6.92 -10.20
CA LEU B 1178 31.23 -7.33 -11.42
C LEU B 1178 31.56 -8.79 -11.74
N GLU B 1179 32.82 -9.19 -11.56
CA GLU B 1179 33.20 -10.60 -11.76
C GLU B 1179 32.46 -11.47 -10.72
N ALA B 1180 32.34 -10.96 -9.50
CA ALA B 1180 31.59 -11.72 -8.47
C ALA B 1180 30.12 -11.87 -8.88
N VAL B 1181 29.54 -10.80 -9.40
CA VAL B 1181 28.11 -10.85 -9.82
C VAL B 1181 27.96 -11.82 -10.99
N GLU B 1182 28.92 -11.80 -11.93
CA GLU B 1182 28.86 -12.75 -13.07
C GLU B 1182 29.04 -14.19 -12.57
N ALA B 1183 29.88 -14.39 -11.56
CA ALA B 1183 30.03 -15.75 -10.97
C ALA B 1183 28.69 -16.15 -10.34
N LYS B 1184 28.01 -15.22 -9.69
CA LYS B 1184 26.68 -15.52 -9.12
C LYS B 1184 25.70 -15.86 -10.24
N GLU B 1185 25.79 -15.15 -11.36
CA GLU B 1185 24.90 -15.45 -12.51
C GLU B 1185 25.21 -16.84 -13.07
N LYS B 1186 26.48 -17.20 -13.14
CA LYS B 1186 26.84 -18.57 -13.59
C LYS B 1186 26.32 -19.59 -12.58
N GLN B 1187 26.39 -19.27 -11.29
CA GLN B 1187 25.84 -20.19 -10.26
C GLN B 1187 24.33 -20.33 -10.46
N ASP B 1188 23.65 -19.23 -10.79
CA ASP B 1188 22.19 -19.29 -11.05
C ASP B 1188 21.92 -20.15 -12.29
N GLU B 1189 22.77 -20.02 -13.29
CA GLU B 1189 22.63 -20.87 -14.50
C GLU B 1189 22.81 -22.34 -14.11
N GLN B 1190 23.76 -22.60 -13.21
CA GLN B 1190 23.93 -23.99 -12.70
C GLN B 1190 22.66 -24.40 -11.96
N VAL B 1191 22.03 -23.47 -11.25
CA VAL B 1191 20.73 -23.78 -10.58
C VAL B 1191 19.67 -24.01 -11.66
N GLY B 1192 19.75 -23.26 -12.75
CA GLY B 1192 18.77 -23.41 -13.84
C GLY B 1192 19.16 -24.53 -14.78
N LEU B 1193 20.12 -25.37 -14.36
CA LEU B 1193 20.55 -26.53 -15.17
C LEU B 1193 19.73 -27.75 -14.73
N PRO B 1194 18.77 -28.23 -15.54
CA PRO B 1194 17.94 -29.37 -15.15
C PRO B 1194 18.72 -30.69 -15.12
N GLY B 1195 19.69 -30.86 -16.02
CA GLY B 1195 20.43 -32.13 -16.15
C GLY B 1195 20.29 -32.65 -17.57
N LYS B 1196 19.75 -31.83 -18.48
CA LYS B 1196 19.51 -32.24 -19.88
C LYS B 1196 20.78 -32.19 -20.73
N GLY B 1197 20.79 -32.86 -21.89
CA GLY B 1197 21.97 -32.90 -22.79
C GLY B 1197 22.19 -31.56 -23.51
N GLY B 1198 23.41 -31.29 -23.96
CA GLY B 1198 23.75 -30.02 -24.64
C GLY B 1198 23.19 -29.96 -26.07
N LYS B 1199 23.00 -28.76 -26.62
CA LYS B 1199 22.47 -28.60 -28.00
C LYS B 1199 23.44 -29.22 -29.02
N ALA B 1200 22.91 -29.95 -30.00
CA ALA B 1200 23.76 -30.64 -31.00
C ALA B 1200 24.37 -29.64 -31.99
N LYS B 1201 25.60 -29.90 -32.45
CA LYS B 1201 26.21 -29.04 -33.49
C LYS B 1201 25.49 -29.30 -34.82
N GLY B 1202 25.23 -28.25 -35.61
CA GLY B 1202 24.50 -28.41 -36.89
C GLY B 1202 24.87 -27.27 -37.85
N LYS B 1203 24.58 -27.46 -39.15
CA LYS B 1203 24.84 -26.38 -40.14
C LYS B 1203 23.99 -25.15 -39.81
N LYS B 1204 24.60 -23.96 -39.82
CA LYS B 1204 23.86 -22.70 -39.56
C LYS B 1204 24.46 -21.60 -40.43
N THR B 1205 23.64 -20.65 -40.88
CA THR B 1205 24.14 -19.57 -41.76
C THR B 1205 23.46 -18.25 -41.43
N GLN B 1206 24.12 -17.12 -41.71
CA GLN B 1206 23.50 -15.80 -41.49
C GLN B 1206 23.35 -15.11 -42.85
N MET B 1207 22.13 -14.68 -43.19
CA MET B 1207 21.87 -14.05 -44.50
C MET B 1207 22.46 -12.64 -44.54
N ALA B 1208 22.98 -12.22 -45.70
CA ALA B 1208 23.49 -10.84 -45.85
C ALA B 1208 22.50 -10.03 -46.69
N GLU B 1209 21.56 -9.34 -46.03
CA GLU B 1209 20.50 -8.58 -46.76
C GLU B 1209 21.15 -7.52 -47.66
N VAL B 1210 20.62 -7.32 -48.86
CA VAL B 1210 21.14 -6.25 -49.76
C VAL B 1210 20.87 -4.91 -49.08
N LEU B 1211 21.80 -3.96 -49.21
CA LEU B 1211 21.64 -2.67 -48.48
C LEU B 1211 20.76 -1.71 -49.29
N PRO B 1212 19.52 -1.42 -48.85
CA PRO B 1212 18.62 -0.57 -49.64
C PRO B 1212 19.08 0.89 -49.58
N SER B 1213 20.24 1.16 -48.97
CA SER B 1213 20.78 2.55 -48.86
C SER B 1213 19.75 3.46 -48.18
N PRO B 1214 19.03 2.99 -47.14
CA PRO B 1214 17.99 3.81 -46.51
C PRO B 1214 18.58 5.06 -45.86
N ARG B 1215 17.89 6.20 -45.96
CA ARG B 1215 18.38 7.48 -45.36
C ARG B 1215 19.87 7.66 -45.70
C1 EVP G . -10.47 1.40 -18.63
O1 EVP G . -9.40 0.69 -18.02
C2 EVP G . -9.23 2.88 -17.56
O2 EVP G . -10.13 2.79 -18.59
C3 EVP G . -8.79 4.00 -16.91
O3 EVP G . -5.05 5.08 -12.35
C4 EVP G . -7.85 3.83 -15.88
O4 EVP G . -5.14 6.89 -13.66
C5 EVP G . -7.38 5.10 -15.17
O5 EVP G . -11.55 4.79 -12.46
C6 EVP G . -6.11 4.76 -14.39
O6 EVP G . -11.48 7.40 -11.96
C7 EVP G . -5.41 5.74 -13.48
O7 EVP G . -9.55 8.95 -12.90
C8 EVP G . -5.15 3.65 -12.57
O8 EVP G . -5.07 2.23 -14.95
C9 EVP G . -6.35 3.55 -13.50
O9 EVP G . -3.76 0.33 -14.70
C10 EVP G . -6.39 2.35 -14.40
O10 EVP G . -1.12 -1.69 -14.97
C11 EVP G . -7.39 2.54 -15.53
O11 EVP G . -2.08 -1.82 -17.10
C12 EVP G . -7.89 1.42 -16.21
O12 EVP G . -2.70 0.49 -18.70
C13 EVP G . -8.79 1.62 -17.21
O13 EVP G . -5.07 1.92 -17.73
C14 EVP G . -8.49 5.71 -14.31
C15 EVP G . -9.51 4.91 -13.79
C16 EVP G . -10.51 5.48 -13.01
C17 EVP G . -10.50 6.84 -12.72
C18 EVP G . -9.47 7.63 -13.23
C19 EVP G . -8.47 7.07 -14.02
C20 EVP G . -11.53 3.37 -12.58
C21 EVP G . -8.47 9.49 -12.15
C22 EVP G . -4.68 1.02 -15.53
C23 EVP G . -3.34 -0.90 -15.30
C24 EVP G . -2.42 -1.66 -14.37
C25 EVP G . -1.13 -2.37 -16.21
C26 EVP G . -2.58 -0.59 -16.58
C27 EVP G . -3.48 0.11 -17.56
C28 EVP G . -4.07 1.34 -16.89
C29 EVP G . -1.47 -3.82 -15.98
C1 EVP H . -18.06 -9.91 -6.58
O1 EVP H . -17.66 -8.74 -5.83
C2 EVP H . -16.46 -10.53 -5.16
O2 EVP H . -17.53 -11.04 -5.88
C3 EVP H . -15.46 -11.20 -4.55
O3 EVP H . -10.62 -9.66 -1.36
C4 EVP H . -14.47 -10.45 -3.87
O4 EVP H . -11.26 -11.72 -0.76
C5 EVP H . -13.36 -11.25 -3.20
O5 EVP H . -11.11 -11.35 -7.64
C6 EVP H . -12.69 -10.31 -2.19
O6 EVP H . -9.76 -13.53 -6.97
C7 EVP H . -11.49 -10.70 -1.37
O7 EVP H . -10.04 -14.68 -4.60
C8 EVP H . -11.30 -8.46 -1.83
O8 EVP H . -13.99 -7.87 -1.82
C9 EVP H . -12.25 -9.03 -2.87
O9 EVP H . -14.20 -5.64 -1.21
C10 EVP H . -13.51 -8.23 -3.12
O10 EVP H . -14.86 -2.96 0.69
C11 EVP H . -14.55 -9.05 -3.84
O11 EVP H . -17.01 -3.72 0.11
C12 EVP H . -15.61 -8.40 -4.50
O12 EVP H . -17.87 -6.44 0.53
C13 EVP H . -16.54 -9.15 -5.14
O13 EVP H . -16.72 -8.29 -1.41
C14 EVP H . -12.40 -11.86 -4.22
C15 EVP H . -12.22 -11.28 -5.47
C16 EVP H . -11.35 -11.84 -6.39
C17 EVP H . -10.63 -12.98 -6.07
C18 EVP H . -10.80 -13.55 -4.82
C19 EVP H . -11.67 -13.00 -3.90
C20 EVP H . -11.68 -10.09 -7.98
C21 EVP H . -9.33 -14.75 -3.38
C22 EVP H . -14.87 -6.78 -1.71
C23 EVP H . -15.11 -4.54 -1.08
C24 EVP H . -14.36 -3.31 -0.61
C25 EVP H . -16.24 -2.65 0.67
C26 EVP H . -16.17 -4.87 -0.05
C27 EVP H . -16.98 -6.07 -0.51
C28 EVP H . -16.01 -7.21 -0.81
C29 EVP H . -16.46 -1.43 -0.16
#